data_9J6O
# 
_entry.id   9J6O 
# 
_audit_conform.dict_name       mmcif_pdbx.dic 
_audit_conform.dict_version    5.398 
_audit_conform.dict_location   http://mmcif.pdb.org/dictionaries/ascii/mmcif_pdbx.dic 
# 
loop_
_database_2.database_id 
_database_2.database_code 
_database_2.pdbx_database_accession 
_database_2.pdbx_DOI 
PDB   9J6O         pdb_00009j6o 10.2210/pdb9j6o/pdb 
WWPDB D_1300050465 ?            ?                   
# 
loop_
_pdbx_audit_revision_history.ordinal 
_pdbx_audit_revision_history.data_content_type 
_pdbx_audit_revision_history.major_revision 
_pdbx_audit_revision_history.minor_revision 
_pdbx_audit_revision_history.revision_date 
1 'Structure model' 1 0 2024-10-16 
2 'Structure model' 1 1 2024-11-06 
# 
_pdbx_audit_revision_details.ordinal             1 
_pdbx_audit_revision_details.revision_ordinal    1 
_pdbx_audit_revision_details.data_content_type   'Structure model' 
_pdbx_audit_revision_details.provider            repository 
_pdbx_audit_revision_details.type                'Initial release' 
_pdbx_audit_revision_details.description         ? 
_pdbx_audit_revision_details.details             ? 
# 
_pdbx_audit_revision_group.ordinal             1 
_pdbx_audit_revision_group.revision_ordinal    2 
_pdbx_audit_revision_group.data_content_type   'Structure model' 
_pdbx_audit_revision_group.group               'Database references' 
# 
loop_
_pdbx_audit_revision_category.ordinal 
_pdbx_audit_revision_category.revision_ordinal 
_pdbx_audit_revision_category.data_content_type 
_pdbx_audit_revision_category.category 
1 2 'Structure model' citation        
2 2 'Structure model' citation_author 
# 
loop_
_pdbx_audit_revision_item.ordinal 
_pdbx_audit_revision_item.revision_ordinal 
_pdbx_audit_revision_item.data_content_type 
_pdbx_audit_revision_item.item 
1 2 'Structure model' '_citation.journal_volume'          
2 2 'Structure model' '_citation.page_first'              
3 2 'Structure model' '_citation.page_last'               
4 2 'Structure model' '_citation_author.identifier_ORCID' 
# 
_pdbx_database_status.status_code                     REL 
_pdbx_database_status.status_code_sf                  REL 
_pdbx_database_status.status_code_mr                  ? 
_pdbx_database_status.entry_id                        9J6O 
_pdbx_database_status.recvd_initial_deposition_date   2024-08-16 
_pdbx_database_status.SG_entry                        N 
_pdbx_database_status.deposit_site                    PDBJ 
_pdbx_database_status.process_site                    PDBJ 
_pdbx_database_status.status_code_cs                  ? 
_pdbx_database_status.status_code_nmr_data            ? 
_pdbx_database_status.methods_development_category    ? 
_pdbx_database_status.pdb_format_compatible           N 
# 
_pdbx_contact_author.id                 3 
_pdbx_contact_author.email              xu_yong@gibh.ac.cn 
_pdbx_contact_author.name_first         Yong 
_pdbx_contact_author.name_last          Xu 
_pdbx_contact_author.name_mi            ? 
_pdbx_contact_author.role               'principal investigator/group leader' 
_pdbx_contact_author.identifier_ORCID   0000-0003-3601-0246 
# 
loop_
_audit_author.name 
_audit_author.pdbx_ordinal 
_audit_author.identifier_ORCID 
'Zhang, Y.' 1 ? 
'Zhang, C.' 2 ? 
'Chen, Z.'  3 ? 
'Yang, H.'  4 ? 
'Huang, X.' 5 ? 
'Li, Y.'    6 ? 
'Xu, Y.'    7 ? 
# 
_citation.abstract                  ? 
_citation.abstract_id_CAS           ? 
_citation.book_id_ISBN              ? 
_citation.book_publisher            ? 
_citation.book_publisher_city       ? 
_citation.book_title                ? 
_citation.coordinate_linkage        ? 
_citation.country                   US 
_citation.database_id_Medline       ? 
_citation.details                   ? 
_citation.id                        primary 
_citation.journal_abbrev            J.Med.Chem. 
_citation.journal_id_ASTM           JMCMAR 
_citation.journal_id_CSD            0151 
_citation.journal_id_ISSN           0022-2623 
_citation.journal_full              ? 
_citation.journal_issue             ? 
_citation.journal_volume            67 
_citation.language                  ? 
_citation.page_first                18606 
_citation.page_last                 18628 
_citation.title                     
;Discovery of CZL-046 with an ( S )-3-Fluoropyrrolidin-2-one Scaffold as a p300 Bromodomain Inhibitor for the Treatment of Multiple Myeloma.
;
_citation.year                      2024 
_citation.database_id_CSD           ? 
_citation.pdbx_database_id_DOI      10.1021/acs.jmedchem.4c01984 
_citation.pdbx_database_id_PubMed   39356741 
_citation.pdbx_database_id_patent   ? 
_citation.unpublished_flag          ? 
# 
loop_
_citation_author.citation_id 
_citation_author.name 
_citation_author.ordinal 
_citation_author.identifier_ORCID 
primary 'Chen, Z.'  1  ? 
primary 'Yang, H.'  2  ? 
primary 'Zhang, Y.' 3  ? 
primary 'Lyu, X.'   4  ? 
primary 'Shi, Q.'   5  ? 
primary 'Zhang, C.' 6  ? 
primary 'Wang, X.'  7  ? 
primary 'Wang, Z.'  8  ? 
primary 'Zhang, Y.' 9  ? 
primary 'Deng, Y.'  10 ? 
primary 'Wang, Y.'  11 ? 
primary 'Huang, Y.' 12 ? 
primary 'Xu, Y.'    13 ? 
primary 'Huang, X.' 14 ? 
primary 'Li, Y.'    15 ? 
# 
loop_
_entity.id 
_entity.type 
_entity.src_method 
_entity.pdbx_description 
_entity.formula_weight 
_entity.pdbx_number_of_molecules 
_entity.pdbx_ec 
_entity.pdbx_mutation 
_entity.pdbx_fragment 
_entity.details 
1 polymer     man 'CREB-binding protein' 15891.296 1 2.3.1.48 ? 'UNP RESIDUES 1081-1197' 
'sequence from 1065-1080 are tags. MKKGHHHHHHLVPRGS' 
2 non-polymer syn 
;(3~{S},5~{S})-1-[3,4-bis(fluoranyl)phenyl]-5-[5-(3,5-dimethyl-1,2-oxazol-4-yl)-1-(4-methoxycyclohexyl)benzimidazol-2-yl]-3-fluoranyl-pyrrolidin-2-one
;
538.561   1 ?        ? ?                        ?                                                    
3 non-polymer syn 'CHLORIDE ION' 35.453    1 ?        ? ?                        ? 
# 
_entity_poly.entity_id                      1 
_entity_poly.type                           'polypeptide(L)' 
_entity_poly.nstd_linkage                   no 
_entity_poly.nstd_monomer                   no 
_entity_poly.pdbx_seq_one_letter_code       
;MKKGHHHHHHLVPRGSRKKIFKPEELRQALMPTLEALYRQDPESLPFRQPVDPQLLGIPDYFDIVKNPMDLSTIKRKLDT
GQYQEPWQYVDDVWLMFNNAWLYNRKTSRVYKFCSKLAEVFEQEIDPVMQSLG
;
_entity_poly.pdbx_seq_one_letter_code_can   
;MKKGHHHHHHLVPRGSRKKIFKPEELRQALMPTLEALYRQDPESLPFRQPVDPQLLGIPDYFDIVKNPMDLSTIKRKLDT
GQYQEPWQYVDDVWLMFNNAWLYNRKTSRVYKFCSKLAEVFEQEIDPVMQSLG
;
_entity_poly.pdbx_strand_id                 A 
_entity_poly.pdbx_target_identifier         ? 
# 
loop_
_pdbx_entity_nonpoly.entity_id 
_pdbx_entity_nonpoly.name 
_pdbx_entity_nonpoly.comp_id 
2 
;(3~{S},5~{S})-1-[3,4-bis(fluoranyl)phenyl]-5-[5-(3,5-dimethyl-1,2-oxazol-4-yl)-1-(4-methoxycyclohexyl)benzimidazol-2-yl]-3-fluoranyl-pyrrolidin-2-one
;
A1L3S 
3 'CHLORIDE ION' CL    
# 
loop_
_entity_poly_seq.entity_id 
_entity_poly_seq.num 
_entity_poly_seq.mon_id 
_entity_poly_seq.hetero 
1 1   MET n 
1 2   LYS n 
1 3   LYS n 
1 4   GLY n 
1 5   HIS n 
1 6   HIS n 
1 7   HIS n 
1 8   HIS n 
1 9   HIS n 
1 10  HIS n 
1 11  LEU n 
1 12  VAL n 
1 13  PRO n 
1 14  ARG n 
1 15  GLY n 
1 16  SER n 
1 17  ARG n 
1 18  LYS n 
1 19  LYS n 
1 20  ILE n 
1 21  PHE n 
1 22  LYS n 
1 23  PRO n 
1 24  GLU n 
1 25  GLU n 
1 26  LEU n 
1 27  ARG n 
1 28  GLN n 
1 29  ALA n 
1 30  LEU n 
1 31  MET n 
1 32  PRO n 
1 33  THR n 
1 34  LEU n 
1 35  GLU n 
1 36  ALA n 
1 37  LEU n 
1 38  TYR n 
1 39  ARG n 
1 40  GLN n 
1 41  ASP n 
1 42  PRO n 
1 43  GLU n 
1 44  SER n 
1 45  LEU n 
1 46  PRO n 
1 47  PHE n 
1 48  ARG n 
1 49  GLN n 
1 50  PRO n 
1 51  VAL n 
1 52  ASP n 
1 53  PRO n 
1 54  GLN n 
1 55  LEU n 
1 56  LEU n 
1 57  GLY n 
1 58  ILE n 
1 59  PRO n 
1 60  ASP n 
1 61  TYR n 
1 62  PHE n 
1 63  ASP n 
1 64  ILE n 
1 65  VAL n 
1 66  LYS n 
1 67  ASN n 
1 68  PRO n 
1 69  MET n 
1 70  ASP n 
1 71  LEU n 
1 72  SER n 
1 73  THR n 
1 74  ILE n 
1 75  LYS n 
1 76  ARG n 
1 77  LYS n 
1 78  LEU n 
1 79  ASP n 
1 80  THR n 
1 81  GLY n 
1 82  GLN n 
1 83  TYR n 
1 84  GLN n 
1 85  GLU n 
1 86  PRO n 
1 87  TRP n 
1 88  GLN n 
1 89  TYR n 
1 90  VAL n 
1 91  ASP n 
1 92  ASP n 
1 93  VAL n 
1 94  TRP n 
1 95  LEU n 
1 96  MET n 
1 97  PHE n 
1 98  ASN n 
1 99  ASN n 
1 100 ALA n 
1 101 TRP n 
1 102 LEU n 
1 103 TYR n 
1 104 ASN n 
1 105 ARG n 
1 106 LYS n 
1 107 THR n 
1 108 SER n 
1 109 ARG n 
1 110 VAL n 
1 111 TYR n 
1 112 LYS n 
1 113 PHE n 
1 114 CYS n 
1 115 SER n 
1 116 LYS n 
1 117 LEU n 
1 118 ALA n 
1 119 GLU n 
1 120 VAL n 
1 121 PHE n 
1 122 GLU n 
1 123 GLN n 
1 124 GLU n 
1 125 ILE n 
1 126 ASP n 
1 127 PRO n 
1 128 VAL n 
1 129 MET n 
1 130 GLN n 
1 131 SER n 
1 132 LEU n 
1 133 GLY n 
# 
_entity_src_gen.entity_id                          1 
_entity_src_gen.pdbx_src_id                        1 
_entity_src_gen.pdbx_alt_source_flag               sample 
_entity_src_gen.pdbx_seq_type                      'Biological sequence' 
_entity_src_gen.pdbx_beg_seq_num                   1 
_entity_src_gen.pdbx_end_seq_num                   133 
_entity_src_gen.gene_src_common_name               human 
_entity_src_gen.gene_src_genus                     ? 
_entity_src_gen.pdbx_gene_src_gene                 'CREBBP, CBP' 
_entity_src_gen.gene_src_species                   ? 
_entity_src_gen.gene_src_strain                    ? 
_entity_src_gen.gene_src_tissue                    ? 
_entity_src_gen.gene_src_tissue_fraction           ? 
_entity_src_gen.gene_src_details                   ? 
_entity_src_gen.pdbx_gene_src_fragment             ? 
_entity_src_gen.pdbx_gene_src_scientific_name      'Homo sapiens' 
_entity_src_gen.pdbx_gene_src_ncbi_taxonomy_id     9606 
_entity_src_gen.pdbx_gene_src_variant              ? 
_entity_src_gen.pdbx_gene_src_cell_line            ? 
_entity_src_gen.pdbx_gene_src_atcc                 ? 
_entity_src_gen.pdbx_gene_src_organ                ? 
_entity_src_gen.pdbx_gene_src_organelle            ? 
_entity_src_gen.pdbx_gene_src_cell                 ? 
_entity_src_gen.pdbx_gene_src_cellular_location    ? 
_entity_src_gen.host_org_common_name               ? 
_entity_src_gen.pdbx_host_org_scientific_name      'Escherichia coli BL21' 
_entity_src_gen.pdbx_host_org_ncbi_taxonomy_id     511693 
_entity_src_gen.host_org_genus                     ? 
_entity_src_gen.pdbx_host_org_gene                 ? 
_entity_src_gen.pdbx_host_org_organ                ? 
_entity_src_gen.host_org_species                   ? 
_entity_src_gen.pdbx_host_org_tissue               ? 
_entity_src_gen.pdbx_host_org_tissue_fraction      ? 
_entity_src_gen.pdbx_host_org_strain               ? 
_entity_src_gen.pdbx_host_org_variant              ? 
_entity_src_gen.pdbx_host_org_cell_line            ? 
_entity_src_gen.pdbx_host_org_atcc                 ? 
_entity_src_gen.pdbx_host_org_culture_collection   ? 
_entity_src_gen.pdbx_host_org_cell                 ? 
_entity_src_gen.pdbx_host_org_organelle            ? 
_entity_src_gen.pdbx_host_org_cellular_location    ? 
_entity_src_gen.pdbx_host_org_vector_type          ? 
_entity_src_gen.pdbx_host_org_vector               ? 
_entity_src_gen.host_org_details                   ? 
_entity_src_gen.expression_system_id               ? 
_entity_src_gen.plasmid_name                       ? 
_entity_src_gen.plasmid_details                    ? 
_entity_src_gen.pdbx_description                   ? 
# 
loop_
_chem_comp.id 
_chem_comp.type 
_chem_comp.mon_nstd_flag 
_chem_comp.name 
_chem_comp.pdbx_synonyms 
_chem_comp.formula 
_chem_comp.formula_weight 
A1L3S non-polymer         . 
;(3~{S},5~{S})-1-[3,4-bis(fluoranyl)phenyl]-5-[5-(3,5-dimethyl-1,2-oxazol-4-yl)-1-(4-methoxycyclohexyl)benzimidazol-2-yl]-3-fluoranyl-pyrrolidin-2-one
;
? 'C29 H29 F3 N4 O3' 538.561 
ALA   'L-peptide linking' y ALANINE ? 'C3 H7 N O2'       89.093  
ARG   'L-peptide linking' y ARGININE ? 'C6 H15 N4 O2 1'   175.209 
ASN   'L-peptide linking' y ASPARAGINE ? 'C4 H8 N2 O3'      132.118 
ASP   'L-peptide linking' y 'ASPARTIC ACID' ? 'C4 H7 N O4'       133.103 
CL    non-polymer         . 'CHLORIDE ION' ? 'Cl -1'            35.453  
CYS   'L-peptide linking' y CYSTEINE ? 'C3 H7 N O2 S'     121.158 
GLN   'L-peptide linking' y GLUTAMINE ? 'C5 H10 N2 O3'     146.144 
GLU   'L-peptide linking' y 'GLUTAMIC ACID' ? 'C5 H9 N O4'       147.129 
GLY   'peptide linking'   y GLYCINE ? 'C2 H5 N O2'       75.067  
HIS   'L-peptide linking' y HISTIDINE ? 'C6 H10 N3 O2 1'   156.162 
ILE   'L-peptide linking' y ISOLEUCINE ? 'C6 H13 N O2'      131.173 
LEU   'L-peptide linking' y LEUCINE ? 'C6 H13 N O2'      131.173 
LYS   'L-peptide linking' y LYSINE ? 'C6 H15 N2 O2 1'   147.195 
MET   'L-peptide linking' y METHIONINE ? 'C5 H11 N O2 S'    149.211 
PHE   'L-peptide linking' y PHENYLALANINE ? 'C9 H11 N O2'      165.189 
PRO   'L-peptide linking' y PROLINE ? 'C5 H9 N O2'       115.130 
SER   'L-peptide linking' y SERINE ? 'C3 H7 N O3'       105.093 
THR   'L-peptide linking' y THREONINE ? 'C4 H9 N O3'       119.119 
TRP   'L-peptide linking' y TRYPTOPHAN ? 'C11 H12 N2 O2'    204.225 
TYR   'L-peptide linking' y TYROSINE ? 'C9 H11 N O3'      181.189 
VAL   'L-peptide linking' y VALINE ? 'C5 H11 N O2'      117.146 
# 
loop_
_pdbx_poly_seq_scheme.asym_id 
_pdbx_poly_seq_scheme.entity_id 
_pdbx_poly_seq_scheme.seq_id 
_pdbx_poly_seq_scheme.mon_id 
_pdbx_poly_seq_scheme.ndb_seq_num 
_pdbx_poly_seq_scheme.pdb_seq_num 
_pdbx_poly_seq_scheme.auth_seq_num 
_pdbx_poly_seq_scheme.pdb_mon_id 
_pdbx_poly_seq_scheme.auth_mon_id 
_pdbx_poly_seq_scheme.pdb_strand_id 
_pdbx_poly_seq_scheme.pdb_ins_code 
_pdbx_poly_seq_scheme.hetero 
A 1 1   MET 1   1065 ?    ?   ?   A . n 
A 1 2   LYS 2   1066 ?    ?   ?   A . n 
A 1 3   LYS 3   1067 ?    ?   ?   A . n 
A 1 4   GLY 4   1068 ?    ?   ?   A . n 
A 1 5   HIS 5   1069 ?    ?   ?   A . n 
A 1 6   HIS 6   1070 ?    ?   ?   A . n 
A 1 7   HIS 7   1071 1071 HIS HIS A . n 
A 1 8   HIS 8   1072 1072 HIS HIS A . n 
A 1 9   HIS 9   1073 1073 HIS HIS A . n 
A 1 10  HIS 10  1074 1074 HIS HIS A . n 
A 1 11  LEU 11  1075 ?    ?   ?   A . n 
A 1 12  VAL 12  1076 ?    ?   ?   A . n 
A 1 13  PRO 13  1077 ?    ?   ?   A . n 
A 1 14  ARG 14  1078 ?    ?   ?   A . n 
A 1 15  GLY 15  1079 ?    ?   ?   A . n 
A 1 16  SER 16  1080 ?    ?   ?   A . n 
A 1 17  ARG 17  1081 ?    ?   ?   A . n 
A 1 18  LYS 18  1082 1082 LYS LYS A . n 
A 1 19  LYS 19  1083 1083 LYS LYS A . n 
A 1 20  ILE 20  1084 1084 ILE ILE A . n 
A 1 21  PHE 21  1085 1085 PHE PHE A . n 
A 1 22  LYS 22  1086 1086 LYS LYS A . n 
A 1 23  PRO 23  1087 1087 PRO PRO A . n 
A 1 24  GLU 24  1088 1088 GLU GLU A . n 
A 1 25  GLU 25  1089 1089 GLU GLU A . n 
A 1 26  LEU 26  1090 1090 LEU LEU A . n 
A 1 27  ARG 27  1091 1091 ARG ARG A . n 
A 1 28  GLN 28  1092 1092 GLN GLN A . n 
A 1 29  ALA 29  1093 1093 ALA ALA A . n 
A 1 30  LEU 30  1094 1094 LEU LEU A . n 
A 1 31  MET 31  1095 1095 MET MET A . n 
A 1 32  PRO 32  1096 1096 PRO PRO A . n 
A 1 33  THR 33  1097 1097 THR THR A . n 
A 1 34  LEU 34  1098 1098 LEU LEU A . n 
A 1 35  GLU 35  1099 1099 GLU GLU A . n 
A 1 36  ALA 36  1100 1100 ALA ALA A . n 
A 1 37  LEU 37  1101 1101 LEU LEU A . n 
A 1 38  TYR 38  1102 1102 TYR TYR A . n 
A 1 39  ARG 39  1103 1103 ARG ARG A . n 
A 1 40  GLN 40  1104 1104 GLN GLN A . n 
A 1 41  ASP 41  1105 1105 ASP ASP A . n 
A 1 42  PRO 42  1106 1106 PRO PRO A . n 
A 1 43  GLU 43  1107 1107 GLU GLU A . n 
A 1 44  SER 44  1108 1108 SER SER A . n 
A 1 45  LEU 45  1109 1109 LEU LEU A . n 
A 1 46  PRO 46  1110 1110 PRO PRO A . n 
A 1 47  PHE 47  1111 1111 PHE PHE A . n 
A 1 48  ARG 48  1112 1112 ARG ARG A . n 
A 1 49  GLN 49  1113 1113 GLN GLN A . n 
A 1 50  PRO 50  1114 1114 PRO PRO A . n 
A 1 51  VAL 51  1115 1115 VAL VAL A . n 
A 1 52  ASP 52  1116 1116 ASP ASP A . n 
A 1 53  PRO 53  1117 1117 PRO PRO A . n 
A 1 54  GLN 54  1118 1118 GLN GLN A . n 
A 1 55  LEU 55  1119 1119 LEU LEU A . n 
A 1 56  LEU 56  1120 1120 LEU LEU A . n 
A 1 57  GLY 57  1121 1121 GLY GLY A . n 
A 1 58  ILE 58  1122 1122 ILE ILE A . n 
A 1 59  PRO 59  1123 1123 PRO PRO A . n 
A 1 60  ASP 60  1124 1124 ASP ASP A . n 
A 1 61  TYR 61  1125 1125 TYR TYR A . n 
A 1 62  PHE 62  1126 1126 PHE PHE A . n 
A 1 63  ASP 63  1127 1127 ASP ASP A . n 
A 1 64  ILE 64  1128 1128 ILE ILE A . n 
A 1 65  VAL 65  1129 1129 VAL VAL A . n 
A 1 66  LYS 66  1130 1130 LYS LYS A . n 
A 1 67  ASN 67  1131 1131 ASN ASN A . n 
A 1 68  PRO 68  1132 1132 PRO PRO A . n 
A 1 69  MET 69  1133 1133 MET MET A . n 
A 1 70  ASP 70  1134 1134 ASP ASP A . n 
A 1 71  LEU 71  1135 1135 LEU LEU A . n 
A 1 72  SER 72  1136 1136 SER SER A . n 
A 1 73  THR 73  1137 1137 THR THR A . n 
A 1 74  ILE 74  1138 1138 ILE ILE A . n 
A 1 75  LYS 75  1139 1139 LYS LYS A . n 
A 1 76  ARG 76  1140 1140 ARG ARG A . n 
A 1 77  LYS 77  1141 1141 LYS LYS A . n 
A 1 78  LEU 78  1142 1142 LEU LEU A . n 
A 1 79  ASP 79  1143 1143 ASP ASP A . n 
A 1 80  THR 80  1144 1144 THR THR A . n 
A 1 81  GLY 81  1145 1145 GLY GLY A . n 
A 1 82  GLN 82  1146 1146 GLN GLN A . n 
A 1 83  TYR 83  1147 1147 TYR TYR A . n 
A 1 84  GLN 84  1148 1148 GLN GLN A . n 
A 1 85  GLU 85  1149 1149 GLU GLU A . n 
A 1 86  PRO 86  1150 1150 PRO PRO A . n 
A 1 87  TRP 87  1151 1151 TRP TRP A . n 
A 1 88  GLN 88  1152 1152 GLN GLN A . n 
A 1 89  TYR 89  1153 1153 TYR TYR A . n 
A 1 90  VAL 90  1154 1154 VAL VAL A . n 
A 1 91  ASP 91  1155 1155 ASP ASP A . n 
A 1 92  ASP 92  1156 1156 ASP ASP A . n 
A 1 93  VAL 93  1157 1157 VAL VAL A . n 
A 1 94  TRP 94  1158 1158 TRP TRP A . n 
A 1 95  LEU 95  1159 1159 LEU LEU A . n 
A 1 96  MET 96  1160 1160 MET MET A . n 
A 1 97  PHE 97  1161 1161 PHE PHE A . n 
A 1 98  ASN 98  1162 1162 ASN ASN A . n 
A 1 99  ASN 99  1163 1163 ASN ASN A . n 
A 1 100 ALA 100 1164 1164 ALA ALA A . n 
A 1 101 TRP 101 1165 1165 TRP TRP A . n 
A 1 102 LEU 102 1166 1166 LEU LEU A . n 
A 1 103 TYR 103 1167 1167 TYR TYR A . n 
A 1 104 ASN 104 1168 1168 ASN ASN A . n 
A 1 105 ARG 105 1169 1169 ARG ARG A . n 
A 1 106 LYS 106 1170 1170 LYS LYS A . n 
A 1 107 THR 107 1171 1171 THR THR A . n 
A 1 108 SER 108 1172 1172 SER SER A . n 
A 1 109 ARG 109 1173 1173 ARG ARG A . n 
A 1 110 VAL 110 1174 1174 VAL VAL A . n 
A 1 111 TYR 111 1175 1175 TYR TYR A . n 
A 1 112 LYS 112 1176 1176 LYS LYS A . n 
A 1 113 PHE 113 1177 1177 PHE PHE A . n 
A 1 114 CYS 114 1178 1178 CYS CYS A . n 
A 1 115 SER 115 1179 1179 SER SER A . n 
A 1 116 LYS 116 1180 1180 LYS LYS A . n 
A 1 117 LEU 117 1181 1181 LEU LEU A . n 
A 1 118 ALA 118 1182 1182 ALA ALA A . n 
A 1 119 GLU 119 1183 1183 GLU GLU A . n 
A 1 120 VAL 120 1184 1184 VAL VAL A . n 
A 1 121 PHE 121 1185 1185 PHE PHE A . n 
A 1 122 GLU 122 1186 1186 GLU GLU A . n 
A 1 123 GLN 123 1187 1187 GLN GLN A . n 
A 1 124 GLU 124 1188 1188 GLU GLU A . n 
A 1 125 ILE 125 1189 1189 ILE ILE A . n 
A 1 126 ASP 126 1190 1190 ASP ASP A . n 
A 1 127 PRO 127 1191 1191 PRO PRO A . n 
A 1 128 VAL 128 1192 1192 VAL VAL A . n 
A 1 129 MET 129 1193 1193 MET MET A . n 
A 1 130 GLN 130 1194 1194 GLN GLN A . n 
A 1 131 SER 131 1195 1195 SER SER A . n 
A 1 132 LEU 132 1196 1196 LEU LEU A . n 
A 1 133 GLY 133 1197 ?    ?   ?   A . n 
# 
_pdbx_entity_instance_feature.ordinal        1 
_pdbx_entity_instance_feature.comp_id        A1L3S 
_pdbx_entity_instance_feature.asym_id        ? 
_pdbx_entity_instance_feature.seq_num        ? 
_pdbx_entity_instance_feature.auth_comp_id   A1L3S 
_pdbx_entity_instance_feature.auth_asym_id   ? 
_pdbx_entity_instance_feature.auth_seq_num   ? 
_pdbx_entity_instance_feature.feature_type   'SUBJECT OF INVESTIGATION' 
_pdbx_entity_instance_feature.details        ? 
# 
loop_
_pdbx_nonpoly_scheme.asym_id 
_pdbx_nonpoly_scheme.entity_id 
_pdbx_nonpoly_scheme.mon_id 
_pdbx_nonpoly_scheme.ndb_seq_num 
_pdbx_nonpoly_scheme.pdb_seq_num 
_pdbx_nonpoly_scheme.auth_seq_num 
_pdbx_nonpoly_scheme.pdb_mon_id 
_pdbx_nonpoly_scheme.auth_mon_id 
_pdbx_nonpoly_scheme.pdb_strand_id 
_pdbx_nonpoly_scheme.pdb_ins_code 
B 2 A1L3S 1 1201 1201 A1L3S DRG A . 
C 3 CL    1 1202 1    CL    CL  A . 
# 
loop_
_pdbx_unobs_or_zero_occ_atoms.id 
_pdbx_unobs_or_zero_occ_atoms.PDB_model_num 
_pdbx_unobs_or_zero_occ_atoms.polymer_flag 
_pdbx_unobs_or_zero_occ_atoms.occupancy_flag 
_pdbx_unobs_or_zero_occ_atoms.auth_asym_id 
_pdbx_unobs_or_zero_occ_atoms.auth_comp_id 
_pdbx_unobs_or_zero_occ_atoms.auth_seq_id 
_pdbx_unobs_or_zero_occ_atoms.PDB_ins_code 
_pdbx_unobs_or_zero_occ_atoms.auth_atom_id 
_pdbx_unobs_or_zero_occ_atoms.label_alt_id 
_pdbx_unobs_or_zero_occ_atoms.label_asym_id 
_pdbx_unobs_or_zero_occ_atoms.label_comp_id 
_pdbx_unobs_or_zero_occ_atoms.label_seq_id 
_pdbx_unobs_or_zero_occ_atoms.label_atom_id 
1  1 Y 1 A HIS 1071 ? CG  ? A HIS 7  CG  
2  1 Y 1 A HIS 1071 ? ND1 ? A HIS 7  ND1 
3  1 Y 1 A HIS 1071 ? CD2 ? A HIS 7  CD2 
4  1 Y 1 A HIS 1071 ? CE1 ? A HIS 7  CE1 
5  1 Y 1 A HIS 1071 ? NE2 ? A HIS 7  NE2 
6  1 Y 1 A HIS 1074 ? ND1 ? A HIS 10 ND1 
7  1 Y 1 A HIS 1074 ? CD2 ? A HIS 10 CD2 
8  1 Y 1 A HIS 1074 ? CE1 ? A HIS 10 CE1 
9  1 Y 1 A HIS 1074 ? NE2 ? A HIS 10 NE2 
10 1 Y 1 A LYS 1082 ? CG  ? A LYS 18 CG  
11 1 Y 1 A LYS 1082 ? CD  ? A LYS 18 CD  
12 1 Y 1 A LYS 1082 ? CE  ? A LYS 18 CE  
13 1 Y 1 A LYS 1082 ? NZ  ? A LYS 18 NZ  
# 
loop_
_software.citation_id 
_software.classification 
_software.compiler_name 
_software.compiler_version 
_software.contact_author 
_software.contact_author_email 
_software.date 
_software.description 
_software.dependencies 
_software.hardware 
_software.language 
_software.location 
_software.mods 
_software.name 
_software.os 
_software.os_version 
_software.type 
_software.version 
_software.pdbx_ordinal 
? refinement       ? ? ? ? ? ? ? ? ? ? ? REFMAC  ? ? ? 5.8.0258 1 
? 'data scaling'   ? ? ? ? ? ? ? ? ? ? ? Aimless ? ? ? .        2 
? 'data reduction' ? ? ? ? ? ? ? ? ? ? ? XDS     ? ? ? .        3 
? phasing          ? ? ? ? ? ? ? ? ? ? ? MERLOT  ? ? ? .        4 
# 
_cell.angle_alpha                  90.00 
_cell.angle_alpha_esd              ? 
_cell.angle_beta                   90.00 
_cell.angle_beta_esd               ? 
_cell.angle_gamma                  90.00 
_cell.angle_gamma_esd              ? 
_cell.entry_id                     9J6O 
_cell.details                      ? 
_cell.formula_units_Z              ? 
_cell.length_a                     38.379 
_cell.length_a_esd                 ? 
_cell.length_b                     60.637 
_cell.length_b_esd                 ? 
_cell.length_c                     61.177 
_cell.length_c_esd                 ? 
_cell.volume                       ? 
_cell.volume_esd                   ? 
_cell.Z_PDB                        4 
_cell.reciprocal_angle_alpha       ? 
_cell.reciprocal_angle_beta        ? 
_cell.reciprocal_angle_gamma       ? 
_cell.reciprocal_angle_alpha_esd   ? 
_cell.reciprocal_angle_beta_esd    ? 
_cell.reciprocal_angle_gamma_esd   ? 
_cell.reciprocal_length_a          ? 
_cell.reciprocal_length_b          ? 
_cell.reciprocal_length_c          ? 
_cell.reciprocal_length_a_esd      ? 
_cell.reciprocal_length_b_esd      ? 
_cell.reciprocal_length_c_esd      ? 
_cell.pdbx_unique_axis             ? 
_cell.pdbx_esd_method              ? 
# 
_symmetry.entry_id                         9J6O 
_symmetry.cell_setting                     ? 
_symmetry.Int_Tables_number                18 
_symmetry.space_group_name_Hall            ? 
_symmetry.space_group_name_H-M             'P 2 21 21' 
_symmetry.pdbx_full_space_group_name_H-M   ? 
# 
_exptl.absorpt_coefficient_mu     ? 
_exptl.absorpt_correction_T_max   ? 
_exptl.absorpt_correction_T_min   ? 
_exptl.absorpt_correction_type    ? 
_exptl.absorpt_process_details    ? 
_exptl.entry_id                   9J6O 
_exptl.crystals_number            1 
_exptl.details                    ? 
_exptl.method                     'X-RAY DIFFRACTION' 
_exptl.method_details             ? 
# 
_exptl_crystal.colour                       ? 
_exptl_crystal.density_diffrn               ? 
_exptl_crystal.density_Matthews             2.24 
_exptl_crystal.density_method               ? 
_exptl_crystal.density_percent_sol          45.08 
_exptl_crystal.description                  ? 
_exptl_crystal.F_000                        ? 
_exptl_crystal.id                           1 
_exptl_crystal.preparation                  ? 
_exptl_crystal.size_max                     ? 
_exptl_crystal.size_mid                     ? 
_exptl_crystal.size_min                     ? 
_exptl_crystal.size_rad                     ? 
_exptl_crystal.colour_lustre                ? 
_exptl_crystal.colour_modifier              ? 
_exptl_crystal.colour_primary               ? 
_exptl_crystal.density_meas                 ? 
_exptl_crystal.density_meas_esd             ? 
_exptl_crystal.density_meas_gt              ? 
_exptl_crystal.density_meas_lt              ? 
_exptl_crystal.density_meas_temp            ? 
_exptl_crystal.density_meas_temp_esd        ? 
_exptl_crystal.density_meas_temp_gt         ? 
_exptl_crystal.density_meas_temp_lt         ? 
_exptl_crystal.pdbx_crystal_image_url       ? 
_exptl_crystal.pdbx_crystal_image_format    ? 
_exptl_crystal.pdbx_mosaicity               ? 
_exptl_crystal.pdbx_mosaicity_esd           ? 
_exptl_crystal.pdbx_mosaic_method           ? 
_exptl_crystal.pdbx_mosaic_block_size       ? 
_exptl_crystal.pdbx_mosaic_block_size_esd   ? 
# 
_exptl_crystal_grow.apparatus       ? 
_exptl_crystal_grow.atmosphere      ? 
_exptl_crystal_grow.crystal_id      1 
_exptl_crystal_grow.details         ? 
_exptl_crystal_grow.method          'VAPOR DIFFUSION, SITTING DROP' 
_exptl_crystal_grow.method_ref      ? 
_exptl_crystal_grow.pH              ? 
_exptl_crystal_grow.pressure        ? 
_exptl_crystal_grow.pressure_esd    ? 
_exptl_crystal_grow.seeding         ? 
_exptl_crystal_grow.seeding_ref     ? 
_exptl_crystal_grow.temp_details    ? 
_exptl_crystal_grow.temp_esd        ? 
_exptl_crystal_grow.time            ? 
_exptl_crystal_grow.pdbx_details    '0.2 M Potassium sulfate, 20% w/v Polyethylene glycol 3,350' 
_exptl_crystal_grow.pdbx_pH_range   ? 
_exptl_crystal_grow.temp            277 
# 
_diffrn.ambient_environment              ? 
_diffrn.ambient_temp                     80 
_diffrn.ambient_temp_details             ? 
_diffrn.ambient_temp_esd                 ? 
_diffrn.crystal_id                       1 
_diffrn.crystal_support                  ? 
_diffrn.crystal_treatment                ? 
_diffrn.details                          ? 
_diffrn.id                               1 
_diffrn.ambient_pressure                 ? 
_diffrn.ambient_pressure_esd             ? 
_diffrn.ambient_pressure_gt              ? 
_diffrn.ambient_pressure_lt              ? 
_diffrn.ambient_temp_gt                  ? 
_diffrn.ambient_temp_lt                  ? 
_diffrn.pdbx_serial_crystal_experiment   N 
# 
_diffrn_detector.details                      ? 
_diffrn_detector.detector                     PIXEL 
_diffrn_detector.diffrn_id                    1 
_diffrn_detector.type                         'DECTRIS PILATUS3 6M' 
_diffrn_detector.area_resol_mean              ? 
_diffrn_detector.dtime                        ? 
_diffrn_detector.pdbx_frames_total            ? 
_diffrn_detector.pdbx_collection_time_total   ? 
_diffrn_detector.pdbx_collection_date         2024-06-21 
_diffrn_detector.pdbx_frequency               ? 
_diffrn_detector.id                           ? 
_diffrn_detector.number_of_axes               ? 
# 
_diffrn_radiation.collimation                      ? 
_diffrn_radiation.diffrn_id                        1 
_diffrn_radiation.filter_edge                      ? 
_diffrn_radiation.inhomogeneity                    ? 
_diffrn_radiation.monochromator                    ? 
_diffrn_radiation.polarisn_norm                    ? 
_diffrn_radiation.polarisn_ratio                   ? 
_diffrn_radiation.probe                            ? 
_diffrn_radiation.type                             ? 
_diffrn_radiation.xray_symbol                      ? 
_diffrn_radiation.wavelength_id                    1 
_diffrn_radiation.pdbx_monochromatic_or_laue_m_l   M 
_diffrn_radiation.pdbx_wavelength_list             ? 
_diffrn_radiation.pdbx_wavelength                  ? 
_diffrn_radiation.pdbx_diffrn_protocol             'SINGLE WAVELENGTH' 
_diffrn_radiation.pdbx_analyzer                    ? 
_diffrn_radiation.pdbx_scattering_type             x-ray 
# 
_diffrn_radiation_wavelength.id           1 
_diffrn_radiation_wavelength.wavelength   0.97918 
_diffrn_radiation_wavelength.wt           1.0 
# 
_diffrn_source.current                     ? 
_diffrn_source.details                     ? 
_diffrn_source.diffrn_id                   1 
_diffrn_source.power                       ? 
_diffrn_source.size                        ? 
_diffrn_source.source                      SYNCHROTRON 
_diffrn_source.target                      ? 
_diffrn_source.type                        'SSRF BEAMLINE BL02U1' 
_diffrn_source.voltage                     ? 
_diffrn_source.take-off_angle              ? 
_diffrn_source.pdbx_wavelength_list        0.97918 
_diffrn_source.pdbx_wavelength             ? 
_diffrn_source.pdbx_synchrotron_beamline   BL02U1 
_diffrn_source.pdbx_synchrotron_site       SSRF 
# 
_reflns.B_iso_Wilson_estimate                          ? 
_reflns.entry_id                                       9J6O 
_reflns.data_reduction_details                         ? 
_reflns.data_reduction_method                          ? 
_reflns.d_resolution_high                              2.67 
_reflns.d_resolution_low                               61.18 
_reflns.details                                        ? 
_reflns.limit_h_max                                    ? 
_reflns.limit_h_min                                    ? 
_reflns.limit_k_max                                    ? 
_reflns.limit_k_min                                    ? 
_reflns.limit_l_max                                    ? 
_reflns.limit_l_min                                    ? 
_reflns.number_all                                     ? 
_reflns.number_obs                                     4375 
_reflns.observed_criterion                             ? 
_reflns.observed_criterion_F_max                       ? 
_reflns.observed_criterion_F_min                       ? 
_reflns.observed_criterion_I_max                       ? 
_reflns.observed_criterion_I_min                       ? 
_reflns.observed_criterion_sigma_F                     ? 
_reflns.observed_criterion_sigma_I                     ? 
_reflns.percent_possible_obs                           99.6 
_reflns.R_free_details                                 ? 
_reflns.Rmerge_F_all                                   ? 
_reflns.Rmerge_F_obs                                   ? 
_reflns.Friedel_coverage                               ? 
_reflns.number_gt                                      ? 
_reflns.threshold_expression                           ? 
_reflns.pdbx_redundancy                                5.8 
_reflns.pdbx_netI_over_av_sigmaI                       ? 
_reflns.pdbx_netI_over_sigmaI                          9.3 
_reflns.pdbx_res_netI_over_av_sigmaI_2                 ? 
_reflns.pdbx_res_netI_over_sigmaI_2                    ? 
_reflns.pdbx_chi_squared                               0.97 
_reflns.pdbx_scaling_rejects                           ? 
_reflns.pdbx_d_res_high_opt                            ? 
_reflns.pdbx_d_res_low_opt                             ? 
_reflns.pdbx_d_res_opt_method                          ? 
_reflns.phase_calculation_details                      ? 
_reflns.pdbx_Rrim_I_all                                0.178 
_reflns.pdbx_Rpim_I_all                                0.073 
_reflns.pdbx_d_opt                                     ? 
_reflns.pdbx_number_measured_all                       25281 
_reflns.pdbx_diffrn_id                                 1 
_reflns.pdbx_ordinal                                   1 
_reflns.pdbx_CC_half                                   0.992 
_reflns.pdbx_CC_star                                   ? 
_reflns.pdbx_R_split                                   ? 
_reflns.pdbx_Rmerge_I_obs                              0.162 
_reflns.pdbx_Rmerge_I_all                              ? 
_reflns.pdbx_Rsym_value                                ? 
_reflns.pdbx_CC_split_method                           ? 
_reflns.pdbx_aniso_diffraction_limit_axis_1_ortho[1]   ? 
_reflns.pdbx_aniso_diffraction_limit_axis_1_ortho[2]   ? 
_reflns.pdbx_aniso_diffraction_limit_axis_1_ortho[3]   ? 
_reflns.pdbx_aniso_diffraction_limit_axis_2_ortho[1]   ? 
_reflns.pdbx_aniso_diffraction_limit_axis_2_ortho[2]   ? 
_reflns.pdbx_aniso_diffraction_limit_axis_2_ortho[3]   ? 
_reflns.pdbx_aniso_diffraction_limit_axis_3_ortho[1]   ? 
_reflns.pdbx_aniso_diffraction_limit_axis_3_ortho[2]   ? 
_reflns.pdbx_aniso_diffraction_limit_axis_3_ortho[3]   ? 
_reflns.pdbx_aniso_diffraction_limit_1                 ? 
_reflns.pdbx_aniso_diffraction_limit_2                 ? 
_reflns.pdbx_aniso_diffraction_limit_3                 ? 
_reflns.pdbx_aniso_B_tensor_eigenvector_1_ortho[1]     ? 
_reflns.pdbx_aniso_B_tensor_eigenvector_1_ortho[2]     ? 
_reflns.pdbx_aniso_B_tensor_eigenvector_1_ortho[3]     ? 
_reflns.pdbx_aniso_B_tensor_eigenvector_2_ortho[1]     ? 
_reflns.pdbx_aniso_B_tensor_eigenvector_2_ortho[2]     ? 
_reflns.pdbx_aniso_B_tensor_eigenvector_2_ortho[3]     ? 
_reflns.pdbx_aniso_B_tensor_eigenvector_3_ortho[1]     ? 
_reflns.pdbx_aniso_B_tensor_eigenvector_3_ortho[2]     ? 
_reflns.pdbx_aniso_B_tensor_eigenvector_3_ortho[3]     ? 
_reflns.pdbx_aniso_B_tensor_eigenvalue_1               ? 
_reflns.pdbx_aniso_B_tensor_eigenvalue_2               ? 
_reflns.pdbx_aniso_B_tensor_eigenvalue_3               ? 
_reflns.pdbx_orthogonalization_convention              ? 
_reflns.pdbx_percent_possible_ellipsoidal              ? 
_reflns.pdbx_percent_possible_spherical                ? 
_reflns.pdbx_percent_possible_ellipsoidal_anomalous    ? 
_reflns.pdbx_percent_possible_spherical_anomalous      ? 
_reflns.pdbx_redundancy_anomalous                      ? 
_reflns.pdbx_CC_half_anomalous                         ? 
_reflns.pdbx_absDiff_over_sigma_anomalous              ? 
_reflns.pdbx_percent_possible_anomalous                ? 
_reflns.pdbx_observed_signal_threshold                 ? 
_reflns.pdbx_signal_type                               ? 
_reflns.pdbx_signal_details                            ? 
_reflns.pdbx_signal_software_id                        ? 
# 
_reflns_shell.d_res_high                                    2.67 
_reflns_shell.d_res_low                                     2.80 
_reflns_shell.meanI_over_sigI_all                           ? 
_reflns_shell.meanI_over_sigI_obs                           ? 
_reflns_shell.number_measured_all                           2861 
_reflns_shell.number_measured_obs                           ? 
_reflns_shell.number_possible                               ? 
_reflns_shell.number_unique_all                             ? 
_reflns_shell.number_unique_obs                             564 
_reflns_shell.percent_possible_obs                          99.8 
_reflns_shell.Rmerge_F_all                                  ? 
_reflns_shell.Rmerge_F_obs                                  ? 
_reflns_shell.meanI_over_sigI_gt                            ? 
_reflns_shell.meanI_over_uI_all                             ? 
_reflns_shell.meanI_over_uI_gt                              ? 
_reflns_shell.number_measured_gt                            ? 
_reflns_shell.number_unique_gt                              ? 
_reflns_shell.percent_possible_gt                           ? 
_reflns_shell.Rmerge_F_gt                                   ? 
_reflns_shell.Rmerge_I_gt                                   ? 
_reflns_shell.pdbx_redundancy                               5.1 
_reflns_shell.pdbx_chi_squared                              0.78 
_reflns_shell.pdbx_netI_over_sigmaI_all                     ? 
_reflns_shell.pdbx_netI_over_sigmaI_obs                     2.7 
_reflns_shell.pdbx_Rrim_I_all                               0.732 
_reflns_shell.pdbx_Rpim_I_all                               0.323 
_reflns_shell.pdbx_rejects                                  ? 
_reflns_shell.pdbx_ordinal                                  1 
_reflns_shell.pdbx_diffrn_id                                1 
_reflns_shell.pdbx_CC_half                                  0.820 
_reflns_shell.pdbx_CC_star                                  ? 
_reflns_shell.pdbx_R_split                                  ? 
_reflns_shell.percent_possible_all                          ? 
_reflns_shell.Rmerge_I_all                                  ? 
_reflns_shell.Rmerge_I_obs                                  0.654 
_reflns_shell.pdbx_Rsym_value                               ? 
_reflns_shell.pdbx_percent_possible_ellipsoidal             ? 
_reflns_shell.pdbx_percent_possible_spherical               ? 
_reflns_shell.pdbx_percent_possible_ellipsoidal_anomalous   ? 
_reflns_shell.pdbx_percent_possible_spherical_anomalous     ? 
_reflns_shell.pdbx_redundancy_anomalous                     ? 
_reflns_shell.pdbx_CC_half_anomalous                        ? 
_reflns_shell.pdbx_absDiff_over_sigma_anomalous             ? 
_reflns_shell.pdbx_percent_possible_anomalous               ? 
# 
_refine.aniso_B[1][1]                            -1.64 
_refine.aniso_B[1][2]                            -0.00 
_refine.aniso_B[1][3]                            0.00 
_refine.aniso_B[2][2]                            2.98 
_refine.aniso_B[2][3]                            -0.00 
_refine.aniso_B[3][3]                            -1.34 
_refine.B_iso_max                                ? 
_refine.B_iso_mean                               39.397 
_refine.B_iso_min                                ? 
_refine.correlation_coeff_Fo_to_Fc               0.914 
_refine.correlation_coeff_Fo_to_Fc_free          0.882 
_refine.details                                  'HYDROGENS HAVE BEEN ADDED IN THE RIDING POSITIONS' 
_refine.diff_density_max                         ? 
_refine.diff_density_max_esd                     ? 
_refine.diff_density_min                         ? 
_refine.diff_density_min_esd                     ? 
_refine.diff_density_rms                         ? 
_refine.diff_density_rms_esd                     ? 
_refine.entry_id                                 9J6O 
_refine.pdbx_refine_id                           'X-RAY DIFFRACTION' 
_refine.ls_abs_structure_details                 ? 
_refine.ls_abs_structure_Flack                   ? 
_refine.ls_abs_structure_Flack_esd               ? 
_refine.ls_abs_structure_Rogers                  ? 
_refine.ls_abs_structure_Rogers_esd              ? 
_refine.ls_d_res_high                            2.67 
_refine.ls_d_res_low                             43.07 
_refine.ls_extinction_coef                       ? 
_refine.ls_extinction_coef_esd                   ? 
_refine.ls_extinction_expression                 ? 
_refine.ls_extinction_method                     ? 
_refine.ls_goodness_of_fit_all                   ? 
_refine.ls_goodness_of_fit_all_esd               ? 
_refine.ls_goodness_of_fit_obs                   ? 
_refine.ls_goodness_of_fit_obs_esd               ? 
_refine.ls_hydrogen_treatment                    ? 
_refine.ls_matrix_type                           ? 
_refine.ls_number_constraints                    ? 
_refine.ls_number_parameters                     ? 
_refine.ls_number_reflns_all                     ? 
_refine.ls_number_reflns_obs                     4082 
_refine.ls_number_reflns_R_free                  264 
_refine.ls_number_reflns_R_work                  ? 
_refine.ls_number_restraints                     ? 
_refine.ls_percent_reflns_obs                    99.36 
_refine.ls_percent_reflns_R_free                 6.1 
_refine.ls_R_factor_all                          ? 
_refine.ls_R_factor_obs                          0.23803 
_refine.ls_R_factor_R_free                       0.28962 
_refine.ls_R_factor_R_free_error                 ? 
_refine.ls_R_factor_R_free_error_details         ? 
_refine.ls_R_factor_R_work                       0.23438 
_refine.ls_R_Fsqd_factor_obs                     ? 
_refine.ls_R_I_factor_obs                        ? 
_refine.ls_redundancy_reflns_all                 ? 
_refine.ls_redundancy_reflns_obs                 ? 
_refine.ls_restrained_S_all                      ? 
_refine.ls_restrained_S_obs                      ? 
_refine.ls_shift_over_esd_max                    ? 
_refine.ls_shift_over_esd_mean                   ? 
_refine.ls_structure_factor_coef                 ? 
_refine.ls_weighting_details                     ? 
_refine.ls_weighting_scheme                      ? 
_refine.ls_wR_factor_all                         ? 
_refine.ls_wR_factor_obs                         ? 
_refine.ls_wR_factor_R_free                      ? 
_refine.ls_wR_factor_R_work                      ? 
_refine.occupancy_max                            ? 
_refine.occupancy_min                            ? 
_refine.solvent_model_details                    MASK 
_refine.solvent_model_param_bsol                 ? 
_refine.solvent_model_param_ksol                 ? 
_refine.pdbx_R_complete                          ? 
_refine.ls_R_factor_gt                           ? 
_refine.ls_goodness_of_fit_gt                    ? 
_refine.ls_goodness_of_fit_ref                   ? 
_refine.ls_shift_over_su_max                     ? 
_refine.ls_shift_over_su_max_lt                  ? 
_refine.ls_shift_over_su_mean                    ? 
_refine.ls_shift_over_su_mean_lt                 ? 
_refine.pdbx_ls_sigma_I                          ? 
_refine.pdbx_ls_sigma_F                          ? 
_refine.pdbx_ls_sigma_Fsqd                       ? 
_refine.pdbx_data_cutoff_high_absF               ? 
_refine.pdbx_data_cutoff_high_rms_absF           ? 
_refine.pdbx_data_cutoff_low_absF                ? 
_refine.pdbx_isotropic_thermal_model             ? 
_refine.pdbx_ls_cross_valid_method               THROUGHOUT 
_refine.pdbx_method_to_determine_struct          'MOLECULAR REPLACEMENT' 
_refine.pdbx_starting_model                      7XH6 
_refine.pdbx_stereochemistry_target_values       'MAXIMUM LIKELIHOOD' 
_refine.pdbx_R_Free_selection_details            RANDOM 
_refine.pdbx_stereochem_target_val_spec_case     ? 
_refine.pdbx_overall_ESU_R                       ? 
_refine.pdbx_overall_ESU_R_Free                  0.399 
_refine.pdbx_solvent_vdw_probe_radii             1.20 
_refine.pdbx_solvent_ion_probe_radii             0.80 
_refine.pdbx_solvent_shrinkage_radii             0.80 
_refine.pdbx_real_space_R                        ? 
_refine.pdbx_density_correlation                 ? 
_refine.pdbx_pd_number_of_powder_patterns        ? 
_refine.pdbx_pd_number_of_points                 ? 
_refine.pdbx_pd_meas_number_of_points            ? 
_refine.pdbx_pd_proc_ls_prof_R_factor            ? 
_refine.pdbx_pd_proc_ls_prof_wR_factor           ? 
_refine.pdbx_pd_Marquardt_correlation_coeff      ? 
_refine.pdbx_pd_Fsqrd_R_factor                   ? 
_refine.pdbx_pd_ls_matrix_band_width             ? 
_refine.pdbx_overall_phase_error                 ? 
_refine.pdbx_overall_SU_R_free_Cruickshank_DPI   ? 
_refine.pdbx_overall_SU_R_free_Blow_DPI          ? 
_refine.pdbx_overall_SU_R_Blow_DPI               ? 
_refine.pdbx_TLS_residual_ADP_flag               ? 
_refine.pdbx_diffrn_id                           1 
_refine.overall_SU_B                             16.690 
_refine.overall_SU_ML                            0.335 
_refine.overall_SU_R_Cruickshank_DPI             ? 
_refine.overall_SU_R_free                        ? 
_refine.overall_FOM_free_R_set                   ? 
_refine.overall_FOM_work_R_set                   ? 
_refine.pdbx_average_fsc_overall                 ? 
_refine.pdbx_average_fsc_work                    ? 
_refine.pdbx_average_fsc_free                    ? 
# 
_refine_hist.pdbx_refine_id                   'X-RAY DIFFRACTION' 
_refine_hist.cycle_id                         1 
_refine_hist.details                          ? 
_refine_hist.d_res_high                       2.67 
_refine_hist.d_res_low                        43.07 
_refine_hist.number_atoms_solvent             0 
_refine_hist.number_atoms_total               1038 
_refine_hist.number_reflns_all                ? 
_refine_hist.number_reflns_obs                ? 
_refine_hist.number_reflns_R_free             ? 
_refine_hist.number_reflns_R_work             ? 
_refine_hist.R_factor_all                     ? 
_refine_hist.R_factor_obs                     ? 
_refine_hist.R_factor_R_free                  ? 
_refine_hist.R_factor_R_work                  ? 
_refine_hist.pdbx_number_residues_total       ? 
_refine_hist.pdbx_B_iso_mean_ligand           ? 
_refine_hist.pdbx_B_iso_mean_solvent          ? 
_refine_hist.pdbx_number_atoms_protein        998 
_refine_hist.pdbx_number_atoms_nucleic_acid   0 
_refine_hist.pdbx_number_atoms_ligand         40 
_refine_hist.pdbx_number_atoms_lipid          ? 
_refine_hist.pdbx_number_atoms_carb           ? 
_refine_hist.pdbx_pseudo_atom_details         ? 
# 
loop_
_refine_ls_restr.pdbx_refine_id 
_refine_ls_restr.criterion 
_refine_ls_restr.dev_ideal 
_refine_ls_restr.dev_ideal_target 
_refine_ls_restr.number 
_refine_ls_restr.rejects 
_refine_ls_restr.type 
_refine_ls_restr.weight 
_refine_ls_restr.pdbx_restraint_function 
'X-RAY DIFFRACTION' ? 0.005  0.013  1070 ? r_bond_refined_d             ? ? 
'X-RAY DIFFRACTION' ? 0.002  0.018  964  ? r_bond_other_d               ? ? 
'X-RAY DIFFRACTION' ? 1.306  1.720  1458 ? r_angle_refined_deg          ? ? 
'X-RAY DIFFRACTION' ? 1.106  1.631  2248 ? r_angle_other_deg            ? ? 
'X-RAY DIFFRACTION' ? 5.454  5.000  117  ? r_dihedral_angle_1_deg       ? ? 
'X-RAY DIFFRACTION' ? 38.845 23.051 59   ? r_dihedral_angle_2_deg       ? ? 
'X-RAY DIFFRACTION' ? 18.111 15.000 180  ? r_dihedral_angle_3_deg       ? ? 
'X-RAY DIFFRACTION' ? 18.517 15.000 6    ? r_dihedral_angle_4_deg       ? ? 
'X-RAY DIFFRACTION' ? 0.051  0.200  130  ? r_chiral_restr               ? ? 
'X-RAY DIFFRACTION' ? 0.004  0.020  1152 ? r_gen_planes_refined         ? ? 
'X-RAY DIFFRACTION' ? 0.001  0.020  219  ? r_gen_planes_other           ? ? 
'X-RAY DIFFRACTION' ? ?      ?      ?    ? r_nbd_refined                ? ? 
'X-RAY DIFFRACTION' ? ?      ?      ?    ? r_nbd_other                  ? ? 
'X-RAY DIFFRACTION' ? ?      ?      ?    ? r_nbtor_refined              ? ? 
'X-RAY DIFFRACTION' ? ?      ?      ?    ? r_nbtor_other                ? ? 
'X-RAY DIFFRACTION' ? ?      ?      ?    ? r_xyhbond_nbd_refined        ? ? 
'X-RAY DIFFRACTION' ? ?      ?      ?    ? r_xyhbond_nbd_other          ? ? 
'X-RAY DIFFRACTION' ? ?      ?      ?    ? r_metal_ion_refined          ? ? 
'X-RAY DIFFRACTION' ? ?      ?      ?    ? r_metal_ion_other            ? ? 
'X-RAY DIFFRACTION' ? ?      ?      ?    ? r_symmetry_vdw_refined       ? ? 
'X-RAY DIFFRACTION' ? ?      ?      ?    ? r_symmetry_vdw_other         ? ? 
'X-RAY DIFFRACTION' ? ?      ?      ?    ? r_symmetry_hbond_refined     ? ? 
'X-RAY DIFFRACTION' ? ?      ?      ?    ? r_symmetry_hbond_other       ? ? 
'X-RAY DIFFRACTION' ? ?      ?      ?    ? r_symmetry_metal_ion_refined ? ? 
'X-RAY DIFFRACTION' ? ?      ?      ?    ? r_symmetry_metal_ion_other   ? ? 
'X-RAY DIFFRACTION' ? 1.318  4.127  474  ? r_mcbond_it                  ? ? 
'X-RAY DIFFRACTION' ? 1.319  4.127  473  ? r_mcbond_other               ? ? 
'X-RAY DIFFRACTION' ? 2.217  6.186  589  ? r_mcangle_it                 ? ? 
'X-RAY DIFFRACTION' ? 2.215  6.186  590  ? r_mcangle_other              ? ? 
'X-RAY DIFFRACTION' ? 1.436  4.336  596  ? r_scbond_it                  ? ? 
'X-RAY DIFFRACTION' ? 1.434  4.336  597  ? r_scbond_other               ? ? 
'X-RAY DIFFRACTION' ? ?      ?      ?    ? r_scangle_it                 ? ? 
'X-RAY DIFFRACTION' ? 2.497  6.432  870  ? r_scangle_other              ? ? 
'X-RAY DIFFRACTION' ? 3.995  45.481 1180 ? r_long_range_B_refined       ? ? 
'X-RAY DIFFRACTION' ? 3.994  45.470 1181 ? r_long_range_B_other         ? ? 
'X-RAY DIFFRACTION' ? ?      ?      ?    ? r_rigid_bond_restr           ? ? 
'X-RAY DIFFRACTION' ? ?      ?      ?    ? r_sphericity_free            ? ? 
'X-RAY DIFFRACTION' ? ?      ?      ?    ? r_sphericity_bonded          ? ? 
# 
_refine_ls_shell.pdbx_refine_id                   'X-RAY DIFFRACTION' 
_refine_ls_shell.d_res_high                       2.67 
_refine_ls_shell.d_res_low                        2.737 
_refine_ls_shell.number_reflns_all                ? 
_refine_ls_shell.number_reflns_obs                ? 
_refine_ls_shell.number_reflns_R_free             21 
_refine_ls_shell.number_reflns_R_work             284 
_refine_ls_shell.percent_reflns_obs               99.67 
_refine_ls_shell.percent_reflns_R_free            ? 
_refine_ls_shell.R_factor_all                     ? 
_refine_ls_shell.R_factor_obs                     ? 
_refine_ls_shell.R_factor_R_free_error            ? 
_refine_ls_shell.R_factor_R_work                  0.243 
_refine_ls_shell.redundancy_reflns_all            ? 
_refine_ls_shell.redundancy_reflns_obs            ? 
_refine_ls_shell.wR_factor_all                    ? 
_refine_ls_shell.wR_factor_obs                    ? 
_refine_ls_shell.wR_factor_R_free                 ? 
_refine_ls_shell.wR_factor_R_work                 ? 
_refine_ls_shell.pdbx_R_complete                  ? 
_refine_ls_shell.pdbx_total_number_of_bins_used   ? 
_refine_ls_shell.pdbx_phase_error                 ? 
_refine_ls_shell.pdbx_fsc_work                    ? 
_refine_ls_shell.pdbx_fsc_free                    ? 
_refine_ls_shell.R_factor_R_free                  0.428 
# 
_struct.entry_id                     9J6O 
_struct.title                        'Crystal Structure of bromodomain of human CBP in complex with the inhibitor CZL-046' 
_struct.pdbx_model_details           ? 
_struct.pdbx_formula_weight          ? 
_struct.pdbx_formula_weight_method   ? 
_struct.pdbx_model_type_details      ? 
_struct.pdbx_CASP_flag               N 
# 
_struct_keywords.entry_id        9J6O 
_struct_keywords.text            'bromodomain, CBP, inhibitor, PROTEIN BINDING' 
_struct_keywords.pdbx_keywords   'PROTEIN BINDING' 
# 
loop_
_struct_asym.id 
_struct_asym.pdbx_blank_PDB_chainid_flag 
_struct_asym.pdbx_modified 
_struct_asym.entity_id 
_struct_asym.details 
A N N 1 ? 
B N N 2 ? 
C N N 3 ? 
# 
_struct_ref.id                         1 
_struct_ref.db_name                    UNP 
_struct_ref.db_code                    CBP_HUMAN 
_struct_ref.pdbx_db_accession          Q92793 
_struct_ref.pdbx_db_isoform            ? 
_struct_ref.entity_id                  1 
_struct_ref.pdbx_seq_one_letter_code   
;RKKIFKPEELRQALMPTLEALYRQDPESLPFRQPVDPQLLGIPDYFDIVKNPMDLSTIKRKLDTGQYQEPWQYVDDVWLM
FNNAWLYNRKTSRVYKFCSKLAEVFEQEIDPVMQSLG
;
_struct_ref.pdbx_align_begin           1081 
# 
_struct_ref_seq.align_id                      1 
_struct_ref_seq.ref_id                        1 
_struct_ref_seq.pdbx_PDB_id_code              9J6O 
_struct_ref_seq.pdbx_strand_id                A 
_struct_ref_seq.seq_align_beg                 17 
_struct_ref_seq.pdbx_seq_align_beg_ins_code   ? 
_struct_ref_seq.seq_align_end                 133 
_struct_ref_seq.pdbx_seq_align_end_ins_code   ? 
_struct_ref_seq.pdbx_db_accession             Q92793 
_struct_ref_seq.db_align_beg                  1081 
_struct_ref_seq.pdbx_db_align_beg_ins_code    ? 
_struct_ref_seq.db_align_end                  1197 
_struct_ref_seq.pdbx_db_align_end_ins_code    ? 
_struct_ref_seq.pdbx_auth_seq_align_beg       1081 
_struct_ref_seq.pdbx_auth_seq_align_end       1197 
# 
loop_
_struct_ref_seq_dif.align_id 
_struct_ref_seq_dif.pdbx_pdb_id_code 
_struct_ref_seq_dif.mon_id 
_struct_ref_seq_dif.pdbx_pdb_strand_id 
_struct_ref_seq_dif.seq_num 
_struct_ref_seq_dif.pdbx_pdb_ins_code 
_struct_ref_seq_dif.pdbx_seq_db_name 
_struct_ref_seq_dif.pdbx_seq_db_accession_code 
_struct_ref_seq_dif.db_mon_id 
_struct_ref_seq_dif.pdbx_seq_db_seq_num 
_struct_ref_seq_dif.details 
_struct_ref_seq_dif.pdbx_auth_seq_num 
_struct_ref_seq_dif.pdbx_ordinal 
1 9J6O MET A 1  ? UNP Q92793 ? ? 'expression tag' 1065 1  
1 9J6O LYS A 2  ? UNP Q92793 ? ? 'expression tag' 1066 2  
1 9J6O LYS A 3  ? UNP Q92793 ? ? 'expression tag' 1067 3  
1 9J6O GLY A 4  ? UNP Q92793 ? ? 'expression tag' 1068 4  
1 9J6O HIS A 5  ? UNP Q92793 ? ? 'expression tag' 1069 5  
1 9J6O HIS A 6  ? UNP Q92793 ? ? 'expression tag' 1070 6  
1 9J6O HIS A 7  ? UNP Q92793 ? ? 'expression tag' 1071 7  
1 9J6O HIS A 8  ? UNP Q92793 ? ? 'expression tag' 1072 8  
1 9J6O HIS A 9  ? UNP Q92793 ? ? 'expression tag' 1073 9  
1 9J6O HIS A 10 ? UNP Q92793 ? ? 'expression tag' 1074 10 
1 9J6O LEU A 11 ? UNP Q92793 ? ? 'expression tag' 1075 11 
1 9J6O VAL A 12 ? UNP Q92793 ? ? 'expression tag' 1076 12 
1 9J6O PRO A 13 ? UNP Q92793 ? ? 'expression tag' 1077 13 
1 9J6O ARG A 14 ? UNP Q92793 ? ? 'expression tag' 1078 14 
1 9J6O GLY A 15 ? UNP Q92793 ? ? 'expression tag' 1079 15 
1 9J6O SER A 16 ? UNP Q92793 ? ? 'expression tag' 1080 16 
# 
_pdbx_struct_assembly.id                   1 
_pdbx_struct_assembly.details              author_and_software_defined_assembly 
_pdbx_struct_assembly.method_details       PISA 
_pdbx_struct_assembly.oligomeric_details   monomeric 
_pdbx_struct_assembly.oligomeric_count     1 
# 
loop_
_pdbx_struct_assembly_prop.biol_id 
_pdbx_struct_assembly_prop.type 
_pdbx_struct_assembly_prop.value 
_pdbx_struct_assembly_prop.details 
1 'ABSA (A^2)' 70   ? 
1 MORE         -3   ? 
1 'SSA (A^2)'  7610 ? 
# 
_pdbx_struct_assembly_gen.assembly_id       1 
_pdbx_struct_assembly_gen.oper_expression   1 
_pdbx_struct_assembly_gen.asym_id_list      A,B,C 
# 
_pdbx_struct_assembly_auth_evidence.id                     1 
_pdbx_struct_assembly_auth_evidence.assembly_id            1 
_pdbx_struct_assembly_auth_evidence.experimental_support   none 
_pdbx_struct_assembly_auth_evidence.details                ? 
# 
_pdbx_struct_oper_list.id                   1 
_pdbx_struct_oper_list.type                 'identity operation' 
_pdbx_struct_oper_list.name                 1_555 
_pdbx_struct_oper_list.symmetry_operation   x,y,z 
_pdbx_struct_oper_list.matrix[1][1]         1.0000000000 
_pdbx_struct_oper_list.matrix[1][2]         0.0000000000 
_pdbx_struct_oper_list.matrix[1][3]         0.0000000000 
_pdbx_struct_oper_list.vector[1]            0.0000000000 
_pdbx_struct_oper_list.matrix[2][1]         0.0000000000 
_pdbx_struct_oper_list.matrix[2][2]         1.0000000000 
_pdbx_struct_oper_list.matrix[2][3]         0.0000000000 
_pdbx_struct_oper_list.vector[2]            0.0000000000 
_pdbx_struct_oper_list.matrix[3][1]         0.0000000000 
_pdbx_struct_oper_list.matrix[3][2]         0.0000000000 
_pdbx_struct_oper_list.matrix[3][3]         1.0000000000 
_pdbx_struct_oper_list.vector[3]            0.0000000000 
# 
loop_
_struct_conf.conf_type_id 
_struct_conf.id 
_struct_conf.pdbx_PDB_helix_id 
_struct_conf.beg_label_comp_id 
_struct_conf.beg_label_asym_id 
_struct_conf.beg_label_seq_id 
_struct_conf.pdbx_beg_PDB_ins_code 
_struct_conf.end_label_comp_id 
_struct_conf.end_label_asym_id 
_struct_conf.end_label_seq_id 
_struct_conf.pdbx_end_PDB_ins_code 
_struct_conf.beg_auth_comp_id 
_struct_conf.beg_auth_asym_id 
_struct_conf.beg_auth_seq_id 
_struct_conf.end_auth_comp_id 
_struct_conf.end_auth_asym_id 
_struct_conf.end_auth_seq_id 
_struct_conf.pdbx_PDB_helix_class 
_struct_conf.details 
_struct_conf.pdbx_PDB_helix_length 
HELX_P HELX_P1 AA1 LYS A 22  ? GLN A 40  ? LYS A 1086 GLN A 1104 1 ? 19 
HELX_P HELX_P2 AA2 SER A 44  ? ARG A 48  ? SER A 1108 ARG A 1112 5 ? 5  
HELX_P HELX_P3 AA3 ASP A 60  ? ILE A 64  ? ASP A 1124 ILE A 1128 5 ? 5  
HELX_P HELX_P4 AA4 ASP A 70  ? THR A 80  ? ASP A 1134 THR A 1144 1 ? 11 
HELX_P HELX_P5 AA5 GLU A 85  ? ASN A 104 ? GLU A 1149 ASN A 1168 1 ? 20 
HELX_P HELX_P6 AA6 SER A 108 ? SER A 131 ? SER A 1172 SER A 1195 1 ? 24 
# 
_struct_conf_type.id          HELX_P 
_struct_conf_type.criteria    ? 
_struct_conf_type.reference   ? 
# 
_struct_mon_prot_cis.pdbx_id                1 
_struct_mon_prot_cis.label_comp_id          ASP 
_struct_mon_prot_cis.label_seq_id           41 
_struct_mon_prot_cis.label_asym_id          A 
_struct_mon_prot_cis.label_alt_id           . 
_struct_mon_prot_cis.pdbx_PDB_ins_code      ? 
_struct_mon_prot_cis.auth_comp_id           ASP 
_struct_mon_prot_cis.auth_seq_id            1105 
_struct_mon_prot_cis.auth_asym_id           A 
_struct_mon_prot_cis.pdbx_label_comp_id_2   PRO 
_struct_mon_prot_cis.pdbx_label_seq_id_2    42 
_struct_mon_prot_cis.pdbx_label_asym_id_2   A 
_struct_mon_prot_cis.pdbx_PDB_ins_code_2    ? 
_struct_mon_prot_cis.pdbx_auth_comp_id_2    PRO 
_struct_mon_prot_cis.pdbx_auth_seq_id_2     1106 
_struct_mon_prot_cis.pdbx_auth_asym_id_2    A 
_struct_mon_prot_cis.pdbx_PDB_model_num     1 
_struct_mon_prot_cis.pdbx_omega_angle       5.61 
# 
_pdbx_entry_details.entry_id                   9J6O 
_pdbx_entry_details.has_ligand_of_interest     Y 
_pdbx_entry_details.compound_details           ? 
_pdbx_entry_details.source_details             ? 
_pdbx_entry_details.nonpolymer_details         ? 
_pdbx_entry_details.sequence_details           ? 
_pdbx_entry_details.has_protein_modification   N 
# 
loop_
_pdbx_validate_torsion.id 
_pdbx_validate_torsion.PDB_model_num 
_pdbx_validate_torsion.auth_comp_id 
_pdbx_validate_torsion.auth_asym_id 
_pdbx_validate_torsion.auth_seq_id 
_pdbx_validate_torsion.PDB_ins_code 
_pdbx_validate_torsion.label_alt_id 
_pdbx_validate_torsion.phi 
_pdbx_validate_torsion.psi 
1 1 HIS A 1072 ? ? -162.13 113.46 
2 1 PRO A 1123 ? ? -66.00  2.34   
# 
loop_
_pdbx_unobs_or_zero_occ_residues.id 
_pdbx_unobs_or_zero_occ_residues.PDB_model_num 
_pdbx_unobs_or_zero_occ_residues.polymer_flag 
_pdbx_unobs_or_zero_occ_residues.occupancy_flag 
_pdbx_unobs_or_zero_occ_residues.auth_asym_id 
_pdbx_unobs_or_zero_occ_residues.auth_comp_id 
_pdbx_unobs_or_zero_occ_residues.auth_seq_id 
_pdbx_unobs_or_zero_occ_residues.PDB_ins_code 
_pdbx_unobs_or_zero_occ_residues.label_asym_id 
_pdbx_unobs_or_zero_occ_residues.label_comp_id 
_pdbx_unobs_or_zero_occ_residues.label_seq_id 
1  1 Y 1 A MET 1065 ? A MET 1   
2  1 Y 1 A LYS 1066 ? A LYS 2   
3  1 Y 1 A LYS 1067 ? A LYS 3   
4  1 Y 1 A GLY 1068 ? A GLY 4   
5  1 Y 1 A HIS 1069 ? A HIS 5   
6  1 Y 1 A HIS 1070 ? A HIS 6   
7  1 Y 1 A LEU 1075 ? A LEU 11  
8  1 Y 1 A VAL 1076 ? A VAL 12  
9  1 Y 1 A PRO 1077 ? A PRO 13  
10 1 Y 1 A ARG 1078 ? A ARG 14  
11 1 Y 1 A GLY 1079 ? A GLY 15  
12 1 Y 1 A SER 1080 ? A SER 16  
13 1 Y 1 A ARG 1081 ? A ARG 17  
14 1 Y 1 A GLY 1197 ? A GLY 133 
# 
loop_
_chem_comp_atom.comp_id 
_chem_comp_atom.atom_id 
_chem_comp_atom.type_symbol 
_chem_comp_atom.pdbx_aromatic_flag 
_chem_comp_atom.pdbx_stereo_config 
_chem_comp_atom.pdbx_ordinal 
A1L3S CBG  C  N N 1   
A1L3S CBH  C  N N 2   
A1L3S CBI  C  N N 3   
A1L3S OBL  O  N N 4   
A1L3S CBM  C  N N 5   
A1L3S CBJ  C  N N 6   
A1L3S CBK  C  N N 7   
A1L3S CAQ  C  N N 8   
A1L3S NAP  N  Y N 9   
A1L3S CAK  C  Y N 10  
A1L3S CAL  C  Y N 11  
A1L3S CAM  C  Y N 12  
A1L3S CAH  C  Y N 13  
A1L3S CAA  C  Y N 14  
A1L3S CAE  C  Y N 15  
A1L3S CAG  C  N N 16  
A1L3S OAD  O  Y N 17  
A1L3S NAC  N  Y N 18  
A1L3S CAB  C  Y N 19  
A1L3S CAF  C  N N 20  
A1L3S CAI  C  Y N 21  
A1L3S CAJ  C  Y N 22  
A1L3S NAN  N  Y N 23  
A1L3S CAO  C  Y N 24  
A1L3S CAR  C  N S 25  
A1L3S CAV  C  N N 26  
A1L3S CAU  C  N S 27  
A1L3S FBF  F  N N 28  
A1L3S CAT  C  N N 29  
A1L3S OAW  O  N N 30  
A1L3S NAS  N  N N 31  
A1L3S CAX  C  Y N 32  
A1L3S CBC  C  Y N 33  
A1L3S CBB  C  Y N 34  
A1L3S FBE  F  N N 35  
A1L3S CBA  C  Y N 36  
A1L3S FBD  F  N N 37  
A1L3S CAZ  C  Y N 38  
A1L3S CAY  C  Y N 39  
A1L3S H1   H  N N 40  
A1L3S H2   H  N N 41  
A1L3S H3   H  N N 42  
A1L3S H4   H  N N 43  
A1L3S H5   H  N N 44  
A1L3S H6   H  N N 45  
A1L3S H7   H  N N 46  
A1L3S H8   H  N N 47  
A1L3S H9   H  N N 48  
A1L3S H10  H  N N 49  
A1L3S H11  H  N N 50  
A1L3S H12  H  N N 51  
A1L3S H13  H  N N 52  
A1L3S H14  H  N N 53  
A1L3S H15  H  N N 54  
A1L3S H16  H  N N 55  
A1L3S H17  H  N N 56  
A1L3S H18  H  N N 57  
A1L3S H19  H  N N 58  
A1L3S H20  H  N N 59  
A1L3S H21  H  N N 60  
A1L3S H22  H  N N 61  
A1L3S H23  H  N N 62  
A1L3S H24  H  N N 63  
A1L3S H25  H  N N 64  
A1L3S H26  H  N N 65  
A1L3S H27  H  N N 66  
A1L3S H28  H  N N 67  
A1L3S H29  H  N N 68  
ALA   N    N  N N 69  
ALA   CA   C  N S 70  
ALA   C    C  N N 71  
ALA   O    O  N N 72  
ALA   CB   C  N N 73  
ALA   OXT  O  N N 74  
ALA   H    H  N N 75  
ALA   H2   H  N N 76  
ALA   HA   H  N N 77  
ALA   HB1  H  N N 78  
ALA   HB2  H  N N 79  
ALA   HB3  H  N N 80  
ALA   HXT  H  N N 81  
ARG   N    N  N N 82  
ARG   CA   C  N S 83  
ARG   C    C  N N 84  
ARG   O    O  N N 85  
ARG   CB   C  N N 86  
ARG   CG   C  N N 87  
ARG   CD   C  N N 88  
ARG   NE   N  N N 89  
ARG   CZ   C  N N 90  
ARG   NH1  N  N N 91  
ARG   NH2  N  N N 92  
ARG   OXT  O  N N 93  
ARG   H    H  N N 94  
ARG   H2   H  N N 95  
ARG   HA   H  N N 96  
ARG   HB2  H  N N 97  
ARG   HB3  H  N N 98  
ARG   HG2  H  N N 99  
ARG   HG3  H  N N 100 
ARG   HD2  H  N N 101 
ARG   HD3  H  N N 102 
ARG   HE   H  N N 103 
ARG   HH11 H  N N 104 
ARG   HH12 H  N N 105 
ARG   HH21 H  N N 106 
ARG   HH22 H  N N 107 
ARG   HXT  H  N N 108 
ASN   N    N  N N 109 
ASN   CA   C  N S 110 
ASN   C    C  N N 111 
ASN   O    O  N N 112 
ASN   CB   C  N N 113 
ASN   CG   C  N N 114 
ASN   OD1  O  N N 115 
ASN   ND2  N  N N 116 
ASN   OXT  O  N N 117 
ASN   H    H  N N 118 
ASN   H2   H  N N 119 
ASN   HA   H  N N 120 
ASN   HB2  H  N N 121 
ASN   HB3  H  N N 122 
ASN   HD21 H  N N 123 
ASN   HD22 H  N N 124 
ASN   HXT  H  N N 125 
ASP   N    N  N N 126 
ASP   CA   C  N S 127 
ASP   C    C  N N 128 
ASP   O    O  N N 129 
ASP   CB   C  N N 130 
ASP   CG   C  N N 131 
ASP   OD1  O  N N 132 
ASP   OD2  O  N N 133 
ASP   OXT  O  N N 134 
ASP   H    H  N N 135 
ASP   H2   H  N N 136 
ASP   HA   H  N N 137 
ASP   HB2  H  N N 138 
ASP   HB3  H  N N 139 
ASP   HD2  H  N N 140 
ASP   HXT  H  N N 141 
CL    CL   CL N N 142 
CYS   N    N  N N 143 
CYS   CA   C  N R 144 
CYS   C    C  N N 145 
CYS   O    O  N N 146 
CYS   CB   C  N N 147 
CYS   SG   S  N N 148 
CYS   OXT  O  N N 149 
CYS   H    H  N N 150 
CYS   H2   H  N N 151 
CYS   HA   H  N N 152 
CYS   HB2  H  N N 153 
CYS   HB3  H  N N 154 
CYS   HG   H  N N 155 
CYS   HXT  H  N N 156 
GLN   N    N  N N 157 
GLN   CA   C  N S 158 
GLN   C    C  N N 159 
GLN   O    O  N N 160 
GLN   CB   C  N N 161 
GLN   CG   C  N N 162 
GLN   CD   C  N N 163 
GLN   OE1  O  N N 164 
GLN   NE2  N  N N 165 
GLN   OXT  O  N N 166 
GLN   H    H  N N 167 
GLN   H2   H  N N 168 
GLN   HA   H  N N 169 
GLN   HB2  H  N N 170 
GLN   HB3  H  N N 171 
GLN   HG2  H  N N 172 
GLN   HG3  H  N N 173 
GLN   HE21 H  N N 174 
GLN   HE22 H  N N 175 
GLN   HXT  H  N N 176 
GLU   N    N  N N 177 
GLU   CA   C  N S 178 
GLU   C    C  N N 179 
GLU   O    O  N N 180 
GLU   CB   C  N N 181 
GLU   CG   C  N N 182 
GLU   CD   C  N N 183 
GLU   OE1  O  N N 184 
GLU   OE2  O  N N 185 
GLU   OXT  O  N N 186 
GLU   H    H  N N 187 
GLU   H2   H  N N 188 
GLU   HA   H  N N 189 
GLU   HB2  H  N N 190 
GLU   HB3  H  N N 191 
GLU   HG2  H  N N 192 
GLU   HG3  H  N N 193 
GLU   HE2  H  N N 194 
GLU   HXT  H  N N 195 
GLY   N    N  N N 196 
GLY   CA   C  N N 197 
GLY   C    C  N N 198 
GLY   O    O  N N 199 
GLY   OXT  O  N N 200 
GLY   H    H  N N 201 
GLY   H2   H  N N 202 
GLY   HA2  H  N N 203 
GLY   HA3  H  N N 204 
GLY   HXT  H  N N 205 
HIS   N    N  N N 206 
HIS   CA   C  N S 207 
HIS   C    C  N N 208 
HIS   O    O  N N 209 
HIS   CB   C  N N 210 
HIS   CG   C  Y N 211 
HIS   ND1  N  Y N 212 
HIS   CD2  C  Y N 213 
HIS   CE1  C  Y N 214 
HIS   NE2  N  Y N 215 
HIS   OXT  O  N N 216 
HIS   H    H  N N 217 
HIS   H2   H  N N 218 
HIS   HA   H  N N 219 
HIS   HB2  H  N N 220 
HIS   HB3  H  N N 221 
HIS   HD1  H  N N 222 
HIS   HD2  H  N N 223 
HIS   HE1  H  N N 224 
HIS   HE2  H  N N 225 
HIS   HXT  H  N N 226 
ILE   N    N  N N 227 
ILE   CA   C  N S 228 
ILE   C    C  N N 229 
ILE   O    O  N N 230 
ILE   CB   C  N S 231 
ILE   CG1  C  N N 232 
ILE   CG2  C  N N 233 
ILE   CD1  C  N N 234 
ILE   OXT  O  N N 235 
ILE   H    H  N N 236 
ILE   H2   H  N N 237 
ILE   HA   H  N N 238 
ILE   HB   H  N N 239 
ILE   HG12 H  N N 240 
ILE   HG13 H  N N 241 
ILE   HG21 H  N N 242 
ILE   HG22 H  N N 243 
ILE   HG23 H  N N 244 
ILE   HD11 H  N N 245 
ILE   HD12 H  N N 246 
ILE   HD13 H  N N 247 
ILE   HXT  H  N N 248 
LEU   N    N  N N 249 
LEU   CA   C  N S 250 
LEU   C    C  N N 251 
LEU   O    O  N N 252 
LEU   CB   C  N N 253 
LEU   CG   C  N N 254 
LEU   CD1  C  N N 255 
LEU   CD2  C  N N 256 
LEU   OXT  O  N N 257 
LEU   H    H  N N 258 
LEU   H2   H  N N 259 
LEU   HA   H  N N 260 
LEU   HB2  H  N N 261 
LEU   HB3  H  N N 262 
LEU   HG   H  N N 263 
LEU   HD11 H  N N 264 
LEU   HD12 H  N N 265 
LEU   HD13 H  N N 266 
LEU   HD21 H  N N 267 
LEU   HD22 H  N N 268 
LEU   HD23 H  N N 269 
LEU   HXT  H  N N 270 
LYS   N    N  N N 271 
LYS   CA   C  N S 272 
LYS   C    C  N N 273 
LYS   O    O  N N 274 
LYS   CB   C  N N 275 
LYS   CG   C  N N 276 
LYS   CD   C  N N 277 
LYS   CE   C  N N 278 
LYS   NZ   N  N N 279 
LYS   OXT  O  N N 280 
LYS   H    H  N N 281 
LYS   H2   H  N N 282 
LYS   HA   H  N N 283 
LYS   HB2  H  N N 284 
LYS   HB3  H  N N 285 
LYS   HG2  H  N N 286 
LYS   HG3  H  N N 287 
LYS   HD2  H  N N 288 
LYS   HD3  H  N N 289 
LYS   HE2  H  N N 290 
LYS   HE3  H  N N 291 
LYS   HZ1  H  N N 292 
LYS   HZ2  H  N N 293 
LYS   HZ3  H  N N 294 
LYS   HXT  H  N N 295 
MET   N    N  N N 296 
MET   CA   C  N S 297 
MET   C    C  N N 298 
MET   O    O  N N 299 
MET   CB   C  N N 300 
MET   CG   C  N N 301 
MET   SD   S  N N 302 
MET   CE   C  N N 303 
MET   OXT  O  N N 304 
MET   H    H  N N 305 
MET   H2   H  N N 306 
MET   HA   H  N N 307 
MET   HB2  H  N N 308 
MET   HB3  H  N N 309 
MET   HG2  H  N N 310 
MET   HG3  H  N N 311 
MET   HE1  H  N N 312 
MET   HE2  H  N N 313 
MET   HE3  H  N N 314 
MET   HXT  H  N N 315 
PHE   N    N  N N 316 
PHE   CA   C  N S 317 
PHE   C    C  N N 318 
PHE   O    O  N N 319 
PHE   CB   C  N N 320 
PHE   CG   C  Y N 321 
PHE   CD1  C  Y N 322 
PHE   CD2  C  Y N 323 
PHE   CE1  C  Y N 324 
PHE   CE2  C  Y N 325 
PHE   CZ   C  Y N 326 
PHE   OXT  O  N N 327 
PHE   H    H  N N 328 
PHE   H2   H  N N 329 
PHE   HA   H  N N 330 
PHE   HB2  H  N N 331 
PHE   HB3  H  N N 332 
PHE   HD1  H  N N 333 
PHE   HD2  H  N N 334 
PHE   HE1  H  N N 335 
PHE   HE2  H  N N 336 
PHE   HZ   H  N N 337 
PHE   HXT  H  N N 338 
PRO   N    N  N N 339 
PRO   CA   C  N S 340 
PRO   C    C  N N 341 
PRO   O    O  N N 342 
PRO   CB   C  N N 343 
PRO   CG   C  N N 344 
PRO   CD   C  N N 345 
PRO   OXT  O  N N 346 
PRO   H    H  N N 347 
PRO   HA   H  N N 348 
PRO   HB2  H  N N 349 
PRO   HB3  H  N N 350 
PRO   HG2  H  N N 351 
PRO   HG3  H  N N 352 
PRO   HD2  H  N N 353 
PRO   HD3  H  N N 354 
PRO   HXT  H  N N 355 
SER   N    N  N N 356 
SER   CA   C  N S 357 
SER   C    C  N N 358 
SER   O    O  N N 359 
SER   CB   C  N N 360 
SER   OG   O  N N 361 
SER   OXT  O  N N 362 
SER   H    H  N N 363 
SER   H2   H  N N 364 
SER   HA   H  N N 365 
SER   HB2  H  N N 366 
SER   HB3  H  N N 367 
SER   HG   H  N N 368 
SER   HXT  H  N N 369 
THR   N    N  N N 370 
THR   CA   C  N S 371 
THR   C    C  N N 372 
THR   O    O  N N 373 
THR   CB   C  N R 374 
THR   OG1  O  N N 375 
THR   CG2  C  N N 376 
THR   OXT  O  N N 377 
THR   H    H  N N 378 
THR   H2   H  N N 379 
THR   HA   H  N N 380 
THR   HB   H  N N 381 
THR   HG1  H  N N 382 
THR   HG21 H  N N 383 
THR   HG22 H  N N 384 
THR   HG23 H  N N 385 
THR   HXT  H  N N 386 
TRP   N    N  N N 387 
TRP   CA   C  N S 388 
TRP   C    C  N N 389 
TRP   O    O  N N 390 
TRP   CB   C  N N 391 
TRP   CG   C  Y N 392 
TRP   CD1  C  Y N 393 
TRP   CD2  C  Y N 394 
TRP   NE1  N  Y N 395 
TRP   CE2  C  Y N 396 
TRP   CE3  C  Y N 397 
TRP   CZ2  C  Y N 398 
TRP   CZ3  C  Y N 399 
TRP   CH2  C  Y N 400 
TRP   OXT  O  N N 401 
TRP   H    H  N N 402 
TRP   H2   H  N N 403 
TRP   HA   H  N N 404 
TRP   HB2  H  N N 405 
TRP   HB3  H  N N 406 
TRP   HD1  H  N N 407 
TRP   HE1  H  N N 408 
TRP   HE3  H  N N 409 
TRP   HZ2  H  N N 410 
TRP   HZ3  H  N N 411 
TRP   HH2  H  N N 412 
TRP   HXT  H  N N 413 
TYR   N    N  N N 414 
TYR   CA   C  N S 415 
TYR   C    C  N N 416 
TYR   O    O  N N 417 
TYR   CB   C  N N 418 
TYR   CG   C  Y N 419 
TYR   CD1  C  Y N 420 
TYR   CD2  C  Y N 421 
TYR   CE1  C  Y N 422 
TYR   CE2  C  Y N 423 
TYR   CZ   C  Y N 424 
TYR   OH   O  N N 425 
TYR   OXT  O  N N 426 
TYR   H    H  N N 427 
TYR   H2   H  N N 428 
TYR   HA   H  N N 429 
TYR   HB2  H  N N 430 
TYR   HB3  H  N N 431 
TYR   HD1  H  N N 432 
TYR   HD2  H  N N 433 
TYR   HE1  H  N N 434 
TYR   HE2  H  N N 435 
TYR   HH   H  N N 436 
TYR   HXT  H  N N 437 
VAL   N    N  N N 438 
VAL   CA   C  N S 439 
VAL   C    C  N N 440 
VAL   O    O  N N 441 
VAL   CB   C  N N 442 
VAL   CG1  C  N N 443 
VAL   CG2  C  N N 444 
VAL   OXT  O  N N 445 
VAL   H    H  N N 446 
VAL   H2   H  N N 447 
VAL   HA   H  N N 448 
VAL   HB   H  N N 449 
VAL   HG11 H  N N 450 
VAL   HG12 H  N N 451 
VAL   HG13 H  N N 452 
VAL   HG21 H  N N 453 
VAL   HG22 H  N N 454 
VAL   HG23 H  N N 455 
VAL   HXT  H  N N 456 
# 
loop_
_chem_comp_bond.comp_id 
_chem_comp_bond.atom_id_1 
_chem_comp_bond.atom_id_2 
_chem_comp_bond.value_order 
_chem_comp_bond.pdbx_aromatic_flag 
_chem_comp_bond.pdbx_stereo_config 
_chem_comp_bond.pdbx_ordinal 
A1L3S CAF CAB  sing N N 1   
A1L3S NAC CAB  doub Y N 2   
A1L3S NAC OAD  sing Y N 3   
A1L3S CAB CAA  sing Y N 4   
A1L3S FBD CBA  sing N N 5   
A1L3S CBM OBL  sing N N 6   
A1L3S FBE CBB  sing N N 7   
A1L3S OAD CAE  sing Y N 8   
A1L3S CAM CAH  doub Y N 9   
A1L3S CAM CAL  sing Y N 10  
A1L3S CAA CAH  sing N N 11  
A1L3S CAA CAE  doub Y N 12  
A1L3S CBA CBB  doub Y N 13  
A1L3S CBA CAZ  sing Y N 14  
A1L3S OBL CBI  sing N N 15  
A1L3S CBB CBC  sing Y N 16  
A1L3S CAH CAI  sing Y N 17  
A1L3S CAL CAK  doub Y N 18  
A1L3S CBI CBH  sing N N 19  
A1L3S CBI CBJ  sing N N 20  
A1L3S CBH CBG  sing N N 21  
A1L3S CBG CAQ  sing N N 22  
A1L3S CAE CAG  sing N N 23  
A1L3S CAZ CAY  doub Y N 24  
A1L3S CAK CAJ  sing Y N 25  
A1L3S CAK NAP  sing Y N 26  
A1L3S CAI CAJ  doub Y N 27  
A1L3S CBC CAX  doub Y N 28  
A1L3S CBJ CBK  sing N N 29  
A1L3S CAQ CBK  sing N N 30  
A1L3S CAQ NAP  sing N N 31  
A1L3S CAJ NAN  sing Y N 32  
A1L3S NAP CAO  sing Y N 33  
A1L3S CAY CAX  sing Y N 34  
A1L3S CAX NAS  sing N N 35  
A1L3S NAN CAO  doub Y N 36  
A1L3S CAO CAR  sing N N 37  
A1L3S NAS CAR  sing N N 38  
A1L3S NAS CAT  sing N N 39  
A1L3S CAR CAV  sing N N 40  
A1L3S OAW CAT  doub N N 41  
A1L3S CAT CAU  sing N N 42  
A1L3S CAV CAU  sing N N 43  
A1L3S FBF CAU  sing N N 44  
A1L3S CBG H1   sing N N 45  
A1L3S CBG H2   sing N N 46  
A1L3S CBH H3   sing N N 47  
A1L3S CBH H4   sing N N 48  
A1L3S CBI H5   sing N N 49  
A1L3S CBM H6   sing N N 50  
A1L3S CBM H7   sing N N 51  
A1L3S CBM H8   sing N N 52  
A1L3S CBJ H9   sing N N 53  
A1L3S CBJ H10  sing N N 54  
A1L3S CBK H11  sing N N 55  
A1L3S CBK H12  sing N N 56  
A1L3S CAQ H13  sing N N 57  
A1L3S CAL H14  sing N N 58  
A1L3S CAM H15  sing N N 59  
A1L3S CAG H16  sing N N 60  
A1L3S CAG H17  sing N N 61  
A1L3S CAG H18  sing N N 62  
A1L3S CAF H19  sing N N 63  
A1L3S CAF H20  sing N N 64  
A1L3S CAF H21  sing N N 65  
A1L3S CAI H22  sing N N 66  
A1L3S CAR H23  sing N N 67  
A1L3S CAV H24  sing N N 68  
A1L3S CAV H25  sing N N 69  
A1L3S CAU H26  sing N N 70  
A1L3S CBC H27  sing N N 71  
A1L3S CAZ H28  sing N N 72  
A1L3S CAY H29  sing N N 73  
ALA   N   CA   sing N N 74  
ALA   N   H    sing N N 75  
ALA   N   H2   sing N N 76  
ALA   CA  C    sing N N 77  
ALA   CA  CB   sing N N 78  
ALA   CA  HA   sing N N 79  
ALA   C   O    doub N N 80  
ALA   C   OXT  sing N N 81  
ALA   CB  HB1  sing N N 82  
ALA   CB  HB2  sing N N 83  
ALA   CB  HB3  sing N N 84  
ALA   OXT HXT  sing N N 85  
ARG   N   CA   sing N N 86  
ARG   N   H    sing N N 87  
ARG   N   H2   sing N N 88  
ARG   CA  C    sing N N 89  
ARG   CA  CB   sing N N 90  
ARG   CA  HA   sing N N 91  
ARG   C   O    doub N N 92  
ARG   C   OXT  sing N N 93  
ARG   CB  CG   sing N N 94  
ARG   CB  HB2  sing N N 95  
ARG   CB  HB3  sing N N 96  
ARG   CG  CD   sing N N 97  
ARG   CG  HG2  sing N N 98  
ARG   CG  HG3  sing N N 99  
ARG   CD  NE   sing N N 100 
ARG   CD  HD2  sing N N 101 
ARG   CD  HD3  sing N N 102 
ARG   NE  CZ   sing N N 103 
ARG   NE  HE   sing N N 104 
ARG   CZ  NH1  sing N N 105 
ARG   CZ  NH2  doub N N 106 
ARG   NH1 HH11 sing N N 107 
ARG   NH1 HH12 sing N N 108 
ARG   NH2 HH21 sing N N 109 
ARG   NH2 HH22 sing N N 110 
ARG   OXT HXT  sing N N 111 
ASN   N   CA   sing N N 112 
ASN   N   H    sing N N 113 
ASN   N   H2   sing N N 114 
ASN   CA  C    sing N N 115 
ASN   CA  CB   sing N N 116 
ASN   CA  HA   sing N N 117 
ASN   C   O    doub N N 118 
ASN   C   OXT  sing N N 119 
ASN   CB  CG   sing N N 120 
ASN   CB  HB2  sing N N 121 
ASN   CB  HB3  sing N N 122 
ASN   CG  OD1  doub N N 123 
ASN   CG  ND2  sing N N 124 
ASN   ND2 HD21 sing N N 125 
ASN   ND2 HD22 sing N N 126 
ASN   OXT HXT  sing N N 127 
ASP   N   CA   sing N N 128 
ASP   N   H    sing N N 129 
ASP   N   H2   sing N N 130 
ASP   CA  C    sing N N 131 
ASP   CA  CB   sing N N 132 
ASP   CA  HA   sing N N 133 
ASP   C   O    doub N N 134 
ASP   C   OXT  sing N N 135 
ASP   CB  CG   sing N N 136 
ASP   CB  HB2  sing N N 137 
ASP   CB  HB3  sing N N 138 
ASP   CG  OD1  doub N N 139 
ASP   CG  OD2  sing N N 140 
ASP   OD2 HD2  sing N N 141 
ASP   OXT HXT  sing N N 142 
CYS   N   CA   sing N N 143 
CYS   N   H    sing N N 144 
CYS   N   H2   sing N N 145 
CYS   CA  C    sing N N 146 
CYS   CA  CB   sing N N 147 
CYS   CA  HA   sing N N 148 
CYS   C   O    doub N N 149 
CYS   C   OXT  sing N N 150 
CYS   CB  SG   sing N N 151 
CYS   CB  HB2  sing N N 152 
CYS   CB  HB3  sing N N 153 
CYS   SG  HG   sing N N 154 
CYS   OXT HXT  sing N N 155 
GLN   N   CA   sing N N 156 
GLN   N   H    sing N N 157 
GLN   N   H2   sing N N 158 
GLN   CA  C    sing N N 159 
GLN   CA  CB   sing N N 160 
GLN   CA  HA   sing N N 161 
GLN   C   O    doub N N 162 
GLN   C   OXT  sing N N 163 
GLN   CB  CG   sing N N 164 
GLN   CB  HB2  sing N N 165 
GLN   CB  HB3  sing N N 166 
GLN   CG  CD   sing N N 167 
GLN   CG  HG2  sing N N 168 
GLN   CG  HG3  sing N N 169 
GLN   CD  OE1  doub N N 170 
GLN   CD  NE2  sing N N 171 
GLN   NE2 HE21 sing N N 172 
GLN   NE2 HE22 sing N N 173 
GLN   OXT HXT  sing N N 174 
GLU   N   CA   sing N N 175 
GLU   N   H    sing N N 176 
GLU   N   H2   sing N N 177 
GLU   CA  C    sing N N 178 
GLU   CA  CB   sing N N 179 
GLU   CA  HA   sing N N 180 
GLU   C   O    doub N N 181 
GLU   C   OXT  sing N N 182 
GLU   CB  CG   sing N N 183 
GLU   CB  HB2  sing N N 184 
GLU   CB  HB3  sing N N 185 
GLU   CG  CD   sing N N 186 
GLU   CG  HG2  sing N N 187 
GLU   CG  HG3  sing N N 188 
GLU   CD  OE1  doub N N 189 
GLU   CD  OE2  sing N N 190 
GLU   OE2 HE2  sing N N 191 
GLU   OXT HXT  sing N N 192 
GLY   N   CA   sing N N 193 
GLY   N   H    sing N N 194 
GLY   N   H2   sing N N 195 
GLY   CA  C    sing N N 196 
GLY   CA  HA2  sing N N 197 
GLY   CA  HA3  sing N N 198 
GLY   C   O    doub N N 199 
GLY   C   OXT  sing N N 200 
GLY   OXT HXT  sing N N 201 
HIS   N   CA   sing N N 202 
HIS   N   H    sing N N 203 
HIS   N   H2   sing N N 204 
HIS   CA  C    sing N N 205 
HIS   CA  CB   sing N N 206 
HIS   CA  HA   sing N N 207 
HIS   C   O    doub N N 208 
HIS   C   OXT  sing N N 209 
HIS   CB  CG   sing N N 210 
HIS   CB  HB2  sing N N 211 
HIS   CB  HB3  sing N N 212 
HIS   CG  ND1  sing Y N 213 
HIS   CG  CD2  doub Y N 214 
HIS   ND1 CE1  doub Y N 215 
HIS   ND1 HD1  sing N N 216 
HIS   CD2 NE2  sing Y N 217 
HIS   CD2 HD2  sing N N 218 
HIS   CE1 NE2  sing Y N 219 
HIS   CE1 HE1  sing N N 220 
HIS   NE2 HE2  sing N N 221 
HIS   OXT HXT  sing N N 222 
ILE   N   CA   sing N N 223 
ILE   N   H    sing N N 224 
ILE   N   H2   sing N N 225 
ILE   CA  C    sing N N 226 
ILE   CA  CB   sing N N 227 
ILE   CA  HA   sing N N 228 
ILE   C   O    doub N N 229 
ILE   C   OXT  sing N N 230 
ILE   CB  CG1  sing N N 231 
ILE   CB  CG2  sing N N 232 
ILE   CB  HB   sing N N 233 
ILE   CG1 CD1  sing N N 234 
ILE   CG1 HG12 sing N N 235 
ILE   CG1 HG13 sing N N 236 
ILE   CG2 HG21 sing N N 237 
ILE   CG2 HG22 sing N N 238 
ILE   CG2 HG23 sing N N 239 
ILE   CD1 HD11 sing N N 240 
ILE   CD1 HD12 sing N N 241 
ILE   CD1 HD13 sing N N 242 
ILE   OXT HXT  sing N N 243 
LEU   N   CA   sing N N 244 
LEU   N   H    sing N N 245 
LEU   N   H2   sing N N 246 
LEU   CA  C    sing N N 247 
LEU   CA  CB   sing N N 248 
LEU   CA  HA   sing N N 249 
LEU   C   O    doub N N 250 
LEU   C   OXT  sing N N 251 
LEU   CB  CG   sing N N 252 
LEU   CB  HB2  sing N N 253 
LEU   CB  HB3  sing N N 254 
LEU   CG  CD1  sing N N 255 
LEU   CG  CD2  sing N N 256 
LEU   CG  HG   sing N N 257 
LEU   CD1 HD11 sing N N 258 
LEU   CD1 HD12 sing N N 259 
LEU   CD1 HD13 sing N N 260 
LEU   CD2 HD21 sing N N 261 
LEU   CD2 HD22 sing N N 262 
LEU   CD2 HD23 sing N N 263 
LEU   OXT HXT  sing N N 264 
LYS   N   CA   sing N N 265 
LYS   N   H    sing N N 266 
LYS   N   H2   sing N N 267 
LYS   CA  C    sing N N 268 
LYS   CA  CB   sing N N 269 
LYS   CA  HA   sing N N 270 
LYS   C   O    doub N N 271 
LYS   C   OXT  sing N N 272 
LYS   CB  CG   sing N N 273 
LYS   CB  HB2  sing N N 274 
LYS   CB  HB3  sing N N 275 
LYS   CG  CD   sing N N 276 
LYS   CG  HG2  sing N N 277 
LYS   CG  HG3  sing N N 278 
LYS   CD  CE   sing N N 279 
LYS   CD  HD2  sing N N 280 
LYS   CD  HD3  sing N N 281 
LYS   CE  NZ   sing N N 282 
LYS   CE  HE2  sing N N 283 
LYS   CE  HE3  sing N N 284 
LYS   NZ  HZ1  sing N N 285 
LYS   NZ  HZ2  sing N N 286 
LYS   NZ  HZ3  sing N N 287 
LYS   OXT HXT  sing N N 288 
MET   N   CA   sing N N 289 
MET   N   H    sing N N 290 
MET   N   H2   sing N N 291 
MET   CA  C    sing N N 292 
MET   CA  CB   sing N N 293 
MET   CA  HA   sing N N 294 
MET   C   O    doub N N 295 
MET   C   OXT  sing N N 296 
MET   CB  CG   sing N N 297 
MET   CB  HB2  sing N N 298 
MET   CB  HB3  sing N N 299 
MET   CG  SD   sing N N 300 
MET   CG  HG2  sing N N 301 
MET   CG  HG3  sing N N 302 
MET   SD  CE   sing N N 303 
MET   CE  HE1  sing N N 304 
MET   CE  HE2  sing N N 305 
MET   CE  HE3  sing N N 306 
MET   OXT HXT  sing N N 307 
PHE   N   CA   sing N N 308 
PHE   N   H    sing N N 309 
PHE   N   H2   sing N N 310 
PHE   CA  C    sing N N 311 
PHE   CA  CB   sing N N 312 
PHE   CA  HA   sing N N 313 
PHE   C   O    doub N N 314 
PHE   C   OXT  sing N N 315 
PHE   CB  CG   sing N N 316 
PHE   CB  HB2  sing N N 317 
PHE   CB  HB3  sing N N 318 
PHE   CG  CD1  doub Y N 319 
PHE   CG  CD2  sing Y N 320 
PHE   CD1 CE1  sing Y N 321 
PHE   CD1 HD1  sing N N 322 
PHE   CD2 CE2  doub Y N 323 
PHE   CD2 HD2  sing N N 324 
PHE   CE1 CZ   doub Y N 325 
PHE   CE1 HE1  sing N N 326 
PHE   CE2 CZ   sing Y N 327 
PHE   CE2 HE2  sing N N 328 
PHE   CZ  HZ   sing N N 329 
PHE   OXT HXT  sing N N 330 
PRO   N   CA   sing N N 331 
PRO   N   CD   sing N N 332 
PRO   N   H    sing N N 333 
PRO   CA  C    sing N N 334 
PRO   CA  CB   sing N N 335 
PRO   CA  HA   sing N N 336 
PRO   C   O    doub N N 337 
PRO   C   OXT  sing N N 338 
PRO   CB  CG   sing N N 339 
PRO   CB  HB2  sing N N 340 
PRO   CB  HB3  sing N N 341 
PRO   CG  CD   sing N N 342 
PRO   CG  HG2  sing N N 343 
PRO   CG  HG3  sing N N 344 
PRO   CD  HD2  sing N N 345 
PRO   CD  HD3  sing N N 346 
PRO   OXT HXT  sing N N 347 
SER   N   CA   sing N N 348 
SER   N   H    sing N N 349 
SER   N   H2   sing N N 350 
SER   CA  C    sing N N 351 
SER   CA  CB   sing N N 352 
SER   CA  HA   sing N N 353 
SER   C   O    doub N N 354 
SER   C   OXT  sing N N 355 
SER   CB  OG   sing N N 356 
SER   CB  HB2  sing N N 357 
SER   CB  HB3  sing N N 358 
SER   OG  HG   sing N N 359 
SER   OXT HXT  sing N N 360 
THR   N   CA   sing N N 361 
THR   N   H    sing N N 362 
THR   N   H2   sing N N 363 
THR   CA  C    sing N N 364 
THR   CA  CB   sing N N 365 
THR   CA  HA   sing N N 366 
THR   C   O    doub N N 367 
THR   C   OXT  sing N N 368 
THR   CB  OG1  sing N N 369 
THR   CB  CG2  sing N N 370 
THR   CB  HB   sing N N 371 
THR   OG1 HG1  sing N N 372 
THR   CG2 HG21 sing N N 373 
THR   CG2 HG22 sing N N 374 
THR   CG2 HG23 sing N N 375 
THR   OXT HXT  sing N N 376 
TRP   N   CA   sing N N 377 
TRP   N   H    sing N N 378 
TRP   N   H2   sing N N 379 
TRP   CA  C    sing N N 380 
TRP   CA  CB   sing N N 381 
TRP   CA  HA   sing N N 382 
TRP   C   O    doub N N 383 
TRP   C   OXT  sing N N 384 
TRP   CB  CG   sing N N 385 
TRP   CB  HB2  sing N N 386 
TRP   CB  HB3  sing N N 387 
TRP   CG  CD1  doub Y N 388 
TRP   CG  CD2  sing Y N 389 
TRP   CD1 NE1  sing Y N 390 
TRP   CD1 HD1  sing N N 391 
TRP   CD2 CE2  doub Y N 392 
TRP   CD2 CE3  sing Y N 393 
TRP   NE1 CE2  sing Y N 394 
TRP   NE1 HE1  sing N N 395 
TRP   CE2 CZ2  sing Y N 396 
TRP   CE3 CZ3  doub Y N 397 
TRP   CE3 HE3  sing N N 398 
TRP   CZ2 CH2  doub Y N 399 
TRP   CZ2 HZ2  sing N N 400 
TRP   CZ3 CH2  sing Y N 401 
TRP   CZ3 HZ3  sing N N 402 
TRP   CH2 HH2  sing N N 403 
TRP   OXT HXT  sing N N 404 
TYR   N   CA   sing N N 405 
TYR   N   H    sing N N 406 
TYR   N   H2   sing N N 407 
TYR   CA  C    sing N N 408 
TYR   CA  CB   sing N N 409 
TYR   CA  HA   sing N N 410 
TYR   C   O    doub N N 411 
TYR   C   OXT  sing N N 412 
TYR   CB  CG   sing N N 413 
TYR   CB  HB2  sing N N 414 
TYR   CB  HB3  sing N N 415 
TYR   CG  CD1  doub Y N 416 
TYR   CG  CD2  sing Y N 417 
TYR   CD1 CE1  sing Y N 418 
TYR   CD1 HD1  sing N N 419 
TYR   CD2 CE2  doub Y N 420 
TYR   CD2 HD2  sing N N 421 
TYR   CE1 CZ   doub Y N 422 
TYR   CE1 HE1  sing N N 423 
TYR   CE2 CZ   sing Y N 424 
TYR   CE2 HE2  sing N N 425 
TYR   CZ  OH   sing N N 426 
TYR   OH  HH   sing N N 427 
TYR   OXT HXT  sing N N 428 
VAL   N   CA   sing N N 429 
VAL   N   H    sing N N 430 
VAL   N   H2   sing N N 431 
VAL   CA  C    sing N N 432 
VAL   CA  CB   sing N N 433 
VAL   CA  HA   sing N N 434 
VAL   C   O    doub N N 435 
VAL   C   OXT  sing N N 436 
VAL   CB  CG1  sing N N 437 
VAL   CB  CG2  sing N N 438 
VAL   CB  HB   sing N N 439 
VAL   CG1 HG11 sing N N 440 
VAL   CG1 HG12 sing N N 441 
VAL   CG1 HG13 sing N N 442 
VAL   CG2 HG21 sing N N 443 
VAL   CG2 HG22 sing N N 444 
VAL   CG2 HG23 sing N N 445 
VAL   OXT HXT  sing N N 446 
# 
_pdbx_audit_support.funding_organization   'Ministry of Science and Technology (MoST, China)' 
_pdbx_audit_support.country                China 
_pdbx_audit_support.grant_number           2022YFE0210600 
_pdbx_audit_support.ordinal                1 
# 
_pdbx_initial_refinement_model.id               1 
_pdbx_initial_refinement_model.entity_id_list   ? 
_pdbx_initial_refinement_model.type             'experimental model' 
_pdbx_initial_refinement_model.source_name      PDB 
_pdbx_initial_refinement_model.accession_code   7xh6 
_pdbx_initial_refinement_model.details          ? 
# 
_atom_sites.entry_id                    9J6O 
_atom_sites.Cartn_transf_matrix[1][1]   ? 
_atom_sites.Cartn_transf_matrix[1][2]   ? 
_atom_sites.Cartn_transf_matrix[1][3]   ? 
_atom_sites.Cartn_transf_matrix[2][1]   ? 
_atom_sites.Cartn_transf_matrix[2][2]   ? 
_atom_sites.Cartn_transf_matrix[2][3]   ? 
_atom_sites.Cartn_transf_matrix[3][1]   ? 
_atom_sites.Cartn_transf_matrix[3][2]   ? 
_atom_sites.Cartn_transf_matrix[3][3]   ? 
_atom_sites.Cartn_transf_vector[1]      ? 
_atom_sites.Cartn_transf_vector[2]      ? 
_atom_sites.Cartn_transf_vector[3]      ? 
_atom_sites.Cartn_transform_axes        ? 
_atom_sites.fract_transf_matrix[1][1]   -0.00513933 
_atom_sites.fract_transf_matrix[1][2]   -0.02066306 
_atom_sites.fract_transf_matrix[1][3]   -0.01501800 
_atom_sites.fract_transf_matrix[2][1]   0.01426918 
_atom_sites.fract_transf_matrix[2][2]   -0.00688144 
_atom_sites.fract_transf_matrix[2][3]   0.00458501 
_atom_sites.fract_transf_matrix[3][1]   -0.00753501 
_atom_sites.fract_transf_matrix[3][2]   -0.00725523 
_atom_sites.fract_transf_matrix[3][3]   0.01256093 
_atom_sites.fract_transf_vector[1]      -0.195720 
_atom_sites.fract_transf_vector[2]      -0.191460 
_atom_sites.fract_transf_vector[3]      0.172249 
_atom_sites.solution_primary            ? 
_atom_sites.solution_secondary          ? 
_atom_sites.solution_hydrogens          ? 
_atom_sites.special_details             ? 
# 
loop_
_atom_type.symbol 
C  
CL 
F  
N  
O  
S  
# 
loop_
_atom_site.group_PDB 
_atom_site.id 
_atom_site.type_symbol 
_atom_site.label_atom_id 
_atom_site.label_alt_id 
_atom_site.label_comp_id 
_atom_site.label_asym_id 
_atom_site.label_entity_id 
_atom_site.label_seq_id 
_atom_site.pdbx_PDB_ins_code 
_atom_site.Cartn_x 
_atom_site.Cartn_y 
_atom_site.Cartn_z 
_atom_site.occupancy 
_atom_site.B_iso_or_equiv 
_atom_site.pdbx_formal_charge 
_atom_site.auth_seq_id 
_atom_site.auth_comp_id 
_atom_site.auth_asym_id 
_atom_site.auth_atom_id 
_atom_site.pdbx_PDB_model_num 
ATOM   1    N  N   . HIS   A 1 7   ? 20.056  4.064   -21.807 1.00 43.06 ? 1071 HIS   A N   1 
ATOM   2    C  CA  . HIS   A 1 7   ? 19.717  3.462   -20.482 1.00 42.76 ? 1071 HIS   A CA  1 
ATOM   3    C  C   . HIS   A 1 7   ? 20.282  4.350   -19.365 1.00 43.13 ? 1071 HIS   A C   1 
ATOM   4    O  O   . HIS   A 1 7   ? 21.394  4.891   -19.540 1.00 42.84 ? 1071 HIS   A O   1 
ATOM   5    C  CB  . HIS   A 1 7   ? 20.227  2.016   -20.397 1.00 42.05 ? 1071 HIS   A CB  1 
ATOM   6    N  N   . HIS   A 1 8   ? 19.532  4.506   -18.269 1.00 42.43 ? 1072 HIS   A N   1 
ATOM   7    C  CA  . HIS   A 1 8   ? 19.932  5.318   -17.088 1.00 42.61 ? 1072 HIS   A CA  1 
ATOM   8    C  C   . HIS   A 1 8   ? 19.078  4.929   -15.876 1.00 44.08 ? 1072 HIS   A C   1 
ATOM   9    O  O   . HIS   A 1 8   ? 17.862  5.201   -15.894 1.00 47.36 ? 1072 HIS   A O   1 
ATOM   10   C  CB  . HIS   A 1 8   ? 19.839  6.817   -17.406 1.00 41.21 ? 1072 HIS   A CB  1 
ATOM   11   C  CG  . HIS   A 1 8   ? 20.320  7.694   -16.299 1.00 40.81 ? 1072 HIS   A CG  1 
ATOM   12   N  ND1 . HIS   A 1 8   ? 19.633  7.820   -15.105 1.00 42.51 ? 1072 HIS   A ND1 1 
ATOM   13   C  CD2 . HIS   A 1 8   ? 21.407  8.486   -16.195 1.00 40.91 ? 1072 HIS   A CD2 1 
ATOM   14   C  CE1 . HIS   A 1 8   ? 20.279  8.654   -14.313 1.00 41.06 ? 1072 HIS   A CE1 1 
ATOM   15   N  NE2 . HIS   A 1 8   ? 21.371  9.075   -14.958 1.00 41.05 ? 1072 HIS   A NE2 1 
ATOM   16   N  N   . HIS   A 1 9   ? 19.711  4.335   -14.862 1.00 44.06 ? 1073 HIS   A N   1 
ATOM   17   C  CA  . HIS   A 1 9   ? 19.097  3.910   -13.577 1.00 43.96 ? 1073 HIS   A CA  1 
ATOM   18   C  C   . HIS   A 1 9   ? 19.129  5.093   -12.598 1.00 45.02 ? 1073 HIS   A C   1 
ATOM   19   O  O   . HIS   A 1 9   ? 20.212  5.367   -12.048 1.00 45.69 ? 1073 HIS   A O   1 
ATOM   20   C  CB  . HIS   A 1 9   ? 19.832  2.667   -13.056 1.00 43.99 ? 1073 HIS   A CB  1 
ATOM   21   C  CG  . HIS   A 1 9   ? 19.180  2.017   -11.885 1.00 45.47 ? 1073 HIS   A CG  1 
ATOM   22   N  ND1 . HIS   A 1 9   ? 18.349  0.920   -12.019 1.00 45.87 ? 1073 HIS   A ND1 1 
ATOM   23   C  CD2 . HIS   A 1 9   ? 19.235  2.297   -10.565 1.00 45.08 ? 1073 HIS   A CD2 1 
ATOM   24   C  CE1 . HIS   A 1 9   ? 17.919  0.551   -10.829 1.00 45.94 ? 1073 HIS   A CE1 1 
ATOM   25   N  NE2 . HIS   A 1 9   ? 18.450  1.380   -9.919  1.00 45.51 ? 1073 HIS   A NE2 1 
ATOM   26   N  N   . HIS   A 1 10  ? 17.986  5.764   -12.402 1.00 46.52 ? 1074 HIS   A N   1 
ATOM   27   C  CA  . HIS   A 1 10  ? 17.839  7.022   -11.612 1.00 46.02 ? 1074 HIS   A CA  1 
ATOM   28   C  C   . HIS   A 1 10  ? 17.936  6.722   -10.109 1.00 45.68 ? 1074 HIS   A C   1 
ATOM   29   O  O   . HIS   A 1 10  ? 17.382  5.683   -9.689  1.00 43.59 ? 1074 HIS   A O   1 
ATOM   30   C  CB  . HIS   A 1 10  ? 16.525  7.741   -11.968 1.00 45.57 ? 1074 HIS   A CB  1 
ATOM   31   C  CG  . HIS   A 1 10  ? 16.457  8.246   -13.372 1.00 45.07 ? 1074 HIS   A CG  1 
ATOM   32   N  N   . LYS   A 1 18  ? 16.253  15.483  -2.280  1.00 70.41 ? 1082 LYS   A N   1 
ATOM   33   C  CA  . LYS   A 1 18  ? 16.304  16.939  -2.587  1.00 69.20 ? 1082 LYS   A CA  1 
ATOM   34   C  C   . LYS   A 1 18  ? 15.644  17.198  -3.948  1.00 68.44 ? 1082 LYS   A C   1 
ATOM   35   O  O   . LYS   A 1 18  ? 16.259  17.896  -4.777  1.00 66.88 ? 1082 LYS   A O   1 
ATOM   36   C  CB  . LYS   A 1 18  ? 17.753  17.441  -2.562  1.00 68.72 ? 1082 LYS   A CB  1 
ATOM   37   N  N   . LYS   A 1 19  ? 14.449  16.635  -4.166  1.00 66.62 ? 1083 LYS   A N   1 
ATOM   38   C  CA  . LYS   A 1 19  ? 13.530  16.981  -5.286  1.00 63.81 ? 1083 LYS   A CA  1 
ATOM   39   C  C   . LYS   A 1 19  ? 12.104  17.034  -4.735  1.00 61.09 ? 1083 LYS   A C   1 
ATOM   40   O  O   . LYS   A 1 19  ? 11.844  16.356  -3.725  1.00 60.83 ? 1083 LYS   A O   1 
ATOM   41   C  CB  . LYS   A 1 19  ? 13.636  15.976  -6.438  1.00 64.79 ? 1083 LYS   A CB  1 
ATOM   42   C  CG  . LYS   A 1 19  ? 12.927  16.402  -7.716  1.00 66.04 ? 1083 LYS   A CG  1 
ATOM   43   C  CD  . LYS   A 1 19  ? 13.201  15.512  -8.908  1.00 67.43 ? 1083 LYS   A CD  1 
ATOM   44   C  CE  . LYS   A 1 19  ? 12.630  16.071  -10.195 1.00 69.26 ? 1083 LYS   A CE  1 
ATOM   45   N  NZ  . LYS   A 1 19  ? 12.798  15.133  -11.332 1.00 70.02 ? 1083 LYS   A NZ  1 
ATOM   46   N  N   . ILE   A 1 20  ? 11.222  17.807  -5.376  1.00 58.39 ? 1084 ILE   A N   1 
ATOM   47   C  CA  . ILE   A 1 20  ? 9.837   18.087  -4.888  1.00 54.97 ? 1084 ILE   A CA  1 
ATOM   48   C  C   . ILE   A 1 20  ? 8.859   18.015  -6.067  1.00 52.08 ? 1084 ILE   A C   1 
ATOM   49   O  O   . ILE   A 1 20  ? 9.047   18.761  -7.043  1.00 52.47 ? 1084 ILE   A O   1 
ATOM   50   C  CB  . ILE   A 1 20  ? 9.776   19.438  -4.141  1.00 55.55 ? 1084 ILE   A CB  1 
ATOM   51   C  CG1 . ILE   A 1 20  ? 8.433   20.146  -4.337  1.00 56.19 ? 1084 ILE   A CG1 1 
ATOM   52   C  CG2 . ILE   A 1 20  ? 10.941  20.343  -4.525  1.00 56.47 ? 1084 ILE   A CG2 1 
ATOM   53   C  CD1 . ILE   A 1 20  ? 8.104   21.126  -3.246  1.00 58.12 ? 1084 ILE   A CD1 1 
ATOM   54   N  N   . PHE   A 1 21  ? 7.839   17.160  -5.951  1.00 49.96 ? 1085 PHE   A N   1 
ATOM   55   C  CA  . PHE   A 1 21  ? 6.790   16.914  -6.974  1.00 49.63 ? 1085 PHE   A CA  1 
ATOM   56   C  C   . PHE   A 1 21  ? 5.479   17.574  -6.527  1.00 50.01 ? 1085 PHE   A C   1 
ATOM   57   O  O   . PHE   A 1 21  ? 5.310   17.827  -5.320  1.00 49.84 ? 1085 PHE   A O   1 
ATOM   58   C  CB  . PHE   A 1 21  ? 6.610   15.409  -7.199  1.00 49.40 ? 1085 PHE   A CB  1 
ATOM   59   C  CG  . PHE   A 1 21  ? 7.839   14.688  -7.697  1.00 48.38 ? 1085 PHE   A CG  1 
ATOM   60   C  CD1 . PHE   A 1 21  ? 8.909   14.438  -6.852  1.00 48.34 ? 1085 PHE   A CD1 1 
ATOM   61   C  CD2 . PHE   A 1 21  ? 7.923   14.253  -9.011  1.00 48.02 ? 1085 PHE   A CD2 1 
ATOM   62   C  CE1 . PHE   A 1 21  ? 10.039  13.775  -7.309  1.00 47.66 ? 1085 PHE   A CE1 1 
ATOM   63   C  CE2 . PHE   A 1 21  ? 9.052   13.590  -9.467  1.00 48.85 ? 1085 PHE   A CE2 1 
ATOM   64   C  CZ  . PHE   A 1 21  ? 10.109  13.353  -8.615  1.00 48.57 ? 1085 PHE   A CZ  1 
ATOM   65   N  N   . LYS   A 1 22  ? 4.583   17.834  -7.483  1.00 52.24 ? 1086 LYS   A N   1 
ATOM   66   C  CA  . LYS   A 1 22  ? 3.230   18.414  -7.260  1.00 53.59 ? 1086 LYS   A CA  1 
ATOM   67   C  C   . LYS   A 1 22  ? 2.229   17.276  -7.066  1.00 54.56 ? 1086 LYS   A C   1 
ATOM   68   O  O   . LYS   A 1 22  ? 2.402   16.198  -7.631  1.00 55.70 ? 1086 LYS   A O   1 
ATOM   69   C  CB  . LYS   A 1 22  ? 2.800   19.275  -8.453  1.00 54.74 ? 1086 LYS   A CB  1 
ATOM   70   C  CG  . LYS   A 1 22  ? 3.828   20.287  -8.950  1.00 55.67 ? 1086 LYS   A CG  1 
ATOM   71   C  CD  . LYS   A 1 22  ? 3.418   21.061  -10.196 1.00 54.99 ? 1086 LYS   A CD  1 
ATOM   72   C  CE  . LYS   A 1 22  ? 2.572   20.267  -11.170 1.00 55.16 ? 1086 LYS   A CE  1 
ATOM   73   N  NZ  . LYS   A 1 22  ? 2.460   20.942  -12.483 1.00 54.99 ? 1086 LYS   A NZ  1 
ATOM   74   N  N   . PRO   A 1 23  ? 1.144   17.475  -6.281  1.00 54.91 ? 1087 PRO   A N   1 
ATOM   75   C  CA  . PRO   A 1 23  ? 0.101   16.457  -6.129  1.00 53.57 ? 1087 PRO   A CA  1 
ATOM   76   C  C   . PRO   A 1 23  ? -0.416  15.868  -7.453  1.00 54.06 ? 1087 PRO   A C   1 
ATOM   77   O  O   . PRO   A 1 23  ? -0.635  14.671  -7.491  1.00 56.62 ? 1087 PRO   A O   1 
ATOM   78   C  CB  . PRO   A 1 23  ? -1.021  17.211  -5.401  1.00 53.27 ? 1087 PRO   A CB  1 
ATOM   79   C  CG  . PRO   A 1 23  ? -0.294  18.264  -4.597  1.00 53.42 ? 1087 PRO   A CG  1 
ATOM   80   C  CD  . PRO   A 1 23  ? 0.885   18.668  -5.459  1.00 53.69 ? 1087 PRO   A CD  1 
ATOM   81   N  N   . GLU   A 1 24  ? -0.590  16.697  -8.491  1.00 54.11 ? 1088 GLU   A N   1 
ATOM   82   C  CA  . GLU   A 1 24  ? -1.072  16.261  -9.835  1.00 54.36 ? 1088 GLU   A CA  1 
ATOM   83   C  C   . GLU   A 1 24  ? -0.044  15.325  -10.488 1.00 54.29 ? 1088 GLU   A C   1 
ATOM   84   O  O   . GLU   A 1 24  ? -0.476  14.314  -11.083 1.00 51.13 ? 1088 GLU   A O   1 
ATOM   85   C  CB  . GLU   A 1 24  ? -1.364  17.455  -10.750 1.00 56.48 ? 1088 GLU   A CB  1 
ATOM   86   C  CG  . GLU   A 1 24  ? -2.844  17.671  -11.024 1.00 57.56 ? 1088 GLU   A CG  1 
ATOM   87   C  CD  . GLU   A 1 24  ? -3.560  16.484  -11.652 1.00 57.88 ? 1088 GLU   A CD  1 
ATOM   88   O  OE1 . GLU   A 1 24  ? -4.362  15.837  -10.944 1.00 58.89 ? 1088 GLU   A OE1 1 
ATOM   89   O  OE2 . GLU   A 1 24  ? -3.316  16.209  -12.845 1.00 56.93 ? 1088 GLU   A OE2 1 
ATOM   90   N  N   . GLU   A 1 25  ? 1.252   15.657  -10.398 1.00 54.22 ? 1089 GLU   A N   1 
ATOM   91   C  CA  . GLU   A 1 25  ? 2.375   14.844  -10.949 1.00 54.53 ? 1089 GLU   A CA  1 
ATOM   92   C  C   . GLU   A 1 25  ? 2.333   13.435  -10.343 1.00 53.28 ? 1089 GLU   A C   1 
ATOM   93   O  O   . GLU   A 1 25  ? 2.487   12.461  -11.105 1.00 51.99 ? 1089 GLU   A O   1 
ATOM   94   C  CB  . GLU   A 1 25  ? 3.736   15.485  -10.652 1.00 55.74 ? 1089 GLU   A CB  1 
ATOM   95   C  CG  . GLU   A 1 25  ? 4.048   16.723  -11.478 1.00 56.50 ? 1089 GLU   A CG  1 
ATOM   96   C  CD  . GLU   A 1 25  ? 5.396   17.370  -11.177 1.00 57.99 ? 1089 GLU   A CD  1 
ATOM   97   O  OE1 . GLU   A 1 25  ? 6.227   17.468  -12.106 1.00 57.26 ? 1089 GLU   A OE1 1 
ATOM   98   O  OE2 . GLU   A 1 25  ? 5.618   17.775  -10.013 1.00 54.36 ? 1089 GLU   A OE2 1 
ATOM   99   N  N   . LEU   A 1 26  ? 2.140   13.336  -9.024  1.00 51.12 ? 1090 LEU   A N   1 
ATOM   100  C  CA  . LEU   A 1 26  ? 2.220   12.057  -8.268  1.00 50.62 ? 1090 LEU   A CA  1 
ATOM   101  C  C   . LEU   A 1 26  ? 0.972   11.212  -8.546  1.00 50.43 ? 1090 LEU   A C   1 
ATOM   102  O  O   . LEU   A 1 26  ? 1.131   9.987   -8.707  1.00 52.11 ? 1090 LEU   A O   1 
ATOM   103  C  CB  . LEU   A 1 26  ? 2.377   12.338  -6.770  1.00 50.41 ? 1090 LEU   A CB  1 
ATOM   104  C  CG  . LEU   A 1 26  ? 3.734   12.892  -6.330  1.00 50.17 ? 1090 LEU   A CG  1 
ATOM   105  C  CD1 . LEU   A 1 26  ? 3.740   13.153  -4.832  1.00 49.92 ? 1090 LEU   A CD1 1 
ATOM   106  C  CD2 . LEU   A 1 26  ? 4.873   11.953  -6.709  1.00 50.08 ? 1090 LEU   A CD2 1 
ATOM   107  N  N   . ARG   A 1 27  ? -0.215  11.831  -8.591  1.00 46.94 ? 1091 ARG   A N   1 
ATOM   108  C  CA  . ARG   A 1 27  ? -1.502  11.134  -8.872  1.00 44.96 ? 1091 ARG   A CA  1 
ATOM   109  C  C   . ARG   A 1 27  ? -1.436  10.501  -10.267 1.00 42.80 ? 1091 ARG   A C   1 
ATOM   110  O  O   . ARG   A 1 27  ? -1.735  9.300   -10.389 1.00 41.66 ? 1091 ARG   A O   1 
ATOM   111  C  CB  . ARG   A 1 27  ? -2.697  12.087  -8.774  1.00 45.32 ? 1091 ARG   A CB  1 
ATOM   112  C  CG  . ARG   A 1 27  ? -3.431  12.044  -7.441  1.00 46.13 ? 1091 ARG   A CG  1 
ATOM   113  C  CD  . ARG   A 1 27  ? -4.725  12.845  -7.470  1.00 46.63 ? 1091 ARG   A CD  1 
ATOM   114  N  NE  . ARG   A 1 27  ? -4.551  14.189  -8.019  1.00 46.18 ? 1091 ARG   A NE  1 
ATOM   115  C  CZ  . ARG   A 1 27  ? -4.255  15.290  -7.322  1.00 45.83 ? 1091 ARG   A CZ  1 
ATOM   116  N  NH1 . ARG   A 1 27  ? -4.091  15.253  -6.009  1.00 45.37 ? 1091 ARG   A NH1 1 
ATOM   117  N  NH2 . ARG   A 1 27  ? -4.122  16.441  -7.957  1.00 46.46 ? 1091 ARG   A NH2 1 
ATOM   118  N  N   . GLN   A 1 28  ? -1.052  11.280  -11.281 1.00 40.81 ? 1092 GLN   A N   1 
ATOM   119  C  CA  . GLN   A 1 28  ? -0.904  10.795  -12.680 1.00 39.60 ? 1092 GLN   A CA  1 
ATOM   120  C  C   . GLN   A 1 28  ? 0.013   9.561   -12.691 1.00 36.86 ? 1092 GLN   A C   1 
ATOM   121  O  O   . GLN   A 1 28  ? -0.347  8.564   -13.337 1.00 36.16 ? 1092 GLN   A O   1 
ATOM   122  C  CB  . GLN   A 1 28  ? -0.370  11.918  -13.572 1.00 40.94 ? 1092 GLN   A CB  1 
ATOM   123  C  CG  . GLN   A 1 28  ? -1.398  13.001  -13.868 1.00 41.91 ? 1092 GLN   A CG  1 
ATOM   124  C  CD  . GLN   A 1 28  ? -2.460  12.543  -14.838 1.00 42.68 ? 1092 GLN   A CD  1 
ATOM   125  O  OE1 . GLN   A 1 28  ? -3.644  12.487  -14.509 1.00 44.01 ? 1092 GLN   A OE1 1 
ATOM   126  N  NE2 . GLN   A 1 28  ? -2.044  12.214  -16.050 1.00 41.96 ? 1092 GLN   A NE2 1 
ATOM   127  N  N   . ALA   A 1 29  ? 1.128   9.613   -11.961 1.00 34.06 ? 1093 ALA   A N   1 
ATOM   128  C  CA  . ALA   A 1 29  ? 2.179   8.568   -11.945 1.00 33.07 ? 1093 ALA   A CA  1 
ATOM   129  C  C   . ALA   A 1 29  ? 1.767   7.367   -11.081 1.00 31.40 ? 1093 ALA   A C   1 
ATOM   130  O  O   . ALA   A 1 29  ? 1.915   6.229   -11.564 1.00 29.37 ? 1093 ALA   A O   1 
ATOM   131  C  CB  . ALA   A 1 29  ? 3.479   9.163   -11.461 1.00 32.60 ? 1093 ALA   A CB  1 
ATOM   132  N  N   . LEU   A 1 30  ? 1.276   7.606   -9.860  1.00 31.73 ? 1094 LEU   A N   1 
ATOM   133  C  CA  . LEU   A 1 30  ? 1.204   6.584   -8.779  1.00 33.25 ? 1094 LEU   A CA  1 
ATOM   134  C  C   . LEU   A 1 30  ? -0.212  6.010   -8.620  1.00 34.52 ? 1094 LEU   A C   1 
ATOM   135  O  O   . LEU   A 1 30  ? -0.312  4.887   -8.084  1.00 34.84 ? 1094 LEU   A O   1 
ATOM   136  C  CB  . LEU   A 1 30  ? 1.703   7.199   -7.465  1.00 32.57 ? 1094 LEU   A CB  1 
ATOM   137  C  CG  . LEU   A 1 30  ? 3.130   7.752   -7.497  1.00 33.16 ? 1094 LEU   A CG  1 
ATOM   138  C  CD1 . LEU   A 1 30  ? 3.511   8.382   -6.163  1.00 33.08 ? 1094 LEU   A CD1 1 
ATOM   139  C  CD2 . LEU   A 1 30  ? 4.130   6.669   -7.878  1.00 32.98 ? 1094 LEU   A CD2 1 
ATOM   140  N  N   . MET   A 1 31  ? -1.262  6.724   -9.040  1.00 36.24 ? 1095 MET   A N   1 
ATOM   141  C  CA  . MET   A 1 31  ? -2.668  6.246   -8.910  1.00 38.91 ? 1095 MET   A CA  1 
ATOM   142  C  C   . MET   A 1 31  ? -2.855  4.976   -9.742  1.00 37.28 ? 1095 MET   A C   1 
ATOM   143  O  O   . MET   A 1 31  ? -3.491  4.033   -9.280  1.00 36.91 ? 1095 MET   A O   1 
ATOM   144  C  CB  . MET   A 1 31  ? -3.688  7.314   -9.326  1.00 42.70 ? 1095 MET   A CB  1 
ATOM   145  C  CG  . MET   A 1 31  ? -5.145  6.954   -9.017  1.00 45.46 ? 1095 MET   A CG  1 
ATOM   146  S  SD  . MET   A 1 31  ? -5.518  6.770   -7.245  1.00 49.57 ? 1095 MET   A SD  1 
ATOM   147  C  CE  . MET   A 1 31  ? -5.467  8.480   -6.706  1.00 49.93 ? 1095 MET   A CE  1 
ATOM   148  N  N   . PRO   A 1 32  ? -2.311  4.879   -10.979 1.00 36.59 ? 1096 PRO   A N   1 
ATOM   149  C  CA  . PRO   A 1 32  ? -2.411  3.643   -11.761 1.00 35.60 ? 1096 PRO   A CA  1 
ATOM   150  C  C   . PRO   A 1 32  ? -1.833  2.400   -11.065 1.00 34.43 ? 1096 PRO   A C   1 
ATOM   151  O  O   . PRO   A 1 32  ? -2.329  1.323   -11.329 1.00 34.05 ? 1096 PRO   A O   1 
ATOM   152  C  CB  . PRO   A 1 32  ? -1.610  3.945   -13.039 1.00 35.35 ? 1096 PRO   A CB  1 
ATOM   153  C  CG  . PRO   A 1 32  ? -1.656  5.456   -13.154 1.00 35.61 ? 1096 PRO   A CG  1 
ATOM   154  C  CD  . PRO   A 1 32  ? -1.629  5.952   -11.723 1.00 36.08 ? 1096 PRO   A CD  1 
ATOM   155  N  N   . THR   A 1 33  ? -0.811  2.564   -10.215 1.00 34.05 ? 1097 THR   A N   1 
ATOM   156  C  CA  . THR   A 1 33  ? -0.196  1.454   -9.432  1.00 34.57 ? 1097 THR   A CA  1 
ATOM   157  C  C   . THR   A 1 33  ? -1.137  1.061   -8.287  1.00 33.93 ? 1097 THR   A C   1 
ATOM   158  O  O   . THR   A 1 33  ? -1.293  -0.145  -8.045  1.00 33.72 ? 1097 THR   A O   1 
ATOM   159  C  CB  . THR   A 1 33  ? 1.194   1.806   -8.884  1.00 35.30 ? 1097 THR   A CB  1 
ATOM   160  O  OG1 . THR   A 1 33  ? 1.049   2.753   -7.826  1.00 35.67 ? 1097 THR   A OG1 1 
ATOM   161  C  CG2 . THR   A 1 33  ? 2.129   2.352   -9.941  1.00 35.66 ? 1097 THR   A CG2 1 
ATOM   162  N  N   . LEU   A 1 34  ? -1.738  2.051   -7.622  1.00 33.41 ? 1098 LEU   A N   1 
ATOM   163  C  CA  . LEU   A 1 34  ? -2.742  1.864   -6.542  1.00 33.83 ? 1098 LEU   A CA  1 
ATOM   164  C  C   . LEU   A 1 34  ? -4.003  1.195   -7.107  1.00 34.82 ? 1098 LEU   A C   1 
ATOM   165  O  O   . LEU   A 1 34  ? -4.548  0.309   -6.421  1.00 35.04 ? 1098 LEU   A O   1 
ATOM   166  C  CB  . LEU   A 1 34  ? -3.067  3.227   -5.923  1.00 33.42 ? 1098 LEU   A CB  1 
ATOM   167  C  CG  . LEU   A 1 34  ? -4.026  3.199   -4.734  1.00 33.37 ? 1098 LEU   A CG  1 
ATOM   168  C  CD1 . LEU   A 1 34  ? -3.443  2.392   -3.584  1.00 33.43 ? 1098 LEU   A CD1 1 
ATOM   169  C  CD2 . LEU   A 1 34  ? -4.362  4.608   -4.276  1.00 34.13 ? 1098 LEU   A CD2 1 
ATOM   170  N  N   . GLU   A 1 35  ? -4.450  1.605   -8.300  1.00 35.37 ? 1099 GLU   A N   1 
ATOM   171  C  CA  . GLU   A 1 35  ? -5.645  1.033   -8.979  1.00 37.94 ? 1099 GLU   A CA  1 
ATOM   172  C  C   . GLU   A 1 35  ? -5.387  -0.436  -9.336  1.00 36.68 ? 1099 GLU   A C   1 
ATOM   173  O  O   . GLU   A 1 35  ? -6.321  -1.251  -9.199  1.00 35.56 ? 1099 GLU   A O   1 
ATOM   174  C  CB  . GLU   A 1 35  ? -6.014  1.841   -10.227 1.00 41.65 ? 1099 GLU   A CB  1 
ATOM   175  C  CG  . GLU   A 1 35  ? -6.947  3.004   -9.935  1.00 45.25 ? 1099 GLU   A CG  1 
ATOM   176  C  CD  . GLU   A 1 35  ? -7.667  3.560   -11.153 1.00 50.39 ? 1099 GLU   A CD  1 
ATOM   177  O  OE1 . GLU   A 1 35  ? -8.094  2.747   -12.014 1.00 52.55 ? 1099 GLU   A OE1 1 
ATOM   178  O  OE2 . GLU   A 1 35  ? -7.800  4.804   -11.239 1.00 52.76 ? 1099 GLU   A OE2 1 
ATOM   179  N  N   . ALA   A 1 36  ? -4.168  -0.758  -9.776  1.00 36.69 ? 1100 ALA   A N   1 
ATOM   180  C  CA  . ALA   A 1 36  ? -3.731  -2.137  -10.097 1.00 35.43 ? 1100 ALA   A CA  1 
ATOM   181  C  C   . ALA   A 1 36  ? -3.987  -3.033  -8.884  1.00 35.55 ? 1100 ALA   A C   1 
ATOM   182  O  O   . ALA   A 1 36  ? -4.445  -4.172  -9.086  1.00 36.90 ? 1100 ALA   A O   1 
ATOM   183  C  CB  . ALA   A 1 36  ? -2.280  -2.152  -10.503 1.00 34.61 ? 1100 ALA   A CB  1 
ATOM   184  N  N   . LEU   A 1 37  ? -3.732  -2.521  -7.675  1.00 35.15 ? 1101 LEU   A N   1 
ATOM   185  C  CA  . LEU   A 1 37  ? -3.955  -3.255  -6.401  1.00 35.39 ? 1101 LEU   A CA  1 
ATOM   186  C  C   . LEU   A 1 37  ? -5.456  -3.477  -6.210  1.00 34.35 ? 1101 LEU   A C   1 
ATOM   187  O  O   . LEU   A 1 37  ? -5.852  -4.629  -5.991  1.00 34.66 ? 1101 LEU   A O   1 
ATOM   188  C  CB  . LEU   A 1 37  ? -3.360  -2.474  -5.223  1.00 36.30 ? 1101 LEU   A CB  1 
ATOM   189  C  CG  . LEU   A 1 37  ? -1.858  -2.183  -5.286  1.00 36.45 ? 1101 LEU   A CG  1 
ATOM   190  C  CD1 . LEU   A 1 37  ? -1.320  -1.863  -3.899  1.00 36.57 ? 1101 LEU   A CD1 1 
ATOM   191  C  CD2 . LEU   A 1 37  ? -1.083  -3.345  -5.896  1.00 36.70 ? 1101 LEU   A CD2 1 
ATOM   192  N  N   . TYR   A 1 38  ? -6.255  -2.413  -6.318  1.00 34.40 ? 1102 TYR   A N   1 
ATOM   193  C  CA  . TYR   A 1 38  ? -7.729  -2.440  -6.124  1.00 34.56 ? 1102 TYR   A CA  1 
ATOM   194  C  C   . TYR   A 1 38  ? -8.362  -3.472  -7.067  1.00 35.65 ? 1102 TYR   A C   1 
ATOM   195  O  O   . TYR   A 1 38  ? -9.341  -4.116  -6.657  1.00 36.29 ? 1102 TYR   A O   1 
ATOM   196  C  CB  . TYR   A 1 38  ? -8.339  -1.055  -6.347  1.00 34.14 ? 1102 TYR   A CB  1 
ATOM   197  C  CG  . TYR   A 1 38  ? -8.406  -0.166  -5.130  1.00 34.32 ? 1102 TYR   A CG  1 
ATOM   198  C  CD1 . TYR   A 1 38  ? -7.349  0.664   -4.784  1.00 33.90 ? 1102 TYR   A CD1 1 
ATOM   199  C  CD2 . TYR   A 1 38  ? -9.545  -0.122  -4.340  1.00 34.40 ? 1102 TYR   A CD2 1 
ATOM   200  C  CE1 . TYR   A 1 38  ? -7.418  1.502   -3.682  1.00 34.35 ? 1102 TYR   A CE1 1 
ATOM   201  C  CE2 . TYR   A 1 38  ? -9.631  0.709   -3.233  1.00 34.02 ? 1102 TYR   A CE2 1 
ATOM   202  C  CZ  . TYR   A 1 38  ? -8.566  1.529   -2.905  1.00 35.21 ? 1102 TYR   A CZ  1 
ATOM   203  O  OH  . TYR   A 1 38  ? -8.646  2.349   -1.813  1.00 36.76 ? 1102 TYR   A OH  1 
ATOM   204  N  N   . ARG   A 1 39  ? -7.817  -3.632  -8.277  1.00 37.29 ? 1103 ARG   A N   1 
ATOM   205  C  CA  . ARG   A 1 39  ? -8.371  -4.533  -9.325  1.00 39.46 ? 1103 ARG   A CA  1 
ATOM   206  C  C   . ARG   A 1 39  ? -8.125  -6.011  -8.984  1.00 39.52 ? 1103 ARG   A C   1 
ATOM   207  O  O   . ARG   A 1 39  ? -8.849  -6.853  -9.543  1.00 38.04 ? 1103 ARG   A O   1 
ATOM   208  C  CB  . ARG   A 1 39  ? -7.789  -4.200  -10.700 1.00 41.42 ? 1103 ARG   A CB  1 
ATOM   209  C  CG  . ARG   A 1 39  ? -8.454  -3.006  -11.371 1.00 44.11 ? 1103 ARG   A CG  1 
ATOM   210  C  CD  . ARG   A 1 39  ? -8.343  -3.077  -12.881 1.00 46.46 ? 1103 ARG   A CD  1 
ATOM   211  N  NE  . ARG   A 1 39  ? -6.990  -3.409  -13.306 1.00 48.58 ? 1103 ARG   A NE  1 
ATOM   212  C  CZ  . ARG   A 1 39  ? -5.971  -2.552  -13.366 1.00 49.82 ? 1103 ARG   A CZ  1 
ATOM   213  N  NH1 . ARG   A 1 39  ? -4.783  -2.972  -13.769 1.00 51.24 ? 1103 ARG   A NH1 1 
ATOM   214  N  NH2 . ARG   A 1 39  ? -6.134  -1.284  -13.025 1.00 50.45 ? 1103 ARG   A NH2 1 
ATOM   215  N  N   . GLN   A 1 40  ? -7.150  -6.326  -8.125  1.00 41.14 ? 1104 GLN   A N   1 
ATOM   216  C  CA  . GLN   A 1 40  ? -6.907  -7.719  -7.656  1.00 41.43 ? 1104 GLN   A CA  1 
ATOM   217  C  C   . GLN   A 1 40  ? -8.066  -8.124  -6.739  1.00 41.07 ? 1104 GLN   A C   1 
ATOM   218  O  O   . GLN   A 1 40  ? -8.145  -7.608  -5.608  1.00 42.04 ? 1104 GLN   A O   1 
ATOM   219  C  CB  . GLN   A 1 40  ? -5.551  -7.856  -6.962  1.00 42.14 ? 1104 GLN   A CB  1 
ATOM   220  C  CG  . GLN   A 1 40  ? -4.371  -7.530  -7.863  1.00 43.51 ? 1104 GLN   A CG  1 
ATOM   221  C  CD  . GLN   A 1 40  ? -4.424  -8.264  -9.180  1.00 44.64 ? 1104 GLN   A CD  1 
ATOM   222  O  OE1 . GLN   A 1 40  ? -4.697  -9.462  -9.235  1.00 46.88 ? 1104 GLN   A OE1 1 
ATOM   223  N  NE2 . GLN   A 1 40  ? -4.155  -7.545  -10.258 1.00 45.06 ? 1104 GLN   A NE2 1 
ATOM   224  N  N   . ASP   A 1 41  ? -8.942  -8.995  -7.244  1.00 40.37 ? 1105 ASP   A N   1 
ATOM   225  C  CA  . ASP   A 1 41  ? -10.198 -9.434  -6.585  1.00 40.07 ? 1105 ASP   A CA  1 
ATOM   226  C  C   . ASP   A 1 41  ? -10.157 -10.956 -6.507  1.00 39.10 ? 1105 ASP   A C   1 
ATOM   227  O  O   . ASP   A 1 41  ? -9.941  -11.603 -7.529  1.00 39.32 ? 1105 ASP   A O   1 
ATOM   228  C  CB  . ASP   A 1 41  ? -11.408 -8.907  -7.360  1.00 41.27 ? 1105 ASP   A CB  1 
ATOM   229  C  CG  . ASP   A 1 41  ? -12.752 -9.170  -6.704  1.00 42.35 ? 1105 ASP   A CG  1 
ATOM   230  O  OD1 . ASP   A 1 41  ? -12.891 -10.218 -6.050  1.00 43.16 ? 1105 ASP   A OD1 1 
ATOM   231  O  OD2 . ASP   A 1 41  ? -13.657 -8.328  -6.868  1.00 43.51 ? 1105 ASP   A OD2 1 
ATOM   232  N  N   . PRO   A 1 42  ? -10.359 -11.587 -5.322  1.00 37.38 ? 1106 PRO   A N   1 
ATOM   233  C  CA  . PRO   A 1 42  ? -10.740 -10.894 -4.085  1.00 37.10 ? 1106 PRO   A CA  1 
ATOM   234  C  C   . PRO   A 1 42  ? -9.609  -10.374 -3.180  1.00 36.52 ? 1106 PRO   A C   1 
ATOM   235  O  O   . PRO   A 1 42  ? -9.911  -9.881  -2.108  1.00 34.67 ? 1106 PRO   A O   1 
ATOM   236  C  CB  . PRO   A 1 42  ? -11.494 -12.013 -3.351  1.00 36.54 ? 1106 PRO   A CB  1 
ATOM   237  C  CG  . PRO   A 1 42  ? -10.722 -13.261 -3.706  1.00 36.57 ? 1106 PRO   A CG  1 
ATOM   238  C  CD  . PRO   A 1 42  ? -10.262 -13.043 -5.133  1.00 36.45 ? 1106 PRO   A CD  1 
ATOM   239  N  N   . GLU   A 1 43  ? -8.359  -10.443 -3.645  1.00 37.94 ? 1107 GLU   A N   1 
ATOM   240  C  CA  . GLU   A 1 43  ? -7.135  -10.286 -2.811  1.00 39.43 ? 1107 GLU   A CA  1 
ATOM   241  C  C   . GLU   A 1 43  ? -7.094  -8.918  -2.104  1.00 39.55 ? 1107 GLU   A C   1 
ATOM   242  O  O   . GLU   A 1 43  ? -6.444  -8.844  -1.042  1.00 37.99 ? 1107 GLU   A O   1 
ATOM   243  C  CB  . GLU   A 1 43  ? -5.880  -10.488 -3.665  1.00 40.43 ? 1107 GLU   A CB  1 
ATOM   244  C  CG  . GLU   A 1 43  ? -5.654  -11.931 -4.092  1.00 41.24 ? 1107 GLU   A CG  1 
ATOM   245  C  CD  . GLU   A 1 43  ? -6.315  -12.370 -5.392  1.00 42.06 ? 1107 GLU   A CD  1 
ATOM   246  O  OE1 . GLU   A 1 43  ? -7.004  -11.541 -6.033  1.00 41.58 ? 1107 GLU   A OE1 1 
ATOM   247  O  OE2 . GLU   A 1 43  ? -6.122  -13.545 -5.770  1.00 41.68 ? 1107 GLU   A OE2 1 
ATOM   248  N  N   . SER   A 1 44  ? -7.729  -7.877  -2.661  1.00 38.83 ? 1108 SER   A N   1 
ATOM   249  C  CA  . SER   A 1 44  ? -7.627  -6.476  -2.166  1.00 38.69 ? 1108 SER   A CA  1 
ATOM   250  C  C   . SER   A 1 44  ? -8.709  -6.164  -1.122  1.00 39.57 ? 1108 SER   A C   1 
ATOM   251  O  O   . SER   A 1 44  ? -8.494  -5.213  -0.352  1.00 40.05 ? 1108 SER   A O   1 
ATOM   252  C  CB  . SER   A 1 44  ? -7.644  -5.479  -3.305  1.00 38.86 ? 1108 SER   A CB  1 
ATOM   253  O  OG  . SER   A 1 44  ? -8.959  -5.262  -3.799  1.00 39.19 ? 1108 SER   A OG  1 
ATOM   254  N  N   . LEU   A 1 45  ? -9.800  -6.941  -1.063  1.00 40.33 ? 1109 LEU   A N   1 
ATOM   255  C  CA  . LEU   A 1 45  ? -10.964 -6.690  -0.163  1.00 41.47 ? 1109 LEU   A CA  1 
ATOM   256  C  C   . LEU   A 1 45  ? -10.513 -6.430  1.278   1.00 41.05 ? 1109 LEU   A C   1 
ATOM   257  O  O   . LEU   A 1 45  ? -11.035 -5.520  1.918   1.00 42.60 ? 1109 LEU   A O   1 
ATOM   258  C  CB  . LEU   A 1 45  ? -11.947 -7.867  -0.217  1.00 42.86 ? 1109 LEU   A CB  1 
ATOM   259  C  CG  . LEU   A 1 45  ? -12.753 -8.026  -1.509  1.00 43.94 ? 1109 LEU   A CG  1 
ATOM   260  C  CD1 . LEU   A 1 45  ? -13.766 -9.154  -1.369  1.00 44.49 ? 1109 LEU   A CD1 1 
ATOM   261  C  CD2 . LEU   A 1 45  ? -13.456 -6.731  -1.893  1.00 44.46 ? 1109 LEU   A CD2 1 
ATOM   262  N  N   . PRO   A 1 46  ? -9.573  -7.214  1.862   1.00 39.18 ? 1110 PRO   A N   1 
ATOM   263  C  CA  . PRO   A 1 46  ? -9.124  -6.977  3.237   1.00 38.59 ? 1110 PRO   A CA  1 
ATOM   264  C  C   . PRO   A 1 46  ? -8.289  -5.706  3.474   1.00 37.10 ? 1110 PRO   A C   1 
ATOM   265  O  O   . PRO   A 1 46  ? -8.088  -5.371  4.622   1.00 36.78 ? 1110 PRO   A O   1 
ATOM   266  C  CB  . PRO   A 1 46  ? -8.232  -8.192  3.557   1.00 39.40 ? 1110 PRO   A CB  1 
ATOM   267  C  CG  . PRO   A 1 46  ? -8.586  -9.218  2.504   1.00 40.17 ? 1110 PRO   A CG  1 
ATOM   268  C  CD  . PRO   A 1 46  ? -8.937  -8.403  1.278   1.00 39.87 ? 1110 PRO   A CD  1 
ATOM   269  N  N   . PHE   A 1 47  ? -7.818  -5.043  2.413   1.00 35.94 ? 1111 PHE   A N   1 
ATOM   270  C  CA  . PHE   A 1 47  ? -6.841  -3.922  2.478   1.00 34.25 ? 1111 PHE   A CA  1 
ATOM   271  C  C   . PHE   A 1 47  ? -7.503  -2.591  2.113   1.00 32.98 ? 1111 PHE   A C   1 
ATOM   272  O  O   . PHE   A 1 47  ? -6.812  -1.568  2.159   1.00 31.32 ? 1111 PHE   A O   1 
ATOM   273  C  CB  . PHE   A 1 47  ? -5.662  -4.204  1.543   1.00 34.86 ? 1111 PHE   A CB  1 
ATOM   274  C  CG  . PHE   A 1 47  ? -4.909  -5.466  1.877   1.00 33.85 ? 1111 PHE   A CG  1 
ATOM   275  C  CD1 . PHE   A 1 47  ? -3.921  -5.462  2.848   1.00 34.61 ? 1111 PHE   A CD1 1 
ATOM   276  C  CD2 . PHE   A 1 47  ? -5.213  -6.661  1.250   1.00 33.38 ? 1111 PHE   A CD2 1 
ATOM   277  C  CE1 . PHE   A 1 47  ? -3.240  -6.625  3.172   1.00 35.01 ? 1111 PHE   A CE1 1 
ATOM   278  C  CE2 . PHE   A 1 47  ? -4.531  -7.824  1.576   1.00 34.39 ? 1111 PHE   A CE2 1 
ATOM   279  C  CZ  . PHE   A 1 47  ? -3.548  -7.805  2.536   1.00 34.41 ? 1111 PHE   A CZ  1 
ATOM   280  N  N   . ARG   A 1 48  ? -8.795  -2.600  1.775   1.00 35.30 ? 1112 ARG   A N   1 
ATOM   281  C  CA  . ARG   A 1 48  ? -9.513  -1.420  1.218   1.00 36.33 ? 1112 ARG   A CA  1 
ATOM   282  C  C   . ARG   A 1 48  ? -9.878  -0.431  2.329   1.00 37.04 ? 1112 ARG   A C   1 
ATOM   283  O  O   . ARG   A 1 48  ? -9.947  0.768   2.023   1.00 39.87 ? 1112 ARG   A O   1 
ATOM   284  C  CB  . ARG   A 1 48  ? -10.773 -1.856  0.471   1.00 36.14 ? 1112 ARG   A CB  1 
ATOM   285  C  CG  . ARG   A 1 48  ? -10.483 -2.782  -0.697  1.00 37.37 ? 1112 ARG   A CG  1 
ATOM   286  C  CD  . ARG   A 1 48  ? -11.588 -2.768  -1.721  1.00 38.96 ? 1112 ARG   A CD  1 
ATOM   287  N  NE  . ARG   A 1 48  ? -11.203 -3.509  -2.906  1.00 40.49 ? 1112 ARG   A NE  1 
ATOM   288  C  CZ  . ARG   A 1 48  ? -11.998 -3.726  -3.946  1.00 42.18 ? 1112 ARG   A CZ  1 
ATOM   289  N  NH1 . ARG   A 1 48  ? -13.234 -3.253  -3.948  1.00 42.86 ? 1112 ARG   A NH1 1 
ATOM   290  N  NH2 . ARG   A 1 48  ? -11.552 -4.415  -4.982  1.00 42.35 ? 1112 ARG   A NH2 1 
ATOM   291  N  N   . GLN   A 1 49  ? -10.138 -0.921  3.545   1.00 36.66 ? 1113 GLN   A N   1 
ATOM   292  C  CA  . GLN   A 1 49  ? -10.521 -0.101  4.724   1.00 36.47 ? 1113 GLN   A CA  1 
ATOM   293  C  C   . GLN   A 1 49  ? -9.520  -0.357  5.841   1.00 36.41 ? 1113 GLN   A C   1 
ATOM   294  O  O   . GLN   A 1 49  ? -8.885  -1.409  5.868   1.00 38.40 ? 1113 GLN   A O   1 
ATOM   295  C  CB  . GLN   A 1 49  ? -11.935 -0.452  5.192   1.00 38.22 ? 1113 GLN   A CB  1 
ATOM   296  C  CG  . GLN   A 1 49  ? -13.032 -0.019  4.229   1.00 38.95 ? 1113 GLN   A CG  1 
ATOM   297  C  CD  . GLN   A 1 49  ? -12.937 1.441   3.856   1.00 40.17 ? 1113 GLN   A CD  1 
ATOM   298  O  OE1 . GLN   A 1 49  ? -12.965 1.799   2.681   1.00 42.29 ? 1113 GLN   A OE1 1 
ATOM   299  N  NE2 . GLN   A 1 49  ? -12.808 2.299   4.857   1.00 39.65 ? 1113 GLN   A NE2 1 
ATOM   300  N  N   . PRO   A 1 50  ? -9.329  0.595   6.784   1.00 35.04 ? 1114 PRO   A N   1 
ATOM   301  C  CA  . PRO   A 1 50  ? -8.496  0.341   7.957   1.00 34.17 ? 1114 PRO   A CA  1 
ATOM   302  C  C   . PRO   A 1 50  ? -9.018  -0.881  8.725   1.00 34.51 ? 1114 PRO   A C   1 
ATOM   303  O  O   . PRO   A 1 50  ? -10.225 -1.003  8.876   1.00 36.25 ? 1114 PRO   A O   1 
ATOM   304  C  CB  . PRO   A 1 50  ? -8.620  1.618   8.803   1.00 33.87 ? 1114 PRO   A CB  1 
ATOM   305  C  CG  . PRO   A 1 50  ? -9.068  2.689   7.822   1.00 33.53 ? 1114 PRO   A CG  1 
ATOM   306  C  CD  . PRO   A 1 50  ? -9.880  1.960   6.770   1.00 33.74 ? 1114 PRO   A CD  1 
ATOM   307  N  N   . VAL   A 1 51  ? -8.107  -1.752  9.162   1.00 33.81 ? 1115 VAL   A N   1 
ATOM   308  C  CA  . VAL   A 1 51  ? -8.378  -2.873  10.110  1.00 33.37 ? 1115 VAL   A CA  1 
ATOM   309  C  C   . VAL   A 1 51  ? -9.113  -2.309  11.334  1.00 34.66 ? 1115 VAL   A C   1 
ATOM   310  O  O   . VAL   A 1 51  ? -8.607  -1.323  11.911  1.00 33.30 ? 1115 VAL   A O   1 
ATOM   311  C  CB  . VAL   A 1 51  ? -7.066  -3.575  10.510  1.00 32.76 ? 1115 VAL   A CB  1 
ATOM   312  C  CG1 . VAL   A 1 51  ? -7.236  -4.461  11.735  1.00 33.35 ? 1115 VAL   A CG1 1 
ATOM   313  C  CG2 . VAL   A 1 51  ? -6.479  -4.370  9.357   1.00 32.63 ? 1115 VAL   A CG2 1 
ATOM   314  N  N   . ASP   A 1 52  ? -10.254 -2.911  11.701  1.00 36.71 ? 1116 ASP   A N   1 
ATOM   315  C  CA  . ASP   A 1 52  ? -11.079 -2.565  12.896  1.00 38.07 ? 1116 ASP   A CA  1 
ATOM   316  C  C   . ASP   A 1 52  ? -10.986 -3.717  13.896  1.00 39.87 ? 1116 ASP   A C   1 
ATOM   317  O  O   . ASP   A 1 52  ? -11.740 -4.682  13.794  1.00 41.37 ? 1116 ASP   A O   1 
ATOM   318  C  CB  . ASP   A 1 52  ? -12.530 -2.266  12.497  1.00 38.47 ? 1116 ASP   A CB  1 
ATOM   319  C  CG  . ASP   A 1 52  ? -13.432 -1.848  13.651  1.00 41.05 ? 1116 ASP   A CG  1 
ATOM   320  O  OD1 . ASP   A 1 52  ? -13.375 -2.500  14.718  1.00 43.86 ? 1116 ASP   A OD1 1 
ATOM   321  O  OD2 . ASP   A 1 52  ? -14.186 -0.869  13.485  1.00 40.74 ? 1116 ASP   A OD2 1 
ATOM   322  N  N   . PRO   A 1 53  ? -10.059 -3.665  14.884  1.00 42.10 ? 1117 PRO   A N   1 
ATOM   323  C  CA  . PRO   A 1 53  ? -9.895  -4.739  15.871  1.00 42.63 ? 1117 PRO   A CA  1 
ATOM   324  C  C   . PRO   A 1 53  ? -11.148 -5.142  16.664  1.00 43.83 ? 1117 PRO   A C   1 
ATOM   325  O  O   . PRO   A 1 53  ? -11.232 -6.296  17.065  1.00 43.86 ? 1117 PRO   A O   1 
ATOM   326  C  CB  . PRO   A 1 53  ? -8.880  -4.156  16.860  1.00 41.87 ? 1117 PRO   A CB  1 
ATOM   327  C  CG  . PRO   A 1 53  ? -8.067  -3.210  16.022  1.00 42.20 ? 1117 PRO   A CG  1 
ATOM   328  C  CD  . PRO   A 1 53  ? -9.072  -2.593  15.077  1.00 42.34 ? 1117 PRO   A CD  1 
ATOM   329  N  N   . GLN   A 1 54  ? -12.066 -4.196  16.886  1.00 44.73 ? 1118 GLN   A N   1 
ATOM   330  C  CA  . GLN   A 1 54  ? -13.307 -4.401  17.682  1.00 45.79 ? 1118 GLN   A CA  1 
ATOM   331  C  C   . GLN   A 1 54  ? -14.282 -5.252  16.858  1.00 46.24 ? 1118 GLN   A C   1 
ATOM   332  O  O   . GLN   A 1 54  ? -14.751 -6.278  17.383  1.00 45.01 ? 1118 GLN   A O   1 
ATOM   333  C  CB  . GLN   A 1 54  ? -13.901 -3.049  18.088  1.00 47.48 ? 1118 GLN   A CB  1 
ATOM   334  C  CG  . GLN   A 1 54  ? -14.394 -2.997  19.528  1.00 48.18 ? 1118 GLN   A CG  1 
ATOM   335  C  CD  . GLN   A 1 54  ? -14.278 -1.609  20.111  1.00 47.98 ? 1118 GLN   A CD  1 
ATOM   336  O  OE1 . GLN   A 1 54  ? -14.989 -0.687  19.718  1.00 49.14 ? 1118 GLN   A OE1 1 
ATOM   337  N  NE2 . GLN   A 1 54  ? -13.368 -1.451  21.059  1.00 46.76 ? 1118 GLN   A NE2 1 
ATOM   338  N  N   . LEU   A 1 55  ? -14.540 -4.851  15.607  1.00 47.35 ? 1119 LEU   A N   1 
ATOM   339  C  CA  . LEU   A 1 55  ? -15.404 -5.572  14.626  1.00 48.44 ? 1119 LEU   A CA  1 
ATOM   340  C  C   . LEU   A 1 55  ? -14.862 -6.989  14.389  1.00 48.41 ? 1119 LEU   A C   1 
ATOM   341  O  O   . LEU   A 1 55  ? -15.685 -7.903  14.199  1.00 48.62 ? 1119 LEU   A O   1 
ATOM   342  C  CB  . LEU   A 1 55  ? -15.456 -4.774  13.315  1.00 49.57 ? 1119 LEU   A CB  1 
ATOM   343  C  CG  . LEU   A 1 55  ? -16.020 -5.509  12.093  1.00 49.40 ? 1119 LEU   A CG  1 
ATOM   344  C  CD1 . LEU   A 1 55  ? -17.540 -5.566  12.134  1.00 48.15 ? 1119 LEU   A CD1 1 
ATOM   345  C  CD2 . LEU   A 1 55  ? -15.553 -4.854  10.799  1.00 49.79 ? 1119 LEU   A CD2 1 
ATOM   346  N  N   . LEU   A 1 56  ? -13.534 -7.153  14.383  1.00 48.25 ? 1120 LEU   A N   1 
ATOM   347  C  CA  . LEU   A 1 56  ? -12.837 -8.427  14.050  1.00 47.45 ? 1120 LEU   A CA  1 
ATOM   348  C  C   . LEU   A 1 56  ? -12.565 -9.245  15.320  1.00 46.03 ? 1120 LEU   A C   1 
ATOM   349  O  O   . LEU   A 1 56  ? -12.125 -10.399 15.185  1.00 43.71 ? 1120 LEU   A O   1 
ATOM   350  C  CB  . LEU   A 1 56  ? -11.526 -8.100  13.327  1.00 48.23 ? 1120 LEU   A CB  1 
ATOM   351  C  CG  . LEU   A 1 56  ? -11.669 -7.486  11.935  1.00 48.82 ? 1120 LEU   A CG  1 
ATOM   352  C  CD1 . LEU   A 1 56  ? -10.302 -7.208  11.325  1.00 49.49 ? 1120 LEU   A CD1 1 
ATOM   353  C  CD2 . LEU   A 1 56  ? -12.489 -8.388  11.024  1.00 49.13 ? 1120 LEU   A CD2 1 
ATOM   354  N  N   . GLY   A 1 57  ? -12.796 -8.665  16.502  1.00 46.53 ? 1121 GLY   A N   1 
ATOM   355  C  CA  . GLY   A 1 57  ? -12.596 -9.328  17.806  1.00 46.20 ? 1121 GLY   A CA  1 
ATOM   356  C  C   . GLY   A 1 57  ? -11.157 -9.779  17.993  1.00 45.39 ? 1121 GLY   A C   1 
ATOM   357  O  O   . GLY   A 1 57  ? -10.955 -10.917 18.463  1.00 44.31 ? 1121 GLY   A O   1 
ATOM   358  N  N   . ILE   A 1 58  ? -10.199 -8.918  17.634  1.00 43.92 ? 1122 ILE   A N   1 
ATOM   359  C  CA  . ILE   A 1 58  ? -8.730  -9.150  17.788  1.00 41.97 ? 1122 ILE   A CA  1 
ATOM   360  C  C   . ILE   A 1 58  ? -8.138  -7.982  18.574  1.00 42.37 ? 1122 ILE   A C   1 
ATOM   361  O  O   . ILE   A 1 58  ? -7.426  -7.144  18.024  1.00 41.69 ? 1122 ILE   A O   1 
ATOM   362  C  CB  . ILE   A 1 58  ? -8.044  -9.353  16.419  1.00 40.80 ? 1122 ILE   A CB  1 
ATOM   363  C  CG1 . ILE   A 1 58  ? -8.290  -8.192  15.449  1.00 41.04 ? 1122 ILE   A CG1 1 
ATOM   364  C  CG2 . ILE   A 1 58  ? -8.461  -10.683 15.808  1.00 40.13 ? 1122 ILE   A CG2 1 
ATOM   365  C  CD1 . ILE   A 1 58  ? -7.547  -8.318  14.138  1.00 40.55 ? 1122 ILE   A CD1 1 
ATOM   366  N  N   . PRO   A 1 59  ? -8.403  -7.890  19.897  1.00 44.22 ? 1123 PRO   A N   1 
ATOM   367  C  CA  . PRO   A 1 59  ? -7.850  -6.805  20.713  1.00 44.64 ? 1123 PRO   A CA  1 
ATOM   368  C  C   . PRO   A 1 59  ? -6.317  -6.824  20.874  1.00 45.54 ? 1123 PRO   A C   1 
ATOM   369  O  O   . PRO   A 1 59  ? -5.817  -5.959  21.562  1.00 45.31 ? 1123 PRO   A O   1 
ATOM   370  C  CB  . PRO   A 1 59  ? -8.541  -6.993  22.076  1.00 43.64 ? 1123 PRO   A CB  1 
ATOM   371  C  CG  . PRO   A 1 59  ? -8.932  -8.455  22.111  1.00 43.16 ? 1123 PRO   A CG  1 
ATOM   372  C  CD  . PRO   A 1 59  ? -9.254  -8.807  20.674  1.00 44.19 ? 1123 PRO   A CD  1 
ATOM   373  N  N   . ASP   A 1 60  ? -5.608  -7.771  20.240  1.00 46.39 ? 1124 ASP   A N   1 
ATOM   374  C  CA  . ASP   A 1 60  ? -4.120  -7.876  20.291  1.00 46.96 ? 1124 ASP   A CA  1 
ATOM   375  C  C   . ASP   A 1 60  ? -3.476  -7.172  19.086  1.00 46.68 ? 1124 ASP   A C   1 
ATOM   376  O  O   . ASP   A 1 60  ? -2.230  -7.078  19.073  1.00 47.37 ? 1124 ASP   A O   1 
ATOM   377  C  CB  . ASP   A 1 60  ? -3.661  -9.336  20.383  1.00 48.47 ? 1124 ASP   A CB  1 
ATOM   378  C  CG  . ASP   A 1 60  ? -3.904  -10.173 19.137  1.00 49.56 ? 1124 ASP   A CG  1 
ATOM   379  O  OD1 . ASP   A 1 60  ? -4.997  -10.056 18.547  1.00 51.50 ? 1124 ASP   A OD1 1 
ATOM   380  O  OD2 . ASP   A 1 60  ? -2.999  -10.947 18.774  1.00 50.48 ? 1124 ASP   A OD2 1 
ATOM   381  N  N   . TYR   A 1 61  ? -4.271  -6.681  18.125  1.00 44.14 ? 1125 TYR   A N   1 
ATOM   382  C  CA  . TYR   A 1 61  ? -3.786  -6.144  16.827  1.00 41.64 ? 1125 TYR   A CA  1 
ATOM   383  C  C   . TYR   A 1 61  ? -2.732  -5.053  17.053  1.00 42.13 ? 1125 TYR   A C   1 
ATOM   384  O  O   . TYR   A 1 61  ? -1.620  -5.181  16.514  1.00 44.97 ? 1125 TYR   A O   1 
ATOM   385  C  CB  . TYR   A 1 61  ? -4.925  -5.587  15.970  1.00 40.01 ? 1125 TYR   A CB  1 
ATOM   386  C  CG  . TYR   A 1 61  ? -4.469  -5.117  14.611  1.00 38.98 ? 1125 TYR   A CG  1 
ATOM   387  C  CD1 . TYR   A 1 61  ? -4.131  -6.027  13.624  1.00 37.95 ? 1125 TYR   A CD1 1 
ATOM   388  C  CD2 . TYR   A 1 61  ? -4.333  -3.766  14.320  1.00 38.00 ? 1125 TYR   A CD2 1 
ATOM   389  C  CE1 . TYR   A 1 61  ? -3.692  -5.612  12.377  1.00 36.89 ? 1125 TYR   A CE1 1 
ATOM   390  C  CE2 . TYR   A 1 61  ? -3.893  -3.335  13.078  1.00 36.80 ? 1125 TYR   A CE2 1 
ATOM   391  C  CZ  . TYR   A 1 61  ? -3.570  -4.262  12.101  1.00 36.16 ? 1125 TYR   A CZ  1 
ATOM   392  O  OH  . TYR   A 1 61  ? -3.138  -3.859  10.871  1.00 34.97 ? 1125 TYR   A OH  1 
ATOM   393  N  N   . PHE   A 1 62  ? -3.072  -4.010  17.813  1.00 43.00 ? 1126 PHE   A N   1 
ATOM   394  C  CA  . PHE   A 1 62  ? -2.249  -2.778  17.949  1.00 44.01 ? 1126 PHE   A CA  1 
ATOM   395  C  C   . PHE   A 1 62  ? -1.054  -3.014  18.881  1.00 45.41 ? 1126 PHE   A C   1 
ATOM   396  O  O   . PHE   A 1 62  ? -0.204  -2.109  18.957  1.00 45.19 ? 1126 PHE   A O   1 
ATOM   397  C  CB  . PHE   A 1 62  ? -3.106  -1.600  18.415  1.00 45.05 ? 1126 PHE   A CB  1 
ATOM   398  C  CG  . PHE   A 1 62  ? -4.020  -1.035  17.355  1.00 46.01 ? 1126 PHE   A CG  1 
ATOM   399  C  CD1 . PHE   A 1 62  ? -3.528  -0.670  16.110  1.00 46.76 ? 1126 PHE   A CD1 1 
ATOM   400  C  CD2 . PHE   A 1 62  ? -5.372  -0.846  17.606  1.00 46.44 ? 1126 PHE   A CD2 1 
ATOM   401  C  CE1 . PHE   A 1 62  ? -4.369  -0.149  15.139  1.00 46.62 ? 1126 PHE   A CE1 1 
ATOM   402  C  CE2 . PHE   A 1 62  ? -6.210  -0.316  16.636  1.00 47.08 ? 1126 PHE   A CE2 1 
ATOM   403  C  CZ  . PHE   A 1 62  ? -5.707  0.027   15.401  1.00 47.23 ? 1126 PHE   A CZ  1 
ATOM   404  N  N   . ASP   A 1 63  ? -0.982  -4.179  19.542  1.00 46.66 ? 1127 ASP   A N   1 
ATOM   405  C  CA  . ASP   A 1 63  ? 0.191   -4.637  20.338  1.00 46.89 ? 1127 ASP   A CA  1 
ATOM   406  C  C   . ASP   A 1 63  ? 1.280   -5.191  19.410  1.00 46.47 ? 1127 ASP   A C   1 
ATOM   407  O  O   . ASP   A 1 63  ? 2.417   -5.374  19.890  1.00 46.89 ? 1127 ASP   A O   1 
ATOM   408  C  CB  . ASP   A 1 63  ? -0.195  -5.721  21.349  1.00 50.25 ? 1127 ASP   A CB  1 
ATOM   409  C  CG  . ASP   A 1 63  ? -1.226  -5.290  22.380  1.00 52.03 ? 1127 ASP   A CG  1 
ATOM   410  O  OD1 . ASP   A 1 63  ? -1.702  -4.137  22.295  1.00 53.96 ? 1127 ASP   A OD1 1 
ATOM   411  O  OD2 . ASP   A 1 63  ? -1.544  -6.113  23.259  1.00 53.92 ? 1127 ASP   A OD2 1 
ATOM   412  N  N   . ILE   A 1 64  ? 0.943   -5.480  18.148  1.00 45.01 ? 1128 ILE   A N   1 
ATOM   413  C  CA  . ILE   A 1 64  ? 1.897   -5.988  17.118  1.00 43.82 ? 1128 ILE   A CA  1 
ATOM   414  C  C   . ILE   A 1 64  ? 2.173   -4.862  16.114  1.00 43.99 ? 1128 ILE   A C   1 
ATOM   415  O  O   . ILE   A 1 64  ? 3.361   -4.529  15.924  1.00 44.04 ? 1128 ILE   A O   1 
ATOM   416  C  CB  . ILE   A 1 64  ? 1.364   -7.253  16.411  1.00 44.05 ? 1128 ILE   A CB  1 
ATOM   417  C  CG1 . ILE   A 1 64  ? 0.478   -8.121  17.310  1.00 44.59 ? 1128 ILE   A CG1 1 
ATOM   418  C  CG2 . ILE   A 1 64  ? 2.521   -8.049  15.830  1.00 43.81 ? 1128 ILE   A CG2 1 
ATOM   419  C  CD1 . ILE   A 1 64  ? 1.191   -8.721  18.498  1.00 44.86 ? 1128 ILE   A CD1 1 
ATOM   420  N  N   . VAL   A 1 65  ? 1.115   -4.312  15.502  1.00 42.74 ? 1129 VAL   A N   1 
ATOM   421  C  CA  . VAL   A 1 65  ? 1.187   -3.234  14.468  1.00 42.50 ? 1129 VAL   A CA  1 
ATOM   422  C  C   . VAL   A 1 65  ? 1.160   -1.876  15.174  1.00 43.66 ? 1129 VAL   A C   1 
ATOM   423  O  O   . VAL   A 1 65  ? 0.102   -1.506  15.713  1.00 43.78 ? 1129 VAL   A O   1 
ATOM   424  C  CB  . VAL   A 1 65  ? 0.049   -3.356  13.437  1.00 41.53 ? 1129 VAL   A CB  1 
ATOM   425  C  CG1 . VAL   A 1 65  ? 0.048   -2.200  12.448  1.00 40.66 ? 1129 VAL   A CG1 1 
ATOM   426  C  CG2 . VAL   A 1 65  ? 0.103   -4.686  12.701  1.00 42.07 ? 1129 VAL   A CG2 1 
ATOM   427  N  N   . LYS   A 1 66  ? 2.287   -1.161  15.157  1.00 45.49 ? 1130 LYS   A N   1 
ATOM   428  C  CA  . LYS   A 1 66  ? 2.455   0.151   15.833  1.00 46.64 ? 1130 LYS   A CA  1 
ATOM   429  C  C   . LYS   A 1 66  ? 1.892   1.263   14.941  1.00 46.11 ? 1130 LYS   A C   1 
ATOM   430  O  O   . LYS   A 1 66  ? 1.554   2.323   15.491  1.00 49.60 ? 1130 LYS   A O   1 
ATOM   431  C  CB  . LYS   A 1 66  ? 3.932   0.404   16.157  1.00 47.71 ? 1130 LYS   A CB  1 
ATOM   432  C  CG  . LYS   A 1 66  ? 4.626   -0.677  16.980  1.00 49.81 ? 1130 LYS   A CG  1 
ATOM   433  C  CD  . LYS   A 1 66  ? 4.663   -0.420  18.483  1.00 51.50 ? 1130 LYS   A CD  1 
ATOM   434  C  CE  . LYS   A 1 66  ? 3.347   -0.676  19.191  1.00 52.78 ? 1130 LYS   A CE  1 
ATOM   435  N  NZ  . LYS   A 1 66  ? 2.875   -2.070  19.009  1.00 53.97 ? 1130 LYS   A NZ  1 
ATOM   436  N  N   . ASN   A 1 67  ? 1.791   1.032   13.625  1.00 44.16 ? 1131 ASN   A N   1 
ATOM   437  C  CA  . ASN   A 1 67  ? 1.461   2.077   12.617  1.00 43.52 ? 1131 ASN   A CA  1 
ATOM   438  C  C   . ASN   A 1 67  ? 0.549   1.490   11.540  1.00 42.79 ? 1131 ASN   A C   1 
ATOM   439  O  O   . ASN   A 1 67  ? 1.019   0.869   10.590  1.00 42.25 ? 1131 ASN   A O   1 
ATOM   440  C  CB  . ASN   A 1 67  ? 2.734   2.690   12.026  1.00 42.88 ? 1131 ASN   A CB  1 
ATOM   441  C  CG  . ASN   A 1 67  ? 3.586   3.377   13.072  1.00 43.44 ? 1131 ASN   A CG  1 
ATOM   442  O  OD1 . ASN   A 1 67  ? 3.196   4.403   13.626  1.00 42.24 ? 1131 ASN   A OD1 1 
ATOM   443  N  ND2 . ASN   A 1 67  ? 4.750   2.816   13.360  1.00 44.96 ? 1131 ASN   A ND2 1 
ATOM   444  N  N   . PRO   A 1 68  ? -0.787  1.682   11.642  1.00 42.96 ? 1132 PRO   A N   1 
ATOM   445  C  CA  . PRO   A 1 68  ? -1.725  1.159   10.648  1.00 42.91 ? 1132 PRO   A CA  1 
ATOM   446  C  C   . PRO   A 1 68  ? -1.555  1.793   9.260   1.00 41.37 ? 1132 PRO   A C   1 
ATOM   447  O  O   . PRO   A 1 68  ? -1.149  2.937   9.193   1.00 43.46 ? 1132 PRO   A O   1 
ATOM   448  C  CB  . PRO   A 1 68  ? -3.113  1.532   11.195  1.00 43.17 ? 1132 PRO   A CB  1 
ATOM   449  C  CG  . PRO   A 1 68  ? -2.873  1.841   12.654  1.00 44.33 ? 1132 PRO   A CG  1 
ATOM   450  C  CD  . PRO   A 1 68  ? -1.471  2.404   12.723  1.00 43.75 ? 1132 PRO   A CD  1 
ATOM   451  N  N   . MET   A 1 69  ? -1.887  1.035   8.210   1.00 40.27 ? 1133 MET   A N   1 
ATOM   452  C  CA  . MET   A 1 69  ? -1.908  1.479   6.788   1.00 38.96 ? 1133 MET   A CA  1 
ATOM   453  C  C   . MET   A 1 69  ? -2.934  0.630   6.021   1.00 36.52 ? 1133 MET   A C   1 
ATOM   454  O  O   . MET   A 1 69  ? -3.008  -0.582  6.277   1.00 35.01 ? 1133 MET   A O   1 
ATOM   455  C  CB  . MET   A 1 69  ? -0.529  1.302   6.140   1.00 39.25 ? 1133 MET   A CB  1 
ATOM   456  C  CG  . MET   A 1 69  ? 0.029   2.532   5.423   1.00 40.28 ? 1133 MET   A CG  1 
ATOM   457  S  SD  . MET   A 1 69  ? -1.150  3.825   4.933   1.00 40.38 ? 1133 MET   A SD  1 
ATOM   458  C  CE  . MET   A 1 69  ? -0.789  5.057   6.183   1.00 40.37 ? 1133 MET   A CE  1 
ATOM   459  N  N   . ASP   A 1 70  ? -3.695  1.243   5.114   1.00 36.57 ? 1134 ASP   A N   1 
ATOM   460  C  CA  . ASP   A 1 70  ? -4.627  0.534   4.196   1.00 36.99 ? 1134 ASP   A CA  1 
ATOM   461  C  C   . ASP   A 1 70  ? -4.734  1.340   2.900   1.00 35.70 ? 1134 ASP   A C   1 
ATOM   462  O  O   . ASP   A 1 70  ? -4.229  2.478   2.871   1.00 36.58 ? 1134 ASP   A O   1 
ATOM   463  C  CB  . ASP   A 1 70  ? -6.006  0.346   4.828   1.00 37.84 ? 1134 ASP   A CB  1 
ATOM   464  C  CG  . ASP   A 1 70  ? -6.769  1.652   4.927   1.00 40.99 ? 1134 ASP   A CG  1 
ATOM   465  O  OD1 . ASP   A 1 70  ? -6.289  2.551   5.656   1.00 40.52 ? 1134 ASP   A OD1 1 
ATOM   466  O  OD2 . ASP   A 1 70  ? -7.808  1.780   4.235   1.00 44.00 ? 1134 ASP   A OD2 1 
ATOM   467  N  N   . LEU   A 1 71  ? -5.396  0.783   1.887   1.00 35.47 ? 1135 LEU   A N   1 
ATOM   468  C  CA  . LEU   A 1 71  ? -5.521  1.406   0.542   1.00 35.16 ? 1135 LEU   A CA  1 
ATOM   469  C  C   . LEU   A 1 71  ? -6.311  2.719   0.639   1.00 35.61 ? 1135 LEU   A C   1 
ATOM   470  O  O   . LEU   A 1 71  ? -5.859  3.701   0.020   1.00 36.44 ? 1135 LEU   A O   1 
ATOM   471  C  CB  . LEU   A 1 71  ? -6.180  0.417   -0.424  1.00 34.16 ? 1135 LEU   A CB  1 
ATOM   472  C  CG  . LEU   A 1 71  ? -5.334  -0.799  -0.804  1.00 33.96 ? 1135 LEU   A CG  1 
ATOM   473  C  CD1 . LEU   A 1 71  ? -6.125  -1.749  -1.691  1.00 34.54 ? 1135 LEU   A CD1 1 
ATOM   474  C  CD2 . LEU   A 1 71  ? -4.047  -0.386  -1.500  1.00 33.55 ? 1135 LEU   A CD2 1 
ATOM   475  N  N   . SER   A 1 72  ? -7.418  2.753   1.393   1.00 36.01 ? 1136 SER   A N   1 
ATOM   476  C  CA  . SER   A 1 72  ? -8.299  3.948   1.517   1.00 36.74 ? 1136 SER   A CA  1 
ATOM   477  C  C   . SER   A 1 72  ? -7.488  5.141   2.040   1.00 36.95 ? 1136 SER   A C   1 
ATOM   478  O  O   . SER   A 1 72  ? -7.684  6.251   1.521   1.00 38.08 ? 1136 SER   A O   1 
ATOM   479  C  CB  . SER   A 1 72  ? -9.512  3.697   2.377   1.00 36.37 ? 1136 SER   A CB  1 
ATOM   480  O  OG  . SER   A 1 72  ? -9.210  3.859   3.752   1.00 37.82 ? 1136 SER   A OG  1 
ATOM   481  N  N   . THR   A 1 73  ? -6.612  4.916   3.021   1.00 37.54 ? 1137 THR   A N   1 
ATOM   482  C  CA  . THR   A 1 73  ? -5.753  5.962   3.637   1.00 38.92 ? 1137 THR   A CA  1 
ATOM   483  C  C   . THR   A 1 73  ? -4.780  6.497   2.580   1.00 40.24 ? 1137 THR   A C   1 
ATOM   484  O  O   . THR   A 1 73  ? -4.627  7.734   2.500   1.00 40.43 ? 1137 THR   A O   1 
ATOM   485  C  CB  . THR   A 1 73  ? -5.027  5.428   4.879   1.00 38.40 ? 1137 THR   A CB  1 
ATOM   486  O  OG1 . THR   A 1 73  ? -6.030  5.036   5.816   1.00 38.86 ? 1137 THR   A OG1 1 
ATOM   487  C  CG2 . THR   A 1 73  ? -4.110  6.447   5.519   1.00 37.68 ? 1137 THR   A CG2 1 
ATOM   488  N  N   . ILE   A 1 74  ? -4.167  5.602   1.799   1.00 40.52 ? 1138 ILE   A N   1 
ATOM   489  C  CA  . ILE   A 1 74  ? -3.154  5.949   0.756   1.00 40.64 ? 1138 ILE   A CA  1 
ATOM   490  C  C   . ILE   A 1 74  ? -3.842  6.712   -0.386  1.00 41.27 ? 1138 ILE   A C   1 
ATOM   491  O  O   . ILE   A 1 74  ? -3.199  7.615   -0.962  1.00 41.01 ? 1138 ILE   A O   1 
ATOM   492  C  CB  . ILE   A 1 74  ? -2.414  4.686   0.268   1.00 40.38 ? 1138 ILE   A CB  1 
ATOM   493  C  CG1 . ILE   A 1 74  ? -1.558  4.081   1.384   1.00 40.10 ? 1138 ILE   A CG1 1 
ATOM   494  C  CG2 . ILE   A 1 74  ? -1.588  4.985   -0.972  1.00 41.07 ? 1138 ILE   A CG2 1 
ATOM   495  C  CD1 . ILE   A 1 74  ? -1.103  2.664   1.123   1.00 39.43 ? 1138 ILE   A CD1 1 
ATOM   496  N  N   . LYS   A 1 75  ? -5.097  6.377   -0.692  1.00 41.74 ? 1139 LYS   A N   1 
ATOM   497  C  CA  . LYS   A 1 75  ? -5.887  7.036   -1.768  1.00 44.41 ? 1139 LYS   A CA  1 
ATOM   498  C  C   . LYS   A 1 75  ? -6.155  8.493   -1.370  1.00 45.77 ? 1139 LYS   A C   1 
ATOM   499  O  O   . LYS   A 1 75  ? -5.995  9.371   -2.241  1.00 46.18 ? 1139 LYS   A O   1 
ATOM   500  C  CB  . LYS   A 1 75  ? -7.198  6.288   -2.037  1.00 45.47 ? 1139 LYS   A CB  1 
ATOM   501  C  CG  . LYS   A 1 75  ? -7.744  6.448   -3.449  1.00 45.49 ? 1139 LYS   A CG  1 
ATOM   502  C  CD  . LYS   A 1 75  ? -9.097  5.800   -3.671  1.00 46.47 ? 1139 LYS   A CD  1 
ATOM   503  C  CE  . LYS   A 1 75  ? -10.266 6.708   -3.343  1.00 47.61 ? 1139 LYS   A CE  1 
ATOM   504  N  NZ  . LYS   A 1 75  ? -10.260 7.939   -4.167  1.00 47.74 ? 1139 LYS   A NZ  1 
ATOM   505  N  N   . ARG   A 1 76  ? -6.537  8.733   -0.107  1.00 47.00 ? 1140 ARG   A N   1 
ATOM   506  C  CA  . ARG   A 1 76  ? -6.790  10.091  0.456   1.00 48.62 ? 1140 ARG   A CA  1 
ATOM   507  C  C   . ARG   A 1 76  ? -5.507  10.929  0.371   1.00 46.09 ? 1140 ARG   A C   1 
ATOM   508  O  O   . ARG   A 1 76  ? -5.607  12.107  -0.014  1.00 45.92 ? 1140 ARG   A O   1 
ATOM   509  C  CB  . ARG   A 1 76  ? -7.310  10.019  1.898   1.00 52.39 ? 1140 ARG   A CB  1 
ATOM   510  C  CG  . ARG   A 1 76  ? -8.829  10.037  2.018   1.00 56.63 ? 1140 ARG   A CG  1 
ATOM   511  C  CD  . ARG   A 1 76  ? -9.344  9.933   3.448   1.00 61.43 ? 1140 ARG   A CD  1 
ATOM   512  N  NE  . ARG   A 1 76  ? -9.783  8.582   3.809   1.00 64.86 ? 1140 ARG   A NE  1 
ATOM   513  C  CZ  . ARG   A 1 76  ? -9.221  7.791   4.730   1.00 65.86 ? 1140 ARG   A CZ  1 
ATOM   514  N  NH1 . ARG   A 1 76  ? -9.721  6.586   4.957   1.00 63.64 ? 1140 ARG   A NH1 1 
ATOM   515  N  NH2 . ARG   A 1 76  ? -8.171  8.196   5.428   1.00 65.62 ? 1140 ARG   A NH2 1 
ATOM   516  N  N   . LYS   A 1 77  ? -4.349  10.339  0.693   1.00 44.64 ? 1141 LYS   A N   1 
ATOM   517  C  CA  . LYS   A 1 77  ? -3.039  11.048  0.748   1.00 43.87 ? 1141 LYS   A CA  1 
ATOM   518  C  C   . LYS   A 1 77  ? -2.640  11.511  -0.662  1.00 42.63 ? 1141 LYS   A C   1 
ATOM   519  O  O   . LYS   A 1 77  ? -2.172  12.663  -0.786  1.00 40.34 ? 1141 LYS   A O   1 
ATOM   520  C  CB  . LYS   A 1 77  ? -1.979  10.172  1.427   1.00 42.91 ? 1141 LYS   A CB  1 
ATOM   521  C  CG  . LYS   A 1 77  ? -2.066  10.165  2.950   1.00 43.28 ? 1141 LYS   A CG  1 
ATOM   522  C  CD  . LYS   A 1 77  ? -1.055  9.280   3.655   1.00 43.53 ? 1141 LYS   A CD  1 
ATOM   523  C  CE  . LYS   A 1 77  ? 0.222   9.999   4.039   1.00 44.41 ? 1141 LYS   A CE  1 
ATOM   524  N  NZ  . LYS   A 1 77  ? 1.094   9.153   4.888   1.00 44.01 ? 1141 LYS   A NZ  1 
ATOM   525  N  N   . LEU   A 1 78  ? -2.836  10.668  -1.680  1.00 41.09 ? 1142 LEU   A N   1 
ATOM   526  C  CA  . LEU   A 1 78  ? -2.646  11.048  -3.107  1.00 42.51 ? 1142 LEU   A CA  1 
ATOM   527  C  C   . LEU   A 1 78  ? -3.636  12.163  -3.473  1.00 43.68 ? 1142 LEU   A C   1 
ATOM   528  O  O   . LEU   A 1 78  ? -3.206  13.151  -4.106  1.00 43.46 ? 1142 LEU   A O   1 
ATOM   529  C  CB  . LEU   A 1 78  ? -2.856  9.825   -4.011  1.00 42.49 ? 1142 LEU   A CB  1 
ATOM   530  C  CG  . LEU   A 1 78  ? -1.602  9.034   -4.381  1.00 43.12 ? 1142 LEU   A CG  1 
ATOM   531  C  CD1 . LEU   A 1 78  ? -1.969  7.780   -5.156  1.00 43.82 ? 1142 LEU   A CD1 1 
ATOM   532  C  CD2 . LEU   A 1 78  ? -0.630  9.881   -5.186  1.00 43.75 ? 1142 LEU   A CD2 1 
ATOM   533  N  N   . ASP   A 1 79  ? -4.905  11.999  -3.080  1.00 45.25 ? 1143 ASP   A N   1 
ATOM   534  C  CA  . ASP   A 1 79  ? -6.059  12.838  -3.509  1.00 46.61 ? 1143 ASP   A CA  1 
ATOM   535  C  C   . ASP   A 1 79  ? -5.999  14.232  -2.866  1.00 44.83 ? 1143 ASP   A C   1 
ATOM   536  O  O   . ASP   A 1 79  ? -6.580  15.169  -3.454  1.00 46.25 ? 1143 ASP   A O   1 
ATOM   537  C  CB  . ASP   A 1 79  ? -7.396  12.165  -3.175  1.00 48.99 ? 1143 ASP   A CB  1 
ATOM   538  C  CG  . ASP   A 1 79  ? -7.807  11.040  -4.115  1.00 51.93 ? 1143 ASP   A CG  1 
ATOM   539  O  OD1 . ASP   A 1 79  ? -7.023  10.711  -5.034  1.00 55.86 ? 1143 ASP   A OD1 1 
ATOM   540  O  OD2 . ASP   A 1 79  ? -8.911  10.495  -3.917  1.00 54.29 ? 1143 ASP   A OD2 1 
ATOM   541  N  N   . THR   A 1 80  ? -5.345  14.365  -1.708  1.00 41.98 ? 1144 THR   A N   1 
ATOM   542  C  CA  . THR   A 1 80  ? -5.309  15.613  -0.898  1.00 42.01 ? 1144 THR   A CA  1 
ATOM   543  C  C   . THR   A 1 80  ? -3.890  16.200  -0.878  1.00 41.09 ? 1144 THR   A C   1 
ATOM   544  O  O   . THR   A 1 80  ? -3.661  17.141  -0.100  1.00 40.06 ? 1144 THR   A O   1 
ATOM   545  C  CB  . THR   A 1 80  ? -5.854  15.336  0.509   1.00 43.45 ? 1144 THR   A CB  1 
ATOM   546  O  OG1 . THR   A 1 80  ? -5.078  14.279  1.079   1.00 45.09 ? 1144 THR   A OG1 1 
ATOM   547  C  CG2 . THR   A 1 80  ? -7.320  14.955  0.509   1.00 42.48 ? 1144 THR   A CG2 1 
ATOM   548  N  N   . GLY   A 1 81  ? -2.980  15.673  -1.704  1.00 41.62 ? 1145 GLY   A N   1 
ATOM   549  C  CA  . GLY   A 1 81  ? -1.610  16.196  -1.895  1.00 41.91 ? 1145 GLY   A CA  1 
ATOM   550  C  C   . GLY   A 1 81  ? -0.752  16.106  -0.641  1.00 41.74 ? 1145 GLY   A C   1 
ATOM   551  O  O   . GLY   A 1 81  ? -0.036  17.083  -0.355  1.00 40.45 ? 1145 GLY   A O   1 
ATOM   552  N  N   . GLN   A 1 82  ? -0.785  14.968  0.063   1.00 42.69 ? 1146 GLN   A N   1 
ATOM   553  C  CA  . GLN   A 1 82  ? -0.046  14.748  1.338   1.00 44.30 ? 1146 GLN   A CA  1 
ATOM   554  C  C   . GLN   A 1 82  ? 1.322   14.111  1.058   1.00 44.19 ? 1146 GLN   A C   1 
ATOM   555  O  O   . GLN   A 1 82  ? 2.154   14.071  1.987   1.00 45.50 ? 1146 GLN   A O   1 
ATOM   556  C  CB  . GLN   A 1 82  ? -0.885  13.899  2.297   1.00 45.55 ? 1146 GLN   A CB  1 
ATOM   557  C  CG  . GLN   A 1 82  ? -2.120  14.625  2.817   1.00 45.91 ? 1146 GLN   A CG  1 
ATOM   558  C  CD  . GLN   A 1 82  ? -2.943  13.788  3.768   1.00 46.42 ? 1146 GLN   A CD  1 
ATOM   559  O  OE1 . GLN   A 1 82  ? -2.426  13.171  4.697   1.00 45.99 ? 1146 GLN   A OE1 1 
ATOM   560  N  NE2 . GLN   A 1 82  ? -4.247  13.774  3.548   1.00 46.75 ? 1146 GLN   A NE2 1 
ATOM   561  N  N   . TYR   A 1 83  ? 1.552   13.634  -0.168  1.00 44.55 ? 1147 TYR   A N   1 
ATOM   562  C  CA  . TYR   A 1 83  ? 2.860   13.110  -0.642  1.00 44.86 ? 1147 TYR   A CA  1 
ATOM   563  C  C   . TYR   A 1 83  ? 3.556   14.192  -1.474  1.00 44.66 ? 1147 TYR   A C   1 
ATOM   564  O  O   . TYR   A 1 83  ? 2.857   14.916  -2.207  1.00 43.14 ? 1147 TYR   A O   1 
ATOM   565  C  CB  . TYR   A 1 83  ? 2.670   11.830  -1.463  1.00 44.88 ? 1147 TYR   A CB  1 
ATOM   566  C  CG  . TYR   A 1 83  ? 2.168   10.636  -0.690  1.00 43.94 ? 1147 TYR   A CG  1 
ATOM   567  C  CD1 . TYR   A 1 83  ? 2.780   10.229  0.485   1.00 43.93 ? 1147 TYR   A CD1 1 
ATOM   568  C  CD2 . TYR   A 1 83  ? 1.094   9.891   -1.152  1.00 42.99 ? 1147 TYR   A CD2 1 
ATOM   569  C  CE1 . TYR   A 1 83  ? 2.329   9.123   1.191   1.00 43.89 ? 1147 TYR   A CE1 1 
ATOM   570  C  CE2 . TYR   A 1 83  ? 0.635   8.779   -0.463  1.00 42.85 ? 1147 TYR   A CE2 1 
ATOM   571  C  CZ  . TYR   A 1 83  ? 1.253   8.395   0.714   1.00 42.75 ? 1147 TYR   A CZ  1 
ATOM   572  O  OH  . TYR   A 1 83  ? 0.801   7.301   1.392   1.00 41.35 ? 1147 TYR   A OH  1 
ATOM   573  N  N   . GLN   A 1 84  ? 4.885   14.283  -1.355  1.00 46.91 ? 1148 GLN   A N   1 
ATOM   574  C  CA  . GLN   A 1 84  ? 5.730   15.314  -2.021  1.00 49.68 ? 1148 GLN   A CA  1 
ATOM   575  C  C   . GLN   A 1 84  ? 6.864   14.650  -2.816  1.00 50.14 ? 1148 GLN   A C   1 
ATOM   576  O  O   . GLN   A 1 84  ? 7.199   15.179  -3.892  1.00 49.99 ? 1148 GLN   A O   1 
ATOM   577  C  CB  . GLN   A 1 84  ? 6.288   16.293  -0.988  1.00 50.73 ? 1148 GLN   A CB  1 
ATOM   578  C  CG  . GLN   A 1 84  ? 6.859   17.560  -1.611  1.00 52.06 ? 1148 GLN   A CG  1 
ATOM   579  C  CD  . GLN   A 1 84  ? 6.931   18.697  -0.622  1.00 52.88 ? 1148 GLN   A CD  1 
ATOM   580  O  OE1 . GLN   A 1 84  ? 5.946   19.395  -0.381  1.00 52.77 ? 1148 GLN   A OE1 1 
ATOM   581  N  NE2 . GLN   A 1 84  ? 8.107   18.894  -0.044  1.00 51.20 ? 1148 GLN   A NE2 1 
ATOM   582  N  N   . GLU   A 1 85  ? 7.456   13.570  -2.294  1.00 51.13 ? 1149 GLU   A N   1 
ATOM   583  C  CA  . GLU   A 1 85  ? 8.375   12.670  -3.042  1.00 53.17 ? 1149 GLU   A CA  1 
ATOM   584  C  C   . GLU   A 1 85  ? 7.687   11.319  -3.225  1.00 52.31 ? 1149 GLU   A C   1 
ATOM   585  O  O   . GLU   A 1 85  ? 6.903   10.904  -2.375  1.00 51.49 ? 1149 GLU   A O   1 
ATOM   586  C  CB  . GLU   A 1 85  ? 9.711   12.534  -2.307  1.00 56.14 ? 1149 GLU   A CB  1 
ATOM   587  C  CG  . GLU   A 1 85  ? 10.734  13.601  -2.670  1.00 60.52 ? 1149 GLU   A CG  1 
ATOM   588  C  CD  . GLU   A 1 85  ? 11.965  13.125  -3.434  1.00 65.16 ? 1149 GLU   A CD  1 
ATOM   589  O  OE1 . GLU   A 1 85  ? 13.047  13.722  -3.234  1.00 67.92 ? 1149 GLU   A OE1 1 
ATOM   590  O  OE2 . GLU   A 1 85  ? 11.849  12.168  -4.229  1.00 66.55 ? 1149 GLU   A OE2 1 
ATOM   591  N  N   . PRO   A 1 86  ? 7.942   10.597  -4.341  1.00 52.13 ? 1150 PRO   A N   1 
ATOM   592  C  CA  . PRO   A 1 86  ? 7.278   9.319   -4.607  1.00 51.61 ? 1150 PRO   A CA  1 
ATOM   593  C  C   . PRO   A 1 86  ? 7.659   8.180   -3.648  1.00 51.59 ? 1150 PRO   A C   1 
ATOM   594  O  O   . PRO   A 1 86  ? 6.890   7.237   -3.557  1.00 51.70 ? 1150 PRO   A O   1 
ATOM   595  C  CB  . PRO   A 1 86  ? 7.720   8.971   -6.036  1.00 51.20 ? 1150 PRO   A CB  1 
ATOM   596  C  CG  . PRO   A 1 86  ? 9.035   9.691   -6.199  1.00 53.19 ? 1150 PRO   A CG  1 
ATOM   597  C  CD  . PRO   A 1 86  ? 8.869   10.977  -5.416  1.00 53.13 ? 1150 PRO   A CD  1 
ATOM   598  N  N   . TRP   A 1 87  ? 8.802   8.282   -2.959  1.00 50.29 ? 1151 TRP   A N   1 
ATOM   599  C  CA  . TRP   A 1 87  ? 9.259   7.272   -1.964  1.00 50.21 ? 1151 TRP   A CA  1 
ATOM   600  C  C   . TRP   A 1 87  ? 8.373   7.314   -0.708  1.00 46.28 ? 1151 TRP   A C   1 
ATOM   601  O  O   . TRP   A 1 87  ? 8.402   6.322   0.045   1.00 45.04 ? 1151 TRP   A O   1 
ATOM   602  C  CB  . TRP   A 1 87  ? 10.751  7.434   -1.625  1.00 54.46 ? 1151 TRP   A CB  1 
ATOM   603  C  CG  . TRP   A 1 87  ? 11.113  8.691   -0.893  1.00 59.45 ? 1151 TRP   A CG  1 
ATOM   604  C  CD1 . TRP   A 1 87  ? 11.474  9.883   -1.451  1.00 61.94 ? 1151 TRP   A CD1 1 
ATOM   605  C  CD2 . TRP   A 1 87  ? 11.186  8.883   0.533   1.00 63.18 ? 1151 TRP   A CD2 1 
ATOM   606  N  NE1 . TRP   A 1 87  ? 11.747  10.806  -0.478  1.00 64.06 ? 1151 TRP   A NE1 1 
ATOM   607  C  CE2 . TRP   A 1 87  ? 11.582  10.223  0.751   1.00 64.53 ? 1151 TRP   A CE2 1 
ATOM   608  C  CE3 . TRP   A 1 87  ? 10.954  8.065   1.645   1.00 63.72 ? 1151 TRP   A CE3 1 
ATOM   609  C  CZ2 . TRP   A 1 87  ? 11.747  10.754  2.031   1.00 64.17 ? 1151 TRP   A CZ2 1 
ATOM   610  C  CZ3 . TRP   A 1 87  ? 11.115  8.589   2.910   1.00 64.57 ? 1151 TRP   A CZ3 1 
ATOM   611  C  CH2 . TRP   A 1 87  ? 11.508  9.917   3.098   1.00 64.92 ? 1151 TRP   A CH2 1 
ATOM   612  N  N   . GLN   A 1 88  ? 7.616   8.399   -0.488  1.00 43.14 ? 1152 GLN   A N   1 
ATOM   613  C  CA  . GLN   A 1 88  ? 6.658   8.542   0.647   1.00 41.07 ? 1152 GLN   A CA  1 
ATOM   614  C  C   . GLN   A 1 88  ? 5.465   7.596   0.441   1.00 38.34 ? 1152 GLN   A C   1 
ATOM   615  O  O   . GLN   A 1 88  ? 5.059   6.931   1.414   1.00 37.46 ? 1152 GLN   A O   1 
ATOM   616  C  CB  . GLN   A 1 88  ? 6.186   9.992   0.787   1.00 41.76 ? 1152 GLN   A CB  1 
ATOM   617  C  CG  . GLN   A 1 88  ? 7.289   10.968  1.174   1.00 42.83 ? 1152 GLN   A CG  1 
ATOM   618  C  CD  . GLN   A 1 88  ? 6.801   12.395  1.280   1.00 43.85 ? 1152 GLN   A CD  1 
ATOM   619  O  OE1 . GLN   A 1 88  ? 6.065   12.887  0.427   1.00 44.86 ? 1152 GLN   A OE1 1 
ATOM   620  N  NE2 . GLN   A 1 88  ? 7.219   13.081  2.331   1.00 44.76 ? 1152 GLN   A NE2 1 
ATOM   621  N  N   . TYR   A 1 89  ? 4.931   7.546   -0.783  1.00 35.88 ? 1153 TYR   A N   1 
ATOM   622  C  CA  . TYR   A 1 89  ? 3.845   6.632   -1.229  1.00 34.31 ? 1153 TYR   A CA  1 
ATOM   623  C  C   . TYR   A 1 89  ? 4.301   5.173   -1.095  1.00 34.09 ? 1153 TYR   A C   1 
ATOM   624  O  O   . TYR   A 1 89  ? 3.546   4.361   -0.520  1.00 33.25 ? 1153 TYR   A O   1 
ATOM   625  C  CB  . TYR   A 1 89  ? 3.430   6.976   -2.665  1.00 33.38 ? 1153 TYR   A CB  1 
ATOM   626  C  CG  . TYR   A 1 89  ? 2.605   5.930   -3.371  1.00 31.61 ? 1153 TYR   A CG  1 
ATOM   627  C  CD1 . TYR   A 1 89  ? 1.266   5.748   -3.068  1.00 31.34 ? 1153 TYR   A CD1 1 
ATOM   628  C  CD2 . TYR   A 1 89  ? 3.160   5.131   -4.358  1.00 31.43 ? 1153 TYR   A CD2 1 
ATOM   629  C  CE1 . TYR   A 1 89  ? 0.504   4.791   -3.718  1.00 31.34 ? 1153 TYR   A CE1 1 
ATOM   630  C  CE2 . TYR   A 1 89  ? 2.412   4.170   -5.018  1.00 31.24 ? 1153 TYR   A CE2 1 
ATOM   631  C  CZ  . TYR   A 1 89  ? 1.079   3.996   -4.694  1.00 31.11 ? 1153 TYR   A CZ  1 
ATOM   632  O  OH  . TYR   A 1 89  ? 0.336   3.048   -5.332  1.00 31.23 ? 1153 TYR   A OH  1 
ATOM   633  N  N   . VAL   A 1 90  ? 5.502   4.867   -1.600  1.00 34.06 ? 1154 VAL   A N   1 
ATOM   634  C  CA  . VAL   A 1 90  ? 6.077   3.488   -1.683  1.00 33.99 ? 1154 VAL   A CA  1 
ATOM   635  C  C   . VAL   A 1 90  ? 6.222   2.908   -0.268  1.00 34.35 ? 1154 VAL   A C   1 
ATOM   636  O  O   . VAL   A 1 90  ? 5.905   1.714   -0.088  1.00 34.33 ? 1154 VAL   A O   1 
ATOM   637  C  CB  . VAL   A 1 90  ? 7.425   3.475   -2.437  1.00 33.51 ? 1154 VAL   A CB  1 
ATOM   638  C  CG1 . VAL   A 1 90  ? 8.112   2.118   -2.363  1.00 32.90 ? 1154 VAL   A CG1 1 
ATOM   639  C  CG2 . VAL   A 1 90  ? 7.265   3.896   -3.889  1.00 33.84 ? 1154 VAL   A CG2 1 
ATOM   640  N  N   . ASP   A 1 91  ? 6.690   3.711   0.693   1.00 34.93 ? 1155 ASP   A N   1 
ATOM   641  C  CA  . ASP   A 1 91  ? 6.948   3.267   2.090   1.00 36.69 ? 1155 ASP   A CA  1 
ATOM   642  C  C   . ASP   A 1 91  ? 5.621   2.913   2.768   1.00 36.39 ? 1155 ASP   A C   1 
ATOM   643  O  O   . ASP   A 1 91  ? 5.587   1.906   3.495   1.00 36.49 ? 1155 ASP   A O   1 
ATOM   644  C  CB  . ASP   A 1 91  ? 7.710   4.323   2.894   1.00 37.48 ? 1155 ASP   A CB  1 
ATOM   645  C  CG  . ASP   A 1 91  ? 9.159   4.490   2.469   1.00 39.19 ? 1155 ASP   A CG  1 
ATOM   646  O  OD1 . ASP   A 1 91  ? 9.662   3.624   1.716   1.00 39.32 ? 1155 ASP   A OD1 1 
ATOM   647  O  OD2 . ASP   A 1 91  ? 9.772   5.492   2.888   1.00 41.43 ? 1155 ASP   A OD2 1 
ATOM   648  N  N   . ASP   A 1 92  ? 4.574   3.710   2.538   1.00 36.19 ? 1156 ASP   A N   1 
ATOM   649  C  CA  . ASP   A 1 92  ? 3.221   3.466   3.104   1.00 36.14 ? 1156 ASP   A CA  1 
ATOM   650  C  C   . ASP   A 1 92  ? 2.692   2.134   2.572   1.00 35.02 ? 1156 ASP   A C   1 
ATOM   651  O  O   . ASP   A 1 92  ? 2.187   1.339   3.382   1.00 35.63 ? 1156 ASP   A O   1 
ATOM   652  C  CB  . ASP   A 1 92  ? 2.258   4.615   2.799   1.00 36.39 ? 1156 ASP   A CB  1 
ATOM   653  C  CG  . ASP   A 1 92  ? 2.449   5.814   3.706   1.00 36.04 ? 1156 ASP   A CG  1 
ATOM   654  O  OD1 . ASP   A 1 92  ? 3.325   5.746   4.593   1.00 36.67 ? 1156 ASP   A OD1 1 
ATOM   655  O  OD2 . ASP   A 1 92  ? 1.721   6.804   3.517   1.00 35.56 ? 1156 ASP   A OD2 1 
ATOM   656  N  N   . VAL   A 1 93  ? 2.825   1.893   1.267   1.00 33.38 ? 1157 VAL   A N   1 
ATOM   657  C  CA  . VAL   A 1 93  ? 2.327   0.647   0.615   1.00 32.36 ? 1157 VAL   A CA  1 
ATOM   658  C  C   . VAL   A 1 93  ? 3.060   -0.548  1.237   1.00 32.92 ? 1157 VAL   A C   1 
ATOM   659  O  O   . VAL   A 1 93  ? 2.386   -1.541  1.560   1.00 34.87 ? 1157 VAL   A O   1 
ATOM   660  C  CB  . VAL   A 1 93  ? 2.489   0.698   -0.914  1.00 32.01 ? 1157 VAL   A CB  1 
ATOM   661  C  CG1 . VAL   A 1 93  ? 2.119   -0.627  -1.563  1.00 31.62 ? 1157 VAL   A CG1 1 
ATOM   662  C  CG2 . VAL   A 1 93  ? 1.682   1.834   -1.528  1.00 31.73 ? 1157 VAL   A CG2 1 
ATOM   663  N  N   . TRP   A 1 94  ? 4.381   -0.455  1.418   1.00 32.02 ? 1158 TRP   A N   1 
ATOM   664  C  CA  . TRP   A 1 94  ? 5.200   -1.532  2.036   1.00 32.01 ? 1158 TRP   A CA  1 
ATOM   665  C  C   . TRP   A 1 94  ? 4.804   -1.702  3.502   1.00 32.04 ? 1158 TRP   A C   1 
ATOM   666  O  O   . TRP   A 1 94  ? 4.770   -2.857  3.967   1.00 32.33 ? 1158 TRP   A O   1 
ATOM   667  C  CB  . TRP   A 1 94  ? 6.706   -1.268  1.882   1.00 31.94 ? 1158 TRP   A CB  1 
ATOM   668  C  CG  . TRP   A 1 94  ? 7.215   -1.590  0.512   1.00 31.56 ? 1158 TRP   A CG  1 
ATOM   669  C  CD1 . TRP   A 1 94  ? 7.872   -0.754  -0.344  1.00 31.33 ? 1158 TRP   A CD1 1 
ATOM   670  C  CD2 . TRP   A 1 94  ? 7.067   -2.842  -0.179  1.00 31.09 ? 1158 TRP   A CD2 1 
ATOM   671  N  NE1 . TRP   A 1 94  ? 8.153   -1.404  -1.514  1.00 31.69 ? 1158 TRP   A NE1 1 
ATOM   672  C  CE2 . TRP   A 1 94  ? 7.669   -2.685  -1.443  1.00 31.28 ? 1158 TRP   A CE2 1 
ATOM   673  C  CE3 . TRP   A 1 94  ? 6.492   -4.076  0.147   1.00 31.58 ? 1158 TRP   A CE3 1 
ATOM   674  C  CZ2 . TRP   A 1 94  ? 7.707   -3.719  -2.377  1.00 31.89 ? 1158 TRP   A CZ2 1 
ATOM   675  C  CZ3 . TRP   A 1 94  ? 6.532   -5.098  -0.776  1.00 31.21 ? 1158 TRP   A CZ3 1 
ATOM   676  C  CH2 . TRP   A 1 94  ? 7.132   -4.919  -2.020  1.00 31.70 ? 1158 TRP   A CH2 1 
ATOM   677  N  N   . LEU   A 1 95  ? 4.517   -0.594  4.191   1.00 33.17 ? 1159 LEU   A N   1 
ATOM   678  C  CA  . LEU   A 1 95  ? 3.997   -0.591  5.585   1.00 33.70 ? 1159 LEU   A CA  1 
ATOM   679  C  C   . LEU   A 1 95  ? 2.714   -1.434  5.643   1.00 33.04 ? 1159 LEU   A C   1 
ATOM   680  O  O   . LEU   A 1 95  ? 2.587   -2.240  6.578   1.00 34.47 ? 1159 LEU   A O   1 
ATOM   681  C  CB  . LEU   A 1 95  ? 3.751   0.856   6.029   1.00 34.47 ? 1159 LEU   A CB  1 
ATOM   682  C  CG  . LEU   A 1 95  ? 3.257   1.045   7.465   1.00 34.86 ? 1159 LEU   A CG  1 
ATOM   683  C  CD1 . LEU   A 1 95  ? 4.187   0.365   8.460   1.00 34.64 ? 1159 LEU   A CD1 1 
ATOM   684  C  CD2 . LEU   A 1 95  ? 3.109   2.523   7.791   1.00 33.76 ? 1159 LEU   A CD2 1 
ATOM   685  N  N   . MET   A 1 96  ? 1.820   -1.274  4.664   1.00 32.77 ? 1160 MET   A N   1 
ATOM   686  C  CA  . MET   A 1 96  ? 0.522   -1.999  4.583   1.00 33.17 ? 1160 MET   A CA  1 
ATOM   687  C  C   . MET   A 1 96  ? 0.790   -3.509  4.509   1.00 33.26 ? 1160 MET   A C   1 
ATOM   688  O  O   . MET   A 1 96  ? 0.181   -4.254  5.301   1.00 33.77 ? 1160 MET   A O   1 
ATOM   689  C  CB  . MET   A 1 96  ? -0.285  -1.549  3.361   1.00 33.06 ? 1160 MET   A CB  1 
ATOM   690  C  CG  . MET   A 1 96  ? -1.677  -2.148  3.286   1.00 33.63 ? 1160 MET   A CG  1 
ATOM   691  S  SD  . MET   A 1 96  ? -2.638  -1.548  1.862   1.00 35.03 ? 1160 MET   A SD  1 
ATOM   692  C  CE  . MET   A 1 96  ? -1.484  -1.866  0.527   1.00 34.83 ? 1160 MET   A CE  1 
ATOM   693  N  N   . PHE   A 1 97  ? 1.690   -3.933  3.616   1.00 33.32 ? 1161 PHE   A N   1 
ATOM   694  C  CA  . PHE   A 1 97  ? 2.018   -5.360  3.348   1.00 33.05 ? 1161 PHE   A CA  1 
ATOM   695  C  C   . PHE   A 1 97  ? 2.772   -5.977  4.531   1.00 31.91 ? 1161 PHE   A C   1 
ATOM   696  O  O   . PHE   A 1 97  ? 2.456   -7.125  4.890   1.00 31.58 ? 1161 PHE   A O   1 
ATOM   697  C  CB  . PHE   A 1 97  ? 2.825   -5.494  2.056   1.00 34.47 ? 1161 PHE   A CB  1 
ATOM   698  C  CG  . PHE   A 1 97  ? 2.063   -5.114  0.811   1.00 35.88 ? 1161 PHE   A CG  1 
ATOM   699  C  CD1 . PHE   A 1 97  ? 0.754   -5.533  0.622   1.00 35.85 ? 1161 PHE   A CD1 1 
ATOM   700  C  CD2 . PHE   A 1 97  ? 2.657   -4.351  -0.181  1.00 36.89 ? 1161 PHE   A CD2 1 
ATOM   701  C  CE1 . PHE   A 1 97  ? 0.052   -5.180  -0.519  1.00 36.65 ? 1161 PHE   A CE1 1 
ATOM   702  C  CE2 . PHE   A 1 97  ? 1.955   -4.006  -1.326  1.00 37.67 ? 1161 PHE   A CE2 1 
ATOM   703  C  CZ  . PHE   A 1 97  ? 0.652   -4.419  -1.492  1.00 36.71 ? 1161 PHE   A CZ  1 
ATOM   704  N  N   . ASN   A 1 98  ? 3.733   -5.245  5.104   1.00 31.16 ? 1162 ASN   A N   1 
ATOM   705  C  CA  . ASN   A 1 98  ? 4.560   -5.683  6.263   1.00 30.86 ? 1162 ASN   A CA  1 
ATOM   706  C  C   . ASN   A 1 98  ? 3.653   -5.880  7.488   1.00 30.46 ? 1162 ASN   A C   1 
ATOM   707  O  O   . ASN   A 1 98  ? 3.703   -6.968  8.088   1.00 28.80 ? 1162 ASN   A O   1 
ATOM   708  C  CB  . ASN   A 1 98  ? 5.727   -4.719  6.517   1.00 30.18 ? 1162 ASN   A CB  1 
ATOM   709  C  CG  . ASN   A 1 98  ? 6.847   -4.873  5.504   1.00 29.22 ? 1162 ASN   A CG  1 
ATOM   710  O  OD1 . ASN   A 1 98  ? 6.979   -5.922  4.879   1.00 28.60 ? 1162 ASN   A OD1 1 
ATOM   711  N  ND2 . ASN   A 1 98  ? 7.658   -3.843  5.330   1.00 27.72 ? 1162 ASN   A ND2 1 
ATOM   712  N  N   . ASN   A 1 99  ? 2.832   -4.882  7.822   1.00 32.46 ? 1163 ASN   A N   1 
ATOM   713  C  CA  . ASN   A 1 99  ? 1.780   -4.974  8.874   1.00 33.17 ? 1163 ASN   A CA  1 
ATOM   714  C  C   . ASN   A 1 99  ? 1.038   -6.310  8.739   1.00 33.10 ? 1163 ASN   A C   1 
ATOM   715  O  O   . ASN   A 1 99  ? 0.979   -7.061  9.736   1.00 31.92 ? 1163 ASN   A O   1 
ATOM   716  C  CB  . ASN   A 1 99  ? 0.795   -3.803  8.802   1.00 33.24 ? 1163 ASN   A CB  1 
ATOM   717  C  CG  . ASN   A 1 99  ? 1.381   -2.493  9.288   1.00 34.23 ? 1163 ASN   A CG  1 
ATOM   718  O  OD1 . ASN   A 1 99  ? 2.464   -2.467  9.870   1.00 36.90 ? 1163 ASN   A OD1 1 
ATOM   719  N  ND2 . ASN   A 1 99  ? 0.678   -1.399  9.048   1.00 34.20 ? 1163 ASN   A ND2 1 
ATOM   720  N  N   . ALA   A 1 100 ? 0.513   -6.599  7.542   1.00 33.19 ? 1164 ALA   A N   1 
ATOM   721  C  CA  . ALA   A 1 100 ? -0.304  -7.799  7.242   1.00 34.03 ? 1164 ALA   A CA  1 
ATOM   722  C  C   . ALA   A 1 100 ? 0.536   -9.071  7.410   1.00 33.95 ? 1164 ALA   A C   1 
ATOM   723  O  O   . ALA   A 1 100 ? 0.023   -10.040 7.999   1.00 34.16 ? 1164 ALA   A O   1 
ATOM   724  C  CB  . ALA   A 1 100 ? -0.884  -7.701  5.853   1.00 34.63 ? 1164 ALA   A CB  1 
ATOM   725  N  N   . TRP   A 1 101 ? 1.775   -9.067  6.908   1.00 34.30 ? 1165 TRP   A N   1 
ATOM   726  C  CA  . TRP   A 1 101 ? 2.712   -10.221 6.976   1.00 34.81 ? 1165 TRP   A CA  1 
ATOM   727  C  C   . TRP   A 1 101 ? 3.106   -10.500 8.430   1.00 33.81 ? 1165 TRP   A C   1 
ATOM   728  O  O   . TRP   A 1 101 ? 3.173   -11.683 8.806   1.00 33.40 ? 1165 TRP   A O   1 
ATOM   729  C  CB  . TRP   A 1 101 ? 3.951   -9.977  6.110   1.00 35.65 ? 1165 TRP   A CB  1 
ATOM   730  C  CG  . TRP   A 1 101 ? 3.766   -10.268 4.655   1.00 36.57 ? 1165 TRP   A CG  1 
ATOM   731  C  CD1 . TRP   A 1 101 ? 2.929   -11.188 4.086   1.00 37.03 ? 1165 TRP   A CD1 1 
ATOM   732  C  CD2 . TRP   A 1 101 ? 4.493   -9.667  3.572   1.00 37.59 ? 1165 TRP   A CD2 1 
ATOM   733  N  NE1 . TRP   A 1 101 ? 3.074   -11.186 2.725   1.00 37.56 ? 1165 TRP   A NE1 1 
ATOM   734  C  CE2 . TRP   A 1 101 ? 4.025   -10.262 2.380   1.00 38.00 ? 1165 TRP   A CE2 1 
ATOM   735  C  CE3 . TRP   A 1 101 ? 5.482   -8.680  3.495   1.00 38.31 ? 1165 TRP   A CE3 1 
ATOM   736  C  CZ2 . TRP   A 1 101 ? 4.514   -9.895  1.129   1.00 38.41 ? 1165 TRP   A CZ2 1 
ATOM   737  C  CZ3 . TRP   A 1 101 ? 5.965   -8.317  2.258   1.00 38.71 ? 1165 TRP   A CZ3 1 
ATOM   738  C  CH2 . TRP   A 1 101 ? 5.485   -8.918  1.092   1.00 39.57 ? 1165 TRP   A CH2 1 
ATOM   739  N  N   . LEU   A 1 102 ? 3.359   -9.445  9.205   1.00 33.51 ? 1166 LEU   A N   1 
ATOM   740  C  CA  . LEU   A 1 102 ? 3.728   -9.518  10.643  1.00 34.47 ? 1166 LEU   A CA  1 
ATOM   741  C  C   . LEU   A 1 102 ? 2.585   -10.154 11.445  1.00 36.65 ? 1166 LEU   A C   1 
ATOM   742  O  O   . LEU   A 1 102 ? 2.854   -11.124 12.188  1.00 36.14 ? 1166 LEU   A O   1 
ATOM   743  C  CB  . LEU   A 1 102 ? 4.042   -8.100  11.130  1.00 34.20 ? 1166 LEU   A CB  1 
ATOM   744  C  CG  . LEU   A 1 102 ? 4.210   -7.928  12.639  1.00 35.12 ? 1166 LEU   A CG  1 
ATOM   745  C  CD1 . LEU   A 1 102 ? 5.356   -8.782  13.166  1.00 35.77 ? 1166 LEU   A CD1 1 
ATOM   746  C  CD2 . LEU   A 1 102 ? 4.428   -6.460  12.985  1.00 34.70 ? 1166 LEU   A CD2 1 
ATOM   747  N  N   . TYR   A 1 103 ? 1.358   -9.644  11.290  1.00 38.98 ? 1167 TYR   A N   1 
ATOM   748  C  CA  . TYR   A 1 103 ? 0.211   -9.931  12.193  1.00 39.93 ? 1167 TYR   A CA  1 
ATOM   749  C  C   . TYR   A 1 103 ? -0.429  -11.290 11.887  1.00 39.64 ? 1167 TYR   A C   1 
ATOM   750  O  O   . TYR   A 1 103 ? -0.797  -11.987 12.844  1.00 40.75 ? 1167 TYR   A O   1 
ATOM   751  C  CB  . TYR   A 1 103 ? -0.891  -8.870  12.118  1.00 41.03 ? 1167 TYR   A CB  1 
ATOM   752  C  CG  . TYR   A 1 103 ? -2.022  -9.204  13.053  1.00 41.28 ? 1167 TYR   A CG  1 
ATOM   753  C  CD1 . TYR   A 1 103 ? -1.846  -9.103  14.424  1.00 42.00 ? 1167 TYR   A CD1 1 
ATOM   754  C  CD2 . TYR   A 1 103 ? -3.215  -9.729  12.588  1.00 41.01 ? 1167 TYR   A CD2 1 
ATOM   755  C  CE1 . TYR   A 1 103 ? -2.848  -9.457  15.310  1.00 41.70 ? 1167 TYR   A CE1 1 
ATOM   756  C  CE2 . TYR   A 1 103 ? -4.228  -10.094 13.462  1.00 41.37 ? 1167 TYR   A CE2 1 
ATOM   757  C  CZ  . TYR   A 1 103 ? -4.042  -9.955  14.826  1.00 41.41 ? 1167 TYR   A CZ  1 
ATOM   758  O  OH  . TYR   A 1 103 ? -5.026  -10.304 15.699  1.00 42.40 ? 1167 TYR   A OH  1 
ATOM   759  N  N   . ASN   A 1 104 ? -0.624  -11.623 10.611  1.00 40.94 ? 1168 ASN   A N   1 
ATOM   760  C  CA  . ASN   A 1 104 ? -1.370  -12.841 10.189  1.00 41.96 ? 1168 ASN   A CA  1 
ATOM   761  C  C   . ASN   A 1 104 ? -0.399  -14.021 10.079  1.00 44.14 ? 1168 ASN   A C   1 
ATOM   762  O  O   . ASN   A 1 104 ? 0.807   -13.782 9.856   1.00 46.04 ? 1168 ASN   A O   1 
ATOM   763  C  CB  . ASN   A 1 104 ? -2.134  -12.607 8.885   1.00 40.90 ? 1168 ASN   A CB  1 
ATOM   764  C  CG  . ASN   A 1 104 ? -3.038  -11.395 8.953   1.00 39.26 ? 1168 ASN   A CG  1 
ATOM   765  O  OD1 . ASN   A 1 104 ? -4.203  -11.507 9.315   1.00 39.65 ? 1168 ASN   A OD1 1 
ATOM   766  N  ND2 . ASN   A 1 104 ? -2.505  -10.231 8.627   1.00 38.29 ? 1168 ASN   A ND2 1 
ATOM   767  N  N   . ARG   A 1 105 ? -0.910  -15.245 10.243  1.00 47.23 ? 1169 ARG   A N   1 
ATOM   768  C  CA  . ARG   A 1 105 ? -0.134  -16.504 10.084  1.00 48.68 ? 1169 ARG   A CA  1 
ATOM   769  C  C   . ARG   A 1 105 ? 0.049   -16.775 8.590   1.00 48.56 ? 1169 ARG   A C   1 
ATOM   770  O  O   . ARG   A 1 105 ? -0.829  -16.361 7.811   1.00 46.31 ? 1169 ARG   A O   1 
ATOM   771  C  CB  . ARG   A 1 105 ? -0.834  -17.694 10.746  1.00 51.36 ? 1169 ARG   A CB  1 
ATOM   772  C  CG  . ARG   A 1 105 ? -1.262  -17.465 12.189  1.00 54.38 ? 1169 ARG   A CG  1 
ATOM   773  C  CD  . ARG   A 1 105 ? -1.449  -18.781 12.926  1.00 57.63 ? 1169 ARG   A CD  1 
ATOM   774  N  NE  . ARG   A 1 105 ? -2.703  -18.872 13.666  1.00 59.29 ? 1169 ARG   A NE  1 
ATOM   775  C  CZ  . ARG   A 1 105 ? -2.893  -18.492 14.930  1.00 61.66 ? 1169 ARG   A CZ  1 
ATOM   776  N  NH1 . ARG   A 1 105 ? -4.086  -18.641 15.483  1.00 62.78 ? 1169 ARG   A NH1 1 
ATOM   777  N  NH2 . ARG   A 1 105 ? -1.908  -17.964 15.639  1.00 62.12 ? 1169 ARG   A NH2 1 
ATOM   778  N  N   . LYS   A 1 106 ? 1.137   -17.462 8.223   1.00 50.41 ? 1170 LYS   A N   1 
ATOM   779  C  CA  . LYS   A 1 106 ? 1.530   -17.747 6.816   1.00 50.37 ? 1170 LYS   A CA  1 
ATOM   780  C  C   . LYS   A 1 106 ? 0.452   -18.581 6.107   1.00 49.51 ? 1170 LYS   A C   1 
ATOM   781  O  O   . LYS   A 1 106 ? 0.345   -18.462 4.865   1.00 50.57 ? 1170 LYS   A O   1 
ATOM   782  C  CB  . LYS   A 1 106 ? 2.886   -18.457 6.774   1.00 52.21 ? 1170 LYS   A CB  1 
ATOM   783  C  CG  . LYS   A 1 106 ? 4.073   -17.595 7.186   1.00 55.47 ? 1170 LYS   A CG  1 
ATOM   784  C  CD  . LYS   A 1 106 ? 5.383   -17.990 6.521   1.00 58.00 ? 1170 LYS   A CD  1 
ATOM   785  C  CE  . LYS   A 1 106 ? 6.274   -18.854 7.389   1.00 58.05 ? 1170 LYS   A CE  1 
ATOM   786  N  NZ  . LYS   A 1 106 ? 7.166   -18.028 8.236   1.00 59.70 ? 1170 LYS   A NZ  1 
ATOM   787  N  N   . THR   A 1 107 ? -0.315  -19.384 6.851   1.00 46.17 ? 1171 THR   A N   1 
ATOM   788  C  CA  . THR   A 1 107 ? -1.345  -20.313 6.306   1.00 45.13 ? 1171 THR   A CA  1 
ATOM   789  C  C   . THR   A 1 107 ? -2.650  -19.567 5.996   1.00 43.11 ? 1171 THR   A C   1 
ATOM   790  O  O   . THR   A 1 107 ? -3.428  -20.088 5.174   1.00 45.08 ? 1171 THR   A O   1 
ATOM   791  C  CB  . THR   A 1 107 ? -1.605  -21.479 7.269   1.00 44.96 ? 1171 THR   A CB  1 
ATOM   792  O  OG1 . THR   A 1 107 ? -2.119  -20.945 8.490   1.00 45.21 ? 1171 THR   A OG1 1 
ATOM   793  C  CG2 . THR   A 1 107 ? -0.365  -22.299 7.551   1.00 44.61 ? 1171 THR   A CG2 1 
ATOM   794  N  N   . SER   A 1 108 ? -2.887  -18.413 6.633   1.00 40.12 ? 1172 SER   A N   1 
ATOM   795  C  CA  . SER   A 1 108 ? -4.150  -17.629 6.541   1.00 37.61 ? 1172 SER   A CA  1 
ATOM   796  C  C   . SER   A 1 108 ? -4.345  -17.120 5.110   1.00 37.44 ? 1172 SER   A C   1 
ATOM   797  O  O   . SER   A 1 108 ? -3.333  -16.858 4.431   1.00 37.41 ? 1172 SER   A O   1 
ATOM   798  C  CB  . SER   A 1 108 ? -4.157  -16.485 7.520   1.00 36.07 ? 1172 SER   A CB  1 
ATOM   799  O  OG  . SER   A 1 108 ? -3.385  -15.401 7.028   1.00 35.34 ? 1172 SER   A OG  1 
ATOM   800  N  N   . ARG   A 1 109 ? -5.599  -16.959 4.685   1.00 37.56 ? 1173 ARG   A N   1 
ATOM   801  C  CA  . ARG   A 1 109 ? -5.945  -16.427 3.340   1.00 38.53 ? 1173 ARG   A CA  1 
ATOM   802  C  C   . ARG   A 1 109 ? -5.431  -14.983 3.223   1.00 37.15 ? 1173 ARG   A C   1 
ATOM   803  O  O   . ARG   A 1 109 ? -4.999  -14.609 2.117   1.00 36.31 ? 1173 ARG   A O   1 
ATOM   804  C  CB  . ARG   A 1 109 ? -7.452  -16.536 3.076   1.00 39.53 ? 1173 ARG   A CB  1 
ATOM   805  C  CG  . ARG   A 1 109 ? -7.816  -16.415 1.601   1.00 41.01 ? 1173 ARG   A CG  1 
ATOM   806  C  CD  . ARG   A 1 109 ? -9.170  -16.990 1.221   1.00 41.25 ? 1173 ARG   A CD  1 
ATOM   807  N  NE  . ARG   A 1 109 ? -10.285 -16.129 1.608   1.00 40.78 ? 1173 ARG   A NE  1 
ATOM   808  C  CZ  . ARG   A 1 109 ? -11.249 -15.685 0.799   1.00 40.88 ? 1173 ARG   A CZ  1 
ATOM   809  N  NH1 . ARG   A 1 109 ? -12.205 -14.915 1.292   1.00 40.57 ? 1173 ARG   A NH1 1 
ATOM   810  N  NH2 . ARG   A 1 109 ? -11.273 -16.009 -0.485  1.00 41.27 ? 1173 ARG   A NH2 1 
ATOM   811  N  N   . VAL   A 1 110 ? -5.439  -14.220 4.322   1.00 36.68 ? 1174 VAL   A N   1 
ATOM   812  C  CA  . VAL   A 1 110 ? -5.075  -12.769 4.347   1.00 37.22 ? 1174 VAL   A CA  1 
ATOM   813  C  C   . VAL   A 1 110 ? -3.585  -12.595 4.011   1.00 37.13 ? 1174 VAL   A C   1 
ATOM   814  O  O   . VAL   A 1 110 ? -3.266  -11.688 3.217   1.00 36.10 ? 1174 VAL   A O   1 
ATOM   815  C  CB  . VAL   A 1 110 ? -5.423  -12.122 5.701   1.00 37.64 ? 1174 VAL   A CB  1 
ATOM   816  C  CG1 . VAL   A 1 110 ? -4.888  -10.700 5.801   1.00 38.16 ? 1174 VAL   A CG1 1 
ATOM   817  C  CG2 . VAL   A 1 110 ? -6.921  -12.152 5.972   1.00 38.13 ? 1174 VAL   A CG2 1 
ATOM   818  N  N   . TYR   A 1 111 ? -2.708  -13.408 4.613   1.00 36.45 ? 1175 TYR   A N   1 
ATOM   819  C  CA  . TYR   A 1 111 ? -1.239  -13.409 4.371   1.00 36.14 ? 1175 TYR   A CA  1 
ATOM   820  C  C   . TYR   A 1 111 ? -0.971  -13.683 2.885   1.00 36.69 ? 1175 TYR   A C   1 
ATOM   821  O  O   . TYR   A 1 111 ? -0.147  -12.977 2.277   1.00 36.40 ? 1175 TYR   A O   1 
ATOM   822  C  CB  . TYR   A 1 111 ? -0.557  -14.445 5.268   1.00 35.55 ? 1175 TYR   A CB  1 
ATOM   823  C  CG  . TYR   A 1 111 ? 0.954   -14.437 5.270   1.00 34.17 ? 1175 TYR   A CG  1 
ATOM   824  C  CD1 . TYR   A 1 111 ? 1.678   -15.048 4.259   1.00 33.94 ? 1175 TYR   A CD1 1 
ATOM   825  C  CD2 . TYR   A 1 111 ? 1.664   -13.875 6.319   1.00 34.13 ? 1175 TYR   A CD2 1 
ATOM   826  C  CE1 . TYR   A 1 111 ? 3.064   -15.064 4.267   1.00 33.85 ? 1175 TYR   A CE1 1 
ATOM   827  C  CE2 . TYR   A 1 111 ? 3.049   -13.886 6.347   1.00 33.93 ? 1175 TYR   A CE2 1 
ATOM   828  C  CZ  . TYR   A 1 111 ? 3.754   -14.480 5.314   1.00 34.38 ? 1175 TYR   A CZ  1 
ATOM   829  O  OH  . TYR   A 1 111 ? 5.118   -14.498 5.332   1.00 35.17 ? 1175 TYR   A OH  1 
ATOM   830  N  N   . LYS   A 1 112 ? -1.652  -14.683 2.320   1.00 37.43 ? 1176 LYS   A N   1 
ATOM   831  C  CA  . LYS   A 1 112 ? -1.464  -15.144 0.917   1.00 37.76 ? 1176 LYS   A CA  1 
ATOM   832  C  C   . LYS   A 1 112 ? -1.993  -14.075 -0.044  1.00 37.33 ? 1176 LYS   A C   1 
ATOM   833  O  O   . LYS   A 1 112 ? -1.354  -13.864 -1.090  1.00 41.54 ? 1176 LYS   A O   1 
ATOM   834  C  CB  . LYS   A 1 112 ? -2.151  -16.495 0.710   1.00 38.54 ? 1176 LYS   A CB  1 
ATOM   835  C  CG  . LYS   A 1 112 ? -1.560  -17.619 1.547   1.00 40.17 ? 1176 LYS   A CG  1 
ATOM   836  C  CD  . LYS   A 1 112 ? -2.253  -18.949 1.389   1.00 42.00 ? 1176 LYS   A CD  1 
ATOM   837  C  CE  . LYS   A 1 112 ? -1.488  -20.069 2.063   1.00 43.94 ? 1176 LYS   A CE  1 
ATOM   838  N  NZ  . LYS   A 1 112 ? -2.185  -21.369 1.929   1.00 45.63 ? 1176 LYS   A NZ  1 
ATOM   839  N  N   . PHE   A 1 113 ? -3.116  -13.442 0.301   1.00 34.69 ? 1177 PHE   A N   1 
ATOM   840  C  CA  . PHE   A 1 113 ? -3.680  -12.261 -0.405  1.00 33.57 ? 1177 PHE   A CA  1 
ATOM   841  C  C   . PHE   A 1 113 ? -2.647  -11.122 -0.387  1.00 33.03 ? 1177 PHE   A C   1 
ATOM   842  O  O   . PHE   A 1 113 ? -2.423  -10.499 -1.446  1.00 33.16 ? 1177 PHE   A O   1 
ATOM   843  C  CB  . PHE   A 1 113 ? -5.013  -11.856 0.234   1.00 32.83 ? 1177 PHE   A CB  1 
ATOM   844  C  CG  . PHE   A 1 113 ? -6.218  -12.661 -0.186  1.00 32.23 ? 1177 PHE   A CG  1 
ATOM   845  C  CD1 . PHE   A 1 113 ? -6.090  -13.841 -0.908  1.00 31.93 ? 1177 PHE   A CD1 1 
ATOM   846  C  CD2 . PHE   A 1 113 ? -7.495  -12.242 0.164   1.00 32.92 ? 1177 PHE   A CD2 1 
ATOM   847  C  CE1 . PHE   A 1 113 ? -7.210  -14.564 -1.290  1.00 32.04 ? 1177 PHE   A CE1 1 
ATOM   848  C  CE2 . PHE   A 1 113 ? -8.614  -12.969 -0.215  1.00 32.87 ? 1177 PHE   A CE2 1 
ATOM   849  C  CZ  . PHE   A 1 113 ? -8.468  -14.128 -0.942  1.00 33.04 ? 1177 PHE   A CZ  1 
ATOM   850  N  N   . CYS   A 1 114 ? -2.035  -10.864 0.777   1.00 32.45 ? 1178 CYS   A N   1 
ATOM   851  C  CA  . CYS   A 1 114 ? -0.945  -9.866  0.982   1.00 31.87 ? 1178 CYS   A CA  1 
ATOM   852  C  C   . CYS   A 1 114 ? 0.203   -10.144 0.003   1.00 30.80 ? 1178 CYS   A C   1 
ATOM   853  O  O   . CYS   A 1 114 ? 0.653   -9.196  -0.654  1.00 29.40 ? 1178 CYS   A O   1 
ATOM   854  C  CB  . CYS   A 1 114 ? -0.421  -9.895  2.416   1.00 31.48 ? 1178 CYS   A CB  1 
ATOM   855  S  SG  . CYS   A 1 114 ? 0.764   -8.573  2.788   1.00 30.84 ? 1178 CYS   A SG  1 
ATOM   856  N  N   . SER   A 1 115 ? 0.629   -11.406 -0.097  1.00 31.62 ? 1179 SER   A N   1 
ATOM   857  C  CA  . SER   A 1 115 ? 1.754   -11.881 -0.947  1.00 32.53 ? 1179 SER   A CA  1 
ATOM   858  C  C   . SER   A 1 115 ? 1.457   -11.623 -2.427  1.00 33.78 ? 1179 SER   A C   1 
ATOM   859  O  O   . SER   A 1 115 ? 2.364   -11.143 -3.135  1.00 33.78 ? 1179 SER   A O   1 
ATOM   860  C  CB  . SER   A 1 115 ? 2.039   -13.338 -0.703  1.00 32.52 ? 1179 SER   A CB  1 
ATOM   861  O  OG  . SER   A 1 115 ? 2.447   -13.555 0.641   1.00 31.97 ? 1179 SER   A OG  1 
ATOM   862  N  N   . LYS   A 1 116 ? 0.239   -11.931 -2.878  1.00 35.13 ? 1180 LYS   A N   1 
ATOM   863  C  CA  . LYS   A 1 116 ? -0.167  -11.722 -4.291  1.00 36.65 ? 1180 LYS   A CA  1 
ATOM   864  C  C   . LYS   A 1 116 ? -0.098  -10.222 -4.598  1.00 36.39 ? 1180 LYS   A C   1 
ATOM   865  O  O   . LYS   A 1 116 ? 0.490   -9.864  -5.633  1.00 36.43 ? 1180 LYS   A O   1 
ATOM   866  C  CB  . LYS   A 1 116 ? -1.558  -12.304 -4.574  1.00 38.16 ? 1180 LYS   A CB  1 
ATOM   867  C  CG  . LYS   A 1 116 ? -1.755  -12.822 -5.997  1.00 40.18 ? 1180 LYS   A CG  1 
ATOM   868  C  CD  . LYS   A 1 116 ? -1.917  -11.736 -7.051  1.00 41.43 ? 1180 LYS   A CD  1 
ATOM   869  C  CE  . LYS   A 1 116 ? -1.934  -12.270 -8.470  1.00 42.29 ? 1180 LYS   A CE  1 
ATOM   870  N  NZ  . LYS   A 1 116 ? -0.568  -12.368 -9.042  1.00 42.40 ? 1180 LYS   A NZ  1 
ATOM   871  N  N   . LEU   A 1 117 ? -0.657  -9.381  -3.722  1.00 36.14 ? 1181 LEU   A N   1 
ATOM   872  C  CA  . LEU   A 1 117 ? -0.674  -7.904  -3.905  1.00 36.25 ? 1181 LEU   A CA  1 
ATOM   873  C  C   . LEU   A 1 117 ? 0.763   -7.378  -3.983  1.00 35.16 ? 1181 LEU   A C   1 
ATOM   874  O  O   . LEU   A 1 117 ? 1.027   -6.535  -4.864  1.00 35.62 ? 1181 LEU   A O   1 
ATOM   875  C  CB  . LEU   A 1 117 ? -1.441  -7.247  -2.753  1.00 36.66 ? 1181 LEU   A CB  1 
ATOM   876  C  CG  . LEU   A 1 117 ? -2.952  -7.477  -2.754  1.00 37.35 ? 1181 LEU   A CG  1 
ATOM   877  C  CD1 . LEU   A 1 117 ? -3.597  -6.772  -1.575  1.00 37.84 ? 1181 LEU   A CD1 1 
ATOM   878  C  CD2 . LEU   A 1 117 ? -3.585  -7.014  -4.059  1.00 37.08 ? 1181 LEU   A CD2 1 
ATOM   879  N  N   . ALA   A 1 118 ? 1.649   -7.876  -3.116  1.00 34.63 ? 1182 ALA   A N   1 
ATOM   880  C  CA  . ALA   A 1 118 ? 3.061   -7.442  -2.992  1.00 35.02 ? 1182 ALA   A CA  1 
ATOM   881  C  C   . ALA   A 1 118 ? 3.824   -7.767  -4.279  1.00 35.77 ? 1182 ALA   A C   1 
ATOM   882  O  O   . ALA   A 1 118 ? 4.590   -6.899  -4.724  1.00 35.21 ? 1182 ALA   A O   1 
ATOM   883  C  CB  . ALA   A 1 118 ? 3.701   -8.088  -1.788  1.00 34.36 ? 1182 ALA   A CB  1 
ATOM   884  N  N   . GLU   A 1 119 ? 3.624   -8.970  -4.837  1.00 38.96 ? 1183 GLU   A N   1 
ATOM   885  C  CA  . GLU   A 1 119 ? 4.149   -9.396  -6.169  1.00 41.75 ? 1183 GLU   A CA  1 
ATOM   886  C  C   . GLU   A 1 119 ? 3.717   -8.388  -7.238  1.00 41.53 ? 1183 GLU   A C   1 
ATOM   887  O  O   . GLU   A 1 119 ? 4.595   -7.860  -7.953  1.00 42.33 ? 1183 GLU   A O   1 
ATOM   888  C  CB  . GLU   A 1 119 ? 3.599   -10.762 -6.598  1.00 44.68 ? 1183 GLU   A CB  1 
ATOM   889  C  CG  . GLU   A 1 119 ? 4.168   -11.954 -5.848  1.00 47.79 ? 1183 GLU   A CG  1 
ATOM   890  C  CD  . GLU   A 1 119 ? 3.539   -13.281 -6.247  1.00 51.42 ? 1183 GLU   A CD  1 
ATOM   891  O  OE1 . GLU   A 1 119 ? 2.997   -13.365 -7.375  1.00 52.66 ? 1183 GLU   A OE1 1 
ATOM   892  O  OE2 . GLU   A 1 119 ? 3.584   -14.227 -5.428  1.00 54.75 ? 1183 GLU   A OE2 1 
ATOM   893  N  N   . VAL   A 1 120 ? 2.402   -8.168  -7.353  1.00 41.76 ? 1184 VAL   A N   1 
ATOM   894  C  CA  . VAL   A 1 120 ? 1.765   -7.293  -8.381  1.00 42.00 ? 1184 VAL   A CA  1 
ATOM   895  C  C   . VAL   A 1 120 ? 2.332   -5.878  -8.234  1.00 42.48 ? 1184 VAL   A C   1 
ATOM   896  O  O   . VAL   A 1 120 ? 2.540   -5.231  -9.274  1.00 43.64 ? 1184 VAL   A O   1 
ATOM   897  C  CB  . VAL   A 1 120 ? 0.227   -7.315  -8.280  1.00 41.90 ? 1184 VAL   A CB  1 
ATOM   898  C  CG1 . VAL   A 1 120 ? -0.415  -6.092  -8.920  1.00 42.00 ? 1184 VAL   A CG1 1 
ATOM   899  C  CG2 . VAL   A 1 120 ? -0.351  -8.588  -8.881  1.00 42.01 ? 1184 VAL   A CG2 1 
ATOM   900  N  N   . PHE   A 1 121 ? 2.581   -5.421  -7.004  1.00 42.70 ? 1185 PHE   A N   1 
ATOM   901  C  CA  . PHE   A 1 121 ? 3.186   -4.090  -6.736  1.00 42.69 ? 1185 PHE   A CA  1 
ATOM   902  C  C   . PHE   A 1 121 ? 4.664   -4.120  -7.138  1.00 44.39 ? 1185 PHE   A C   1 
ATOM   903  O  O   . PHE   A 1 121 ? 5.090   -3.219  -7.884  1.00 46.98 ? 1185 PHE   A O   1 
ATOM   904  C  CB  . PHE   A 1 121 ? 3.005   -3.660  -5.279  1.00 41.49 ? 1185 PHE   A CB  1 
ATOM   905  C  CG  . PHE   A 1 121 ? 3.476   -2.253  -5.012  1.00 41.00 ? 1185 PHE   A CG  1 
ATOM   906  C  CD1 . PHE   A 1 121 ? 2.903   -1.178  -5.675  1.00 40.94 ? 1185 PHE   A CD1 1 
ATOM   907  C  CD2 . PHE   A 1 121 ? 4.506   -1.999  -4.116  1.00 40.13 ? 1185 PHE   A CD2 1 
ATOM   908  C  CE1 . PHE   A 1 121 ? 3.339   0.118   -5.444  1.00 40.36 ? 1185 PHE   A CE1 1 
ATOM   909  C  CE2 . PHE   A 1 121 ? 4.938   -0.703  -3.884  1.00 40.22 ? 1185 PHE   A CE2 1 
ATOM   910  C  CZ  . PHE   A 1 121 ? 4.353   0.354   -4.545  1.00 39.83 ? 1185 PHE   A CZ  1 
ATOM   911  N  N   . GLU   A 1 122 ? 5.413   -5.132  -6.690  1.00 45.91 ? 1186 GLU   A N   1 
ATOM   912  C  CA  . GLU   A 1 122 ? 6.870   -5.265  -6.976  1.00 49.04 ? 1186 GLU   A CA  1 
ATOM   913  C  C   . GLU   A 1 122 ? 7.116   -5.211  -8.491  1.00 48.35 ? 1186 GLU   A C   1 
ATOM   914  O  O   . GLU   A 1 122 ? 8.152   -4.647  -8.882  1.00 48.80 ? 1186 GLU   A O   1 
ATOM   915  C  CB  . GLU   A 1 122 ? 7.474   -6.538  -6.367  1.00 51.21 ? 1186 GLU   A CB  1 
ATOM   916  C  CG  . GLU   A 1 122 ? 8.537   -6.247  -5.312  1.00 54.48 ? 1186 GLU   A CG  1 
ATOM   917  C  CD  . GLU   A 1 122 ? 9.348   -7.435  -4.810  1.00 56.53 ? 1186 GLU   A CD  1 
ATOM   918  O  OE1 . GLU   A 1 122 ? 8.821   -8.569  -4.832  1.00 55.92 ? 1186 GLU   A OE1 1 
ATOM   919  O  OE2 . GLU   A 1 122 ? 10.513  -7.219  -4.390  1.00 56.23 ? 1186 GLU   A OE2 1 
ATOM   920  N  N   . GLN   A 1 123 ? 6.198   -5.743  -9.303  1.00 49.33 ? 1187 GLN   A N   1 
ATOM   921  C  CA  . GLN   A 1 123 ? 6.398   -5.936  -10.767 1.00 50.97 ? 1187 GLN   A CA  1 
ATOM   922  C  C   . GLN   A 1 123 ? 5.852   -4.749  -11.575 1.00 49.01 ? 1187 GLN   A C   1 
ATOM   923  O  O   . GLN   A 1 123 ? 5.756   -4.900  -12.806 1.00 49.82 ? 1187 GLN   A O   1 
ATOM   924  C  CB  . GLN   A 1 123 ? 5.740   -7.241  -11.228 1.00 55.49 ? 1187 GLN   A CB  1 
ATOM   925  C  CG  . GLN   A 1 123 ? 4.218   -7.181  -11.319 1.00 58.56 ? 1187 GLN   A CG  1 
ATOM   926  C  CD  . GLN   A 1 123 ? 3.603   -8.483  -11.771 1.00 61.28 ? 1187 GLN   A CD  1 
ATOM   927  O  OE1 . GLN   A 1 123 ? 2.774   -8.513  -12.678 1.00 63.52 ? 1187 GLN   A OE1 1 
ATOM   928  N  NE2 . GLN   A 1 123 ? 4.001   -9.575  -11.134 1.00 61.07 ? 1187 GLN   A NE2 1 
ATOM   929  N  N   . GLU   A 1 124 ? 5.498   -3.625  -10.943 1.00 48.09 ? 1188 GLU   A N   1 
ATOM   930  C  CA  . GLU   A 1 124 ? 4.980   -2.427  -11.665 1.00 48.54 ? 1188 GLU   A CA  1 
ATOM   931  C  C   . GLU   A 1 124 ? 5.613   -1.123  -11.146 1.00 47.68 ? 1188 GLU   A C   1 
ATOM   932  O  O   . GLU   A 1 124 ? 5.640   -0.149  -11.928 1.00 47.43 ? 1188 GLU   A O   1 
ATOM   933  C  CB  . GLU   A 1 124 ? 3.453   -2.369  -11.585 1.00 49.05 ? 1188 GLU   A CB  1 
ATOM   934  C  CG  . GLU   A 1 124 ? 2.911   -1.972  -10.221 1.00 50.98 ? 1188 GLU   A CG  1 
ATOM   935  C  CD  . GLU   A 1 124 ? 1.444   -1.579  -10.210 1.00 50.92 ? 1188 GLU   A CD  1 
ATOM   936  O  OE1 . GLU   A 1 124 ? 0.872   -1.385  -11.307 1.00 52.45 ? 1188 GLU   A OE1 1 
ATOM   937  O  OE2 . GLU   A 1 124 ? 0.877   -1.460  -9.105  1.00 49.20 ? 1188 GLU   A OE2 1 
ATOM   938  N  N   . ILE   A 1 125 ? 6.091   -1.084  -9.897  1.00 45.63 ? 1189 ILE   A N   1 
ATOM   939  C  CA  . ILE   A 1 125 ? 6.569   0.170   -9.239  1.00 45.33 ? 1189 ILE   A CA  1 
ATOM   940  C  C   . ILE   A 1 125 ? 7.935   0.579   -9.814  1.00 45.10 ? 1189 ILE   A C   1 
ATOM   941  O  O   . ILE   A 1 125 ? 8.129   1.787   -10.032 1.00 45.09 ? 1189 ILE   A O   1 
ATOM   942  C  CB  . ILE   A 1 125 ? 6.595   0.038   -7.700  1.00 43.62 ? 1189 ILE   A CB  1 
ATOM   943  C  CG1 . ILE   A 1 125 ? 6.737   1.405   -7.026  1.00 43.29 ? 1189 ILE   A CG1 1 
ATOM   944  C  CG2 . ILE   A 1 125 ? 7.676   -0.926  -7.230  1.00 43.66 ? 1189 ILE   A CG2 1 
ATOM   945  C  CD1 . ILE   A 1 125 ? 5.757   2.446   -7.521  1.00 42.75 ? 1189 ILE   A CD1 1 
ATOM   946  N  N   . ASP   A 1 126 ? 8.836   -0.378  -10.049 1.00 45.98 ? 1190 ASP   A N   1 
ATOM   947  C  CA  . ASP   A 1 126 ? 10.221  -0.118  -10.533 1.00 48.31 ? 1190 ASP   A CA  1 
ATOM   948  C  C   . ASP   A 1 126 ? 10.171  0.761   -11.787 1.00 44.55 ? 1190 ASP   A C   1 
ATOM   949  O  O   . ASP   A 1 126 ? 10.721  1.860   -11.777 1.00 42.38 ? 1190 ASP   A O   1 
ATOM   950  C  CB  . ASP   A 1 126 ? 11.003  -1.423  -10.724 1.00 53.57 ? 1190 ASP   A CB  1 
ATOM   951  C  CG  . ASP   A 1 126 ? 12.222  -1.290  -11.624 1.00 59.25 ? 1190 ASP   A CG  1 
ATOM   952  O  OD1 . ASP   A 1 126 ? 13.012  -0.338  -11.409 1.00 63.03 ? 1190 ASP   A OD1 1 
ATOM   953  O  OD2 . ASP   A 1 126 ? 12.371  -2.134  -12.534 1.00 63.77 ? 1190 ASP   A OD2 1 
ATOM   954  N  N   . PRO   A 1 127 ? 9.529   0.328   -12.900 1.00 42.39 ? 1191 PRO   A N   1 
ATOM   955  C  CA  . PRO   A 1 127 ? 9.391   1.182   -14.082 1.00 41.21 ? 1191 PRO   A CA  1 
ATOM   956  C  C   . PRO   A 1 127 ? 8.850   2.586   -13.769 1.00 40.31 ? 1191 PRO   A C   1 
ATOM   957  O  O   . PRO   A 1 127 ? 9.429   3.539   -14.246 1.00 41.19 ? 1191 PRO   A O   1 
ATOM   958  C  CB  . PRO   A 1 127 ? 8.406   0.409   -14.972 1.00 40.86 ? 1191 PRO   A CB  1 
ATOM   959  C  CG  . PRO   A 1 127 ? 8.634   -1.038  -14.595 1.00 40.74 ? 1191 PRO   A CG  1 
ATOM   960  C  CD  . PRO   A 1 127 ? 8.942   -1.007  -13.112 1.00 41.44 ? 1191 PRO   A CD  1 
ATOM   961  N  N   . VAL   A 1 128 ? 7.779   2.681   -12.973 1.00 39.06 ? 1192 VAL   A N   1 
ATOM   962  C  CA  . VAL   A 1 128 ? 7.102   3.970   -12.630 1.00 38.68 ? 1192 VAL   A CA  1 
ATOM   963  C  C   . VAL   A 1 128 ? 8.105   4.900   -11.934 1.00 38.29 ? 1192 VAL   A C   1 
ATOM   964  O  O   . VAL   A 1 128 ? 8.111   6.096   -12.266 1.00 37.20 ? 1192 VAL   A O   1 
ATOM   965  C  CB  . VAL   A 1 128 ? 5.833   3.754   -11.781 1.00 38.64 ? 1192 VAL   A CB  1 
ATOM   966  C  CG1 . VAL   A 1 128 ? 5.308   5.057   -11.187 1.00 38.70 ? 1192 VAL   A CG1 1 
ATOM   967  C  CG2 . VAL   A 1 128 ? 4.741   3.066   -12.582 1.00 38.09 ? 1192 VAL   A CG2 1 
ATOM   968  N  N   . MET   A 1 129 ? 8.921   4.375   -11.014 1.00 40.78 ? 1193 MET   A N   1 
ATOM   969  C  CA  . MET   A 1 129 ? 9.982   5.150   -10.312 1.00 43.26 ? 1193 MET   A CA  1 
ATOM   970  C  C   . MET   A 1 129 ? 10.980  5.689   -11.344 1.00 42.22 ? 1193 MET   A C   1 
ATOM   971  O  O   . MET   A 1 129 ? 11.343  6.876   -11.250 1.00 42.26 ? 1193 MET   A O   1 
ATOM   972  C  CB  . MET   A 1 129 ? 10.728  4.300   -9.278  1.00 45.30 ? 1193 MET   A CB  1 
ATOM   973  C  CG  . MET   A 1 129 ? 9.869   3.881   -8.095  1.00 47.63 ? 1193 MET   A CG  1 
ATOM   974  S  SD  . MET   A 1 129 ? 9.038   5.266   -7.265  1.00 52.22 ? 1193 MET   A SD  1 
ATOM   975  C  CE  . MET   A 1 129 ? 10.323  5.813   -6.141  1.00 50.72 ? 1193 MET   A CE  1 
ATOM   976  N  N   . GLN   A 1 130 ? 11.369  4.856   -12.311 1.00 41.94 ? 1194 GLN   A N   1 
ATOM   977  C  CA  . GLN   A 1 130 ? 12.346  5.206   -13.376 1.00 42.80 ? 1194 GLN   A CA  1 
ATOM   978  C  C   . GLN   A 1 130 ? 11.840  6.405   -14.190 1.00 41.78 ? 1194 GLN   A C   1 
ATOM   979  O  O   . GLN   A 1 130 ? 12.683  7.176   -14.676 1.00 42.51 ? 1194 GLN   A O   1 
ATOM   980  C  CB  . GLN   A 1 130 ? 12.616  3.986   -14.261 1.00 44.59 ? 1194 GLN   A CB  1 
ATOM   981  C  CG  . GLN   A 1 130 ? 13.463  2.928   -13.572 1.00 46.66 ? 1194 GLN   A CG  1 
ATOM   982  C  CD  . GLN   A 1 130 ? 14.911  3.344   -13.496 1.00 51.20 ? 1194 GLN   A CD  1 
ATOM   983  O  OE1 . GLN   A 1 130 ? 15.382  3.840   -12.473 1.00 55.88 ? 1194 GLN   A OE1 1 
ATOM   984  N  NE2 . GLN   A 1 130 ? 15.623  3.164   -14.598 1.00 52.46 ? 1194 GLN   A NE2 1 
ATOM   985  N  N   . SER   A 1 131 ? 10.520  6.570   -14.313 1.00 41.54 ? 1195 SER   A N   1 
ATOM   986  C  CA  . SER   A 1 131 ? 9.872   7.632   -15.127 1.00 40.20 ? 1195 SER   A CA  1 
ATOM   987  C  C   . SER   A 1 131 ? 9.769   8.949   -14.345 1.00 39.68 ? 1195 SER   A C   1 
ATOM   988  O  O   . SER   A 1 131 ? 9.351   9.954   -14.952 1.00 39.66 ? 1195 SER   A O   1 
ATOM   989  C  CB  . SER   A 1 131 ? 8.523   7.176   -15.612 1.00 40.48 ? 1195 SER   A CB  1 
ATOM   990  O  OG  . SER   A 1 131 ? 7.548   7.285   -14.590 1.00 41.20 ? 1195 SER   A OG  1 
ATOM   991  N  N   . LEU   A 1 132 ? 10.132  8.953   -13.057 1.00 39.58 ? 1196 LEU   A N   1 
ATOM   992  C  CA  . LEU   A 1 132 ? 10.052  10.144  -12.167 1.00 39.17 ? 1196 LEU   A CA  1 
ATOM   993  C  C   . LEU   A 1 132 ? 11.468  10.575  -11.768 1.00 39.36 ? 1196 LEU   A C   1 
ATOM   994  O  O   . LEU   A 1 132 ? 11.677  11.736  -11.414 1.00 39.89 ? 1196 LEU   A O   1 
ATOM   995  C  CB  . LEU   A 1 132 ? 9.210   9.793   -10.934 1.00 39.50 ? 1196 LEU   A CB  1 
ATOM   996  C  CG  . LEU   A 1 132 ? 7.695   9.721   -11.152 1.00 38.65 ? 1196 LEU   A CG  1 
ATOM   997  C  CD1 . LEU   A 1 132 ? 7.015   8.978   -10.010 1.00 37.54 ? 1196 LEU   A CD1 1 
ATOM   998  C  CD2 . LEU   A 1 132 ? 7.095   11.111  -11.309 1.00 37.73 ? 1196 LEU   A CD2 1 
HETATM 999  C  CBG . A1L3S B 2 .   ? -12.699 -7.776  5.443   1.00 42.66 ? 1201 A1L3S A CBG 1 
HETATM 1000 C  CBH . A1L3S B 2 .   ? -13.959 -7.246  4.873   1.00 42.30 ? 1201 A1L3S A CBH 1 
HETATM 1001 C  CBI . A1L3S B 2 .   ? -14.119 -5.855  5.502   1.00 42.29 ? 1201 A1L3S A CBI 1 
HETATM 1002 O  OBL . A1L3S B 2 .   ? -15.261 -5.177  4.942   1.00 42.89 ? 1201 A1L3S A OBL 1 
HETATM 1003 C  CBM . A1L3S B 2 .   ? -15.092 -4.834  3.555   1.00 43.80 ? 1201 A1L3S A CBM 1 
HETATM 1004 C  CBJ . A1L3S B 2 .   ? -14.315 -5.989  7.008   1.00 41.40 ? 1201 A1L3S A CBJ 1 
HETATM 1005 C  CBK . A1L3S B 2 .   ? -13.092 -6.638  7.620   1.00 41.33 ? 1201 A1L3S A CBK 1 
HETATM 1006 C  CAQ . A1L3S B 2 .   ? -12.848 -7.985  6.938   1.00 42.25 ? 1201 A1L3S A CAQ 1 
HETATM 1007 N  NAP . A1L3S B 2 .   ? -11.651 -8.743  7.467   1.00 42.65 ? 1201 A1L3S A NAP 1 
HETATM 1008 C  CAK . A1L3S B 2 .   ? -10.378 -8.319  7.604   1.00 42.12 ? 1201 A1L3S A CAK 1 
HETATM 1009 C  CAL . A1L3S B 2 .   ? -9.788  -7.139  7.345   1.00 40.86 ? 1201 A1L3S A CAL 1 
HETATM 1010 C  CAM . A1L3S B 2 .   ? -8.429  -6.937  7.585   1.00 39.93 ? 1201 A1L3S A CAM 1 
HETATM 1011 C  CAH . A1L3S B 2 .   ? -7.658  -7.979  8.088   1.00 39.71 ? 1201 A1L3S A CAH 1 
HETATM 1012 C  CAA . A1L3S B 2 .   ? -6.339  -7.807  8.336   1.00 39.29 ? 1201 A1L3S A CAA 1 
HETATM 1013 C  CAE . A1L3S B 2 .   ? -5.735  -8.101  9.493   1.00 38.44 ? 1201 A1L3S A CAE 1 
HETATM 1014 C  CAG . A1L3S B 2 .   ? -6.393  -8.695  10.743  1.00 38.41 ? 1201 A1L3S A CAG 1 
HETATM 1015 O  OAD . A1L3S B 2 .   ? -4.397  -7.789  9.413   1.00 37.78 ? 1201 A1L3S A OAD 1 
HETATM 1016 N  NAC . A1L3S B 2 .   ? -4.204  -7.273  8.109   1.00 37.86 ? 1201 A1L3S A NAC 1 
HETATM 1017 C  CAB . A1L3S B 2 .   ? -5.396  -7.300  7.511   1.00 38.10 ? 1201 A1L3S A CAB 1 
HETATM 1018 C  CAF . A1L3S B 2 .   ? -5.587  -6.811  6.074   1.00 37.03 ? 1201 A1L3S A CAF 1 
HETATM 1019 C  CAI . A1L3S B 2 .   ? -8.322  -9.189  8.337   1.00 40.90 ? 1201 A1L3S A CAI 1 
HETATM 1020 C  CAJ . A1L3S B 2 .   ? -9.640  -9.332  8.093   1.00 42.02 ? 1201 A1L3S A CAJ 1 
HETATM 1021 N  NAN . A1L3S B 2 .   ? -10.449 -10.382 8.252   1.00 42.84 ? 1201 A1L3S A NAN 1 
HETATM 1022 C  CAO . A1L3S B 2 .   ? -11.674 -10.016 7.868   1.00 45.37 ? 1201 A1L3S A CAO 1 
HETATM 1023 C  CAR . A1L3S B 2 .   ? -12.809 -10.867 7.870   1.00 49.59 ? 1201 A1L3S A CAR 1 
HETATM 1024 C  CAV . A1L3S B 2 .   ? -12.949 -11.639 9.166   1.00 52.57 ? 1201 A1L3S A CAV 1 
HETATM 1025 C  CAU . A1L3S B 2 .   ? -12.569 -13.061 8.790   1.00 55.26 ? 1201 A1L3S A CAU 1 
HETATM 1026 F  FBF . A1L3S B 2 .   ? -11.222 -13.366 9.320   1.00 60.82 ? 1201 A1L3S A FBF 1 
HETATM 1027 C  CAT . A1L3S B 2 .   ? -12.562 -13.128 7.391   1.00 53.33 ? 1201 A1L3S A CAT 1 
HETATM 1028 O  OAW . A1L3S B 2 .   ? -12.421 -14.175 6.764   1.00 55.10 ? 1201 A1L3S A OAW 1 
HETATM 1029 N  NAS . A1L3S B 2 .   ? -12.691 -11.949 6.794   1.00 50.29 ? 1201 A1L3S A NAS 1 
HETATM 1030 C  CAX . A1L3S B 2 .   ? -12.664 -11.763 5.468   1.00 47.79 ? 1201 A1L3S A CAX 1 
HETATM 1031 C  CBC . A1L3S B 2 .   ? -11.513 -12.104 4.758   1.00 47.38 ? 1201 A1L3S A CBC 1 
HETATM 1032 C  CBB . A1L3S B 2 .   ? -11.446 -11.910 3.380   1.00 46.52 ? 1201 A1L3S A CBB 1 
HETATM 1033 F  FBE . A1L3S B 2 .   ? -10.326 -12.245 2.702   1.00 45.86 ? 1201 A1L3S A FBE 1 
HETATM 1034 C  CBA . A1L3S B 2 .   ? -12.530 -11.366 2.704   1.00 46.28 ? 1201 A1L3S A CBA 1 
HETATM 1035 F  FBD . A1L3S B 2 .   ? -12.453 -11.177 1.375   1.00 46.90 ? 1201 A1L3S A FBD 1 
HETATM 1036 C  CAZ . A1L3S B 2 .   ? -13.681 -11.016 3.405   1.00 46.57 ? 1201 A1L3S A CAZ 1 
HETATM 1037 C  CAY . A1L3S B 2 .   ? -13.750 -11.217 4.785   1.00 47.53 ? 1201 A1L3S A CAY 1 
HETATM 1038 CL CL  . CL    C 3 .   ? -4.254  -20.677 17.637  1.00 51.32 ? 1202 CL    A CL  1 
# 
